data_7TMB
#
_entry.id   7TMB
#
_cell.length_a   131.307
_cell.length_b   223.870
_cell.length_c   223.371
_cell.angle_alpha   90.000
_cell.angle_beta   90.000
_cell.angle_gamma   90.000
#
_symmetry.space_group_name_H-M   'C 2 2 21'
#
loop_
_entity.id
_entity.type
_entity.pdbx_description
1 polymer 'N-ethylmaleimide reductase'
2 non-polymer 'SODIUM ION'
3 non-polymer 'FLAVIN MONONUCLEOTIDE'
4 non-polymer 'TETRAETHYLENE GLYCOL'
5 non-polymer 'CITRATE ANION'
6 water water
#
_entity_poly.entity_id   1
_entity_poly.type   'polypeptide(L)'
_entity_poly.pdbx_seq_one_letter_code
;MAHHHHHHMSEAKLFSPLKVGAVTVPNRVFMAPLTRLRSIEPGDIPTPLMGEYYRQRASSGLIITEATQISAQAKGYAGA
PGLHSPEQIAAWQKITAGVHAENGHIAVQLWHTGRISHSSLQPGGAAPVAPSALSAGTRTSLRDENGHAIRVDTSMPRAL
ETAEIPGIVNDFRQAVGNARDAGFDLVELHSAHGYLLHQFLSPSANQRTDQYGGSVENRARLVLEVVDAVSQEWSAERIG
IRVSPIGSFQNVDNGPNEEEDALYLISELAKRGIAYLHMSEPDWAGGKPYSEAFRQKVRDRFPGVIIGAGAYTVEKANDL
INKGLIDAVAFGRDYIANPDLVARLQKKAPLNPQRPESFYGGGAEGYTDYPTL
;
_entity_poly.pdbx_strand_id   A,B,C,D,E,F
#
# COMPACT_ATOMS: atom_id res chain seq x y z
N ALA A 12 -7.19 20.16 -32.02
CA ALA A 12 -8.02 21.17 -31.38
C ALA A 12 -8.18 20.89 -29.88
N LYS A 13 -8.04 19.63 -29.48
CA LYS A 13 -8.24 19.31 -28.07
C LYS A 13 -7.14 19.90 -27.20
N LEU A 14 -5.91 20.03 -27.72
CA LEU A 14 -4.84 20.71 -27.01
C LEU A 14 -5.24 22.13 -26.61
N PHE A 15 -6.19 22.74 -27.32
CA PHE A 15 -6.63 24.10 -27.05
C PHE A 15 -8.00 24.17 -26.38
N SER A 16 -8.45 23.05 -25.79
CA SER A 16 -9.69 23.00 -25.04
C SER A 16 -9.44 23.11 -23.53
N PRO A 17 -10.42 23.60 -22.77
CA PRO A 17 -10.25 23.70 -21.31
C PRO A 17 -10.03 22.34 -20.65
N LEU A 18 -9.51 22.40 -19.42
CA LEU A 18 -9.19 21.20 -18.65
C LEU A 18 -9.33 21.57 -17.18
N LYS A 19 -10.00 20.73 -16.41
CA LYS A 19 -10.07 20.90 -14.96
C LYS A 19 -8.86 20.20 -14.36
N VAL A 20 -8.07 20.93 -13.58
CA VAL A 20 -6.82 20.44 -12.99
C VAL A 20 -6.96 20.58 -11.49
N GLY A 21 -7.43 19.53 -10.83
CA GLY A 21 -7.77 19.66 -9.43
C GLY A 21 -8.84 20.73 -9.25
N ALA A 22 -8.56 21.71 -8.40
CA ALA A 22 -9.55 22.74 -8.10
C ALA A 22 -9.68 23.79 -9.19
N VAL A 23 -8.78 23.81 -10.17
CA VAL A 23 -8.62 24.93 -11.08
C VAL A 23 -9.00 24.48 -12.48
N THR A 24 -9.72 25.34 -13.19
CA THR A 24 -10.06 25.10 -14.59
C THR A 24 -9.23 26.02 -15.46
N VAL A 25 -8.46 25.44 -16.37
CA VAL A 25 -7.55 26.20 -17.24
C VAL A 25 -8.10 26.22 -18.66
N PRO A 26 -7.77 27.22 -19.48
CA PRO A 26 -8.44 27.37 -20.78
C PRO A 26 -7.88 26.50 -21.88
N ASN A 27 -6.64 26.05 -21.77
CA ASN A 27 -6.03 25.17 -22.75
C ASN A 27 -5.01 24.28 -22.05
N ARG A 28 -4.35 23.43 -22.84
CA ARG A 28 -3.42 22.43 -22.33
C ARG A 28 -2.01 22.68 -22.82
N VAL A 29 -1.72 23.91 -23.23
CA VAL A 29 -0.39 24.32 -23.63
C VAL A 29 0.23 24.97 -22.40
N PHE A 30 0.95 24.18 -21.61
CA PHE A 30 1.45 24.61 -20.31
C PHE A 30 2.89 25.07 -20.44
N MET A 31 3.29 25.94 -19.51
CA MET A 31 4.67 26.42 -19.45
C MET A 31 5.42 25.58 -18.42
N ALA A 32 6.40 24.83 -18.88
CA ALA A 32 7.17 24.00 -18.00
C ALA A 32 8.02 24.86 -17.07
N PRO A 33 8.34 24.34 -15.89
CA PRO A 33 9.20 25.09 -14.97
C PRO A 33 10.61 25.26 -15.54
N LEU A 34 11.09 26.50 -15.54
CA LEU A 34 12.36 26.83 -16.17
C LEU A 34 13.19 27.71 -15.24
N THR A 35 14.28 27.16 -14.75
CA THR A 35 15.26 27.87 -13.93
C THR A 35 15.95 28.92 -14.78
N ARG A 36 15.87 30.18 -14.36
CA ARG A 36 16.46 31.28 -15.12
C ARG A 36 17.47 32.09 -14.32
N LEU A 37 17.48 31.97 -12.99
CA LEU A 37 18.55 32.48 -12.15
C LEU A 37 18.73 34.00 -12.26
N ARG A 38 17.60 34.71 -12.21
CA ARG A 38 17.58 36.17 -12.26
C ARG A 38 17.06 36.80 -10.98
N SER A 39 17.02 36.07 -9.86
CA SER A 39 16.50 36.63 -8.63
C SER A 39 17.55 37.50 -7.94
N ILE A 40 17.06 38.35 -7.03
CA ILE A 40 17.92 39.25 -6.26
C ILE A 40 18.61 38.47 -5.16
N GLU A 41 19.95 38.57 -5.10
CA GLU A 41 20.71 38.22 -3.90
C GLU A 41 21.28 39.49 -3.27
N PRO A 42 21.35 39.56 -1.94
CA PRO A 42 20.92 38.54 -0.99
C PRO A 42 19.40 38.50 -0.88
N GLY A 43 18.86 37.38 -0.39
CA GLY A 43 17.46 37.28 -0.07
C GLY A 43 16.66 36.45 -1.05
N ASP A 44 17.24 36.16 -2.21
CA ASP A 44 16.61 35.27 -3.20
C ASP A 44 15.20 35.73 -3.55
N ILE A 45 15.10 36.99 -3.95
CA ILE A 45 13.83 37.69 -4.08
C ILE A 45 13.43 37.73 -5.55
N PRO A 46 12.21 37.33 -5.90
CA PRO A 46 11.73 37.56 -7.26
C PRO A 46 11.64 39.05 -7.55
N THR A 47 11.64 39.39 -8.84
CA THR A 47 11.76 40.76 -9.31
C THR A 47 10.60 41.16 -10.22
N PRO A 48 10.39 42.45 -10.43
CA PRO A 48 9.37 42.85 -11.42
C PRO A 48 9.71 42.40 -12.82
N LEU A 49 11.00 42.27 -13.15
CA LEU A 49 11.36 41.71 -14.44
C LEU A 49 10.83 40.30 -14.58
N MET A 50 11.00 39.48 -13.54
CA MET A 50 10.41 38.13 -13.56
C MET A 50 8.90 38.21 -13.71
N GLY A 51 8.25 39.14 -13.01
CA GLY A 51 6.83 39.34 -13.19
C GLY A 51 6.43 39.63 -14.63
N GLU A 52 7.22 40.43 -15.34
CA GLU A 52 6.91 40.72 -16.75
C GLU A 52 7.11 39.47 -17.61
N TYR A 53 8.22 38.76 -17.40
CA TYR A 53 8.43 37.47 -18.07
C TYR A 53 7.22 36.56 -17.95
N TYR A 54 6.72 36.38 -16.72
CA TYR A 54 5.56 35.51 -16.55
C TYR A 54 4.30 36.15 -17.11
N ARG A 55 4.15 37.47 -16.96
CA ARG A 55 2.97 38.13 -17.51
C ARG A 55 2.89 37.94 -19.02
N GLN A 56 4.03 38.01 -19.71
CA GLN A 56 4.04 37.83 -21.16
C GLN A 56 3.52 36.46 -21.60
N ARG A 57 3.53 35.46 -20.71
CA ARG A 57 3.21 34.09 -21.06
C ARG A 57 1.90 33.62 -20.45
N ALA A 58 1.05 34.55 -20.01
CA ALA A 58 -0.18 34.22 -19.31
C ALA A 58 -1.31 33.74 -20.21
N SER A 59 -1.12 33.68 -21.53
CA SER A 59 -2.05 32.94 -22.36
C SER A 59 -1.85 31.43 -22.24
N SER A 60 -0.74 30.99 -21.65
CA SER A 60 -0.58 29.58 -21.31
C SER A 60 -1.72 29.12 -20.40
N GLY A 61 -2.20 27.91 -20.64
CA GLY A 61 -3.25 27.37 -19.79
C GLY A 61 -2.80 27.28 -18.33
N LEU A 62 -1.53 26.94 -18.11
CA LEU A 62 -0.97 26.91 -16.77
C LEU A 62 0.51 27.24 -16.90
N ILE A 63 0.93 28.35 -16.28
CA ILE A 63 2.34 28.62 -16.05
C ILE A 63 2.76 27.83 -14.82
N ILE A 64 3.89 27.15 -14.92
CA ILE A 64 4.53 26.51 -13.77
C ILE A 64 5.85 27.25 -13.60
N THR A 65 6.06 27.87 -12.45
CA THR A 65 7.22 28.73 -12.25
C THR A 65 8.50 27.90 -12.23
N GLU A 66 9.60 28.62 -12.42
CA GLU A 66 10.91 28.09 -12.08
C GLU A 66 10.90 27.48 -10.68
N ALA A 67 11.80 26.54 -10.46
CA ALA A 67 11.90 25.90 -9.17
C ALA A 67 12.26 26.93 -8.10
N THR A 68 11.56 26.86 -6.97
CA THR A 68 11.58 27.87 -5.92
C THR A 68 11.84 27.20 -4.57
N GLN A 69 12.81 27.75 -3.81
CA GLN A 69 13.22 27.16 -2.53
C GLN A 69 12.09 27.14 -1.50
N ILE A 70 11.95 26.01 -0.81
CA ILE A 70 11.01 25.91 0.31
C ILE A 70 11.59 26.53 1.57
N SER A 71 12.90 26.77 1.62
CA SER A 71 13.60 27.21 2.82
C SER A 71 14.95 27.70 2.36
N ALA A 72 15.68 28.34 3.27
CA ALA A 72 17.04 28.77 2.92
C ALA A 72 17.95 27.56 2.72
N GLN A 73 17.75 26.52 3.51
CA GLN A 73 18.53 25.29 3.35
C GLN A 73 18.34 24.68 1.97
N ALA A 74 17.16 24.83 1.38
CA ALA A 74 16.85 24.21 0.09
C ALA A 74 17.70 24.74 -1.05
N LYS A 75 18.38 25.86 -0.86
CA LYS A 75 19.00 26.56 -1.97
C LYS A 75 20.20 25.81 -2.50
N GLY A 76 20.28 25.70 -3.83
CA GLY A 76 21.48 25.16 -4.45
C GLY A 76 21.97 25.91 -5.67
N TYR A 77 21.25 26.96 -6.08
CA TYR A 77 21.60 27.77 -7.24
C TYR A 77 21.54 29.24 -6.88
N ALA A 78 22.61 29.97 -7.17
CA ALA A 78 22.58 31.43 -7.01
C ALA A 78 21.65 32.03 -8.05
N GLY A 79 20.71 32.84 -7.61
CA GLY A 79 19.72 33.42 -8.49
C GLY A 79 18.37 32.73 -8.50
N ALA A 80 18.25 31.57 -7.88
CA ALA A 80 16.94 30.93 -7.80
C ALA A 80 16.11 31.57 -6.69
N PRO A 81 14.82 31.78 -6.90
CA PRO A 81 14.00 32.44 -5.87
C PRO A 81 13.61 31.51 -4.75
N GLY A 82 13.21 32.13 -3.62
CA GLY A 82 12.64 31.46 -2.48
C GLY A 82 11.17 31.77 -2.25
N LEU A 83 10.50 30.97 -1.43
CA LEU A 83 9.14 31.27 -0.98
C LEU A 83 9.04 30.93 0.51
N HIS A 84 9.99 31.46 1.29
CA HIS A 84 10.04 31.25 2.73
C HIS A 84 10.20 32.52 3.56
N SER A 85 10.24 33.70 2.95
CA SER A 85 10.47 34.94 3.69
C SER A 85 9.39 35.95 3.34
N PRO A 86 9.11 36.91 4.25
CA PRO A 86 8.09 37.92 3.93
C PRO A 86 8.42 38.74 2.68
N GLU A 87 9.69 39.07 2.47
CA GLU A 87 10.11 39.73 1.23
C GLU A 87 9.76 38.91 -0.01
N GLN A 88 10.07 37.62 0.02
CA GLN A 88 9.81 36.76 -1.14
C GLN A 88 8.32 36.67 -1.42
N ILE A 89 7.54 36.45 -0.36
CA ILE A 89 6.09 36.34 -0.51
C ILE A 89 5.51 37.59 -1.16
N ALA A 90 5.93 38.76 -0.66
CA ALA A 90 5.44 40.03 -1.20
C ALA A 90 5.71 40.13 -2.69
N ALA A 91 6.93 39.78 -3.10
CA ALA A 91 7.30 39.88 -4.50
C ALA A 91 6.56 38.85 -5.35
N TRP A 92 6.38 37.63 -4.84
CA TRP A 92 5.58 36.66 -5.59
C TRP A 92 4.14 37.12 -5.70
N GLN A 93 3.62 37.79 -4.67
CA GLN A 93 2.24 38.24 -4.72
C GLN A 93 2.01 39.20 -5.88
N LYS A 94 2.99 40.05 -6.20
CA LYS A 94 2.85 40.91 -7.36
C LYS A 94 2.96 40.12 -8.66
N ILE A 95 3.79 39.09 -8.69
CA ILE A 95 3.87 38.26 -9.89
C ILE A 95 2.54 37.55 -10.15
N THR A 96 1.98 36.90 -9.12
CA THR A 96 0.73 36.19 -9.35
C THR A 96 -0.38 37.15 -9.71
N ALA A 97 -0.40 38.32 -9.07
CA ALA A 97 -1.41 39.31 -9.42
C ALA A 97 -1.29 39.71 -10.88
N GLY A 98 -0.06 39.88 -11.35
CA GLY A 98 0.15 40.24 -12.74
C GLY A 98 -0.32 39.17 -13.70
N VAL A 99 -0.07 37.91 -13.38
CA VAL A 99 -0.52 36.84 -14.27
C VAL A 99 -2.03 36.75 -14.27
N HIS A 100 -2.67 36.87 -13.09
CA HIS A 100 -4.12 36.72 -13.03
C HIS A 100 -4.84 37.88 -13.69
N ALA A 101 -4.23 39.06 -13.73
CA ALA A 101 -4.85 40.18 -14.42
C ALA A 101 -4.80 40.03 -15.94
N GLU A 102 -3.99 39.10 -16.47
CA GLU A 102 -4.11 38.67 -17.86
C GLU A 102 -5.06 37.48 -18.02
N ASN A 103 -5.78 37.09 -16.97
CA ASN A 103 -6.64 35.92 -17.00
C ASN A 103 -5.84 34.62 -17.17
N GLY A 104 -4.62 34.60 -16.64
CA GLY A 104 -3.81 33.41 -16.63
C GLY A 104 -3.94 32.62 -15.34
N HIS A 105 -3.18 31.51 -15.27
CA HIS A 105 -3.17 30.64 -14.12
C HIS A 105 -1.72 30.25 -13.87
N ILE A 106 -1.36 30.03 -12.59
CA ILE A 106 0.05 29.89 -12.27
C ILE A 106 0.23 29.01 -11.05
N ALA A 107 1.21 28.12 -11.15
CA ALA A 107 1.57 27.17 -10.11
C ALA A 107 3.04 27.39 -9.79
N VAL A 108 3.41 27.29 -8.52
CA VAL A 108 4.81 27.43 -8.13
C VAL A 108 5.42 26.04 -7.96
N GLN A 109 6.54 25.80 -8.66
CA GLN A 109 7.31 24.59 -8.41
C GLN A 109 8.20 24.82 -7.19
N LEU A 110 8.10 23.91 -6.23
CA LEU A 110 8.80 23.98 -4.96
C LEU A 110 9.82 22.86 -4.88
N TRP A 111 11.06 23.20 -4.55
CA TRP A 111 12.09 22.20 -4.41
C TRP A 111 12.90 22.41 -3.15
N HIS A 112 13.62 21.34 -2.84
CA HIS A 112 14.80 21.34 -2.00
C HIS A 112 15.88 20.71 -2.86
N THR A 113 17.01 21.41 -3.07
CA THR A 113 17.99 20.90 -4.02
C THR A 113 18.82 19.74 -3.48
N GLY A 114 18.84 19.54 -2.17
CA GLY A 114 19.60 18.43 -1.63
C GLY A 114 21.08 18.59 -1.92
N ARG A 115 21.70 17.49 -2.37
CA ARG A 115 23.13 17.48 -2.64
C ARG A 115 23.50 18.21 -3.93
N ILE A 116 22.55 18.66 -4.73
CA ILE A 116 22.90 19.48 -5.91
C ILE A 116 22.91 20.92 -5.40
N SER A 117 23.97 21.24 -4.68
CA SER A 117 24.11 22.52 -4.02
C SER A 117 25.59 22.76 -3.72
N HIS A 118 25.86 23.93 -3.13
CA HIS A 118 27.22 24.32 -2.78
C HIS A 118 27.20 24.94 -1.40
N SER A 119 28.19 24.60 -0.57
CA SER A 119 28.18 25.08 0.81
C SER A 119 28.22 26.60 0.90
N SER A 120 28.72 27.29 -0.13
CA SER A 120 28.71 28.76 -0.09
C SER A 120 27.30 29.34 -0.19
N LEU A 121 26.33 28.54 -0.62
CA LEU A 121 24.94 28.99 -0.74
C LEU A 121 24.09 28.58 0.45
N GLN A 122 24.66 27.86 1.42
CA GLN A 122 23.92 27.26 2.52
C GLN A 122 24.00 28.14 3.75
N PRO A 123 22.95 28.17 4.58
CA PRO A 123 23.06 28.87 5.87
C PRO A 123 24.33 28.45 6.60
N GLY A 124 25.06 29.44 7.11
CA GLY A 124 26.30 29.21 7.82
C GLY A 124 27.43 28.65 6.99
N GLY A 125 27.30 28.63 5.67
CA GLY A 125 28.30 28.01 4.84
C GLY A 125 28.47 26.52 5.07
N ALA A 126 27.47 25.85 5.65
CA ALA A 126 27.56 24.43 5.96
C ALA A 126 27.36 23.56 4.71
N ALA A 127 27.75 22.29 4.84
CA ALA A 127 27.51 21.34 3.77
C ALA A 127 26.01 21.16 3.55
N PRO A 128 25.57 20.94 2.32
CA PRO A 128 24.15 20.68 2.06
C PRO A 128 23.76 19.28 2.53
N VAL A 129 22.45 19.05 2.58
CA VAL A 129 21.91 17.82 3.16
C VAL A 129 21.41 16.91 2.04
N ALA A 130 21.33 15.63 2.35
CA ALA A 130 20.95 14.63 1.37
C ALA A 130 20.55 13.36 2.11
N PRO A 131 19.95 12.39 1.42
CA PRO A 131 19.69 11.11 2.09
C PRO A 131 20.97 10.41 2.55
N SER A 132 22.06 10.56 1.79
CA SER A 132 23.32 9.91 2.09
C SER A 132 24.48 10.82 1.73
N ALA A 133 25.59 10.64 2.44
CA ALA A 133 26.79 11.46 2.21
C ALA A 133 27.51 10.91 0.99
N LEU A 134 27.03 11.32 -0.19
CA LEU A 134 27.51 10.86 -1.46
C LEU A 134 27.52 12.04 -2.42
N SER A 135 28.64 12.25 -3.11
CA SER A 135 28.73 13.36 -4.03
C SER A 135 27.70 13.23 -5.13
N ALA A 136 27.09 14.35 -5.50
CA ALA A 136 26.21 14.35 -6.65
C ALA A 136 26.96 14.07 -7.96
N GLY A 137 28.27 14.29 -7.98
CA GLY A 137 29.02 14.11 -9.21
C GLY A 137 28.53 14.98 -10.35
N THR A 138 28.02 16.17 -10.05
CA THR A 138 27.61 17.08 -11.10
C THR A 138 27.93 18.49 -10.61
N ARG A 139 27.44 19.49 -11.32
CA ARG A 139 27.69 20.87 -10.93
C ARG A 139 26.38 21.61 -10.73
N THR A 140 26.46 22.72 -10.01
CA THR A 140 25.38 23.68 -9.87
C THR A 140 25.90 25.03 -10.38
N SER A 141 25.10 26.08 -10.20
CA SER A 141 25.42 27.40 -10.71
C SER A 141 25.56 28.38 -9.57
N LEU A 142 26.73 28.98 -9.47
CA LEU A 142 26.95 30.14 -8.62
C LEU A 142 27.00 31.39 -9.48
N ARG A 143 27.30 32.53 -8.85
CA ARG A 143 27.51 33.80 -9.53
C ARG A 143 28.94 34.26 -9.27
N ASP A 144 29.63 34.69 -10.32
CA ASP A 144 30.98 35.21 -10.16
C ASP A 144 30.90 36.65 -9.64
N GLU A 145 32.06 37.25 -9.35
CA GLU A 145 32.06 38.55 -8.69
C GLU A 145 31.36 39.63 -9.51
N ASN A 146 31.13 39.42 -10.80
CA ASN A 146 30.39 40.36 -11.62
C ASN A 146 28.95 39.94 -11.83
N GLY A 147 28.44 39.02 -10.99
CA GLY A 147 27.04 38.63 -11.04
C GLY A 147 26.65 37.67 -12.14
N HIS A 148 27.61 37.05 -12.82
CA HIS A 148 27.30 36.15 -13.92
C HIS A 148 27.30 34.71 -13.47
N ALA A 149 26.41 33.91 -14.04
CA ALA A 149 26.33 32.51 -13.69
C ALA A 149 27.61 31.78 -14.05
N ILE A 150 28.05 30.91 -13.15
CA ILE A 150 29.19 30.02 -13.37
C ILE A 150 28.85 28.64 -12.83
N ARG A 151 29.43 27.61 -13.44
CA ARG A 151 29.20 26.23 -13.01
C ARG A 151 30.31 25.80 -12.07
N VAL A 152 29.93 25.17 -10.97
CA VAL A 152 30.85 24.78 -9.91
C VAL A 152 30.47 23.39 -9.43
N ASP A 153 31.47 22.60 -9.05
CA ASP A 153 31.21 21.26 -8.52
C ASP A 153 30.37 21.37 -7.26
N THR A 154 29.42 20.46 -7.12
CA THR A 154 28.63 20.42 -5.90
C THR A 154 29.51 20.00 -4.71
N SER A 155 29.12 20.50 -3.54
CA SER A 155 29.76 20.16 -2.28
C SER A 155 29.34 18.77 -1.82
N MET A 156 30.26 18.11 -1.12
CA MET A 156 29.94 16.85 -0.49
C MET A 156 28.85 17.07 0.54
N PRO A 157 27.75 16.34 0.50
CA PRO A 157 26.66 16.58 1.44
C PRO A 157 26.81 15.81 2.74
N ARG A 158 26.05 16.29 3.73
CA ARG A 158 25.84 15.60 4.99
C ARG A 158 24.57 14.78 4.88
N ALA A 159 24.59 13.56 5.43
CA ALA A 159 23.41 12.72 5.45
C ALA A 159 22.46 13.22 6.52
N LEU A 160 21.18 13.36 6.16
CA LEU A 160 20.15 13.72 7.14
C LEU A 160 20.01 12.65 8.21
N GLU A 161 19.95 13.07 9.47
CA GLU A 161 19.54 12.16 10.52
C GLU A 161 18.07 11.82 10.37
N THR A 162 17.69 10.62 10.82
CA THR A 162 16.27 10.25 10.83
C THR A 162 15.42 11.34 11.47
N ALA A 163 15.87 11.89 12.60
CA ALA A 163 15.09 12.90 13.30
C ALA A 163 14.97 14.21 12.53
N GLU A 164 15.74 14.40 11.47
CA GLU A 164 15.62 15.61 10.67
C GLU A 164 14.59 15.49 9.57
N ILE A 165 14.12 14.28 9.23
CA ILE A 165 13.18 14.15 8.12
C ILE A 165 11.90 14.93 8.36
N PRO A 166 11.29 14.93 9.55
CA PRO A 166 10.08 15.73 9.75
C PRO A 166 10.28 17.21 9.46
N GLY A 167 11.47 17.75 9.75
CA GLY A 167 11.74 19.13 9.43
C GLY A 167 11.67 19.42 7.94
N ILE A 168 12.16 18.50 7.12
CA ILE A 168 12.01 18.61 5.67
C ILE A 168 10.52 18.67 5.30
N VAL A 169 9.75 17.70 5.78
CA VAL A 169 8.31 17.69 5.57
C VAL A 169 7.69 19.01 6.02
N ASN A 170 8.06 19.45 7.23
CA ASN A 170 7.54 20.70 7.77
C ASN A 170 7.91 21.91 6.90
N ASP A 171 9.10 21.90 6.28
CA ASP A 171 9.47 23.03 5.45
C ASP A 171 8.67 23.05 4.13
N PHE A 172 8.43 21.87 3.52
CA PHE A 172 7.50 21.82 2.39
C PHE A 172 6.12 22.30 2.81
N ARG A 173 5.65 21.86 3.98
CA ARG A 173 4.32 22.24 4.46
C ARG A 173 4.19 23.75 4.54
N GLN A 174 5.17 24.42 5.15
CA GLN A 174 5.07 25.87 5.29
C GLN A 174 5.19 26.56 3.94
N ALA A 175 6.00 26.02 3.04
CA ALA A 175 6.18 26.66 1.74
C ALA A 175 4.88 26.63 0.95
N VAL A 176 4.16 25.51 1.04
CA VAL A 176 2.85 25.42 0.39
C VAL A 176 1.86 26.37 1.03
N GLY A 177 1.90 26.51 2.37
CA GLY A 177 1.10 27.53 3.01
C GLY A 177 1.37 28.91 2.44
N ASN A 178 2.66 29.25 2.30
CA ASN A 178 3.03 30.53 1.70
C ASN A 178 2.58 30.62 0.24
N ALA A 179 2.65 29.51 -0.51
CA ALA A 179 2.18 29.56 -1.90
C ALA A 179 0.71 29.94 -1.97
N ARG A 180 -0.08 29.40 -1.07
CA ARG A 180 -1.49 29.76 -1.00
C ARG A 180 -1.67 31.22 -0.61
N ASP A 181 -0.92 31.68 0.39
CA ASP A 181 -0.99 33.09 0.81
C ASP A 181 -0.56 34.02 -0.31
N ALA A 182 0.33 33.57 -1.18
CA ALA A 182 0.92 34.38 -2.23
C ALA A 182 0.09 34.41 -3.51
N GLY A 183 -1.03 33.71 -3.54
CA GLY A 183 -1.95 33.79 -4.66
C GLY A 183 -1.81 32.74 -5.73
N PHE A 184 -0.92 31.75 -5.57
CA PHE A 184 -0.80 30.73 -6.59
C PHE A 184 -2.05 29.87 -6.68
N ASP A 185 -2.31 29.34 -7.88
CA ASP A 185 -3.45 28.45 -8.09
C ASP A 185 -3.16 27.01 -7.66
N LEU A 186 -1.92 26.56 -7.86
CA LEU A 186 -1.47 25.22 -7.53
C LEU A 186 -0.01 25.28 -7.09
N VAL A 187 0.48 24.19 -6.51
CA VAL A 187 1.91 24.01 -6.29
C VAL A 187 2.32 22.74 -7.02
N GLU A 188 3.60 22.67 -7.37
CA GLU A 188 4.17 21.46 -7.98
C GLU A 188 5.36 21.04 -7.15
N LEU A 189 5.27 19.87 -6.51
CA LEU A 189 6.40 19.36 -5.76
C LEU A 189 7.44 18.87 -6.75
N HIS A 190 8.70 19.28 -6.53
CA HIS A 190 9.77 18.92 -7.45
C HIS A 190 10.39 17.61 -7.01
N SER A 191 9.85 16.51 -7.52
CA SER A 191 10.28 15.17 -7.17
C SER A 191 11.09 14.51 -8.27
N ALA A 192 11.74 15.33 -9.12
CA ALA A 192 12.40 14.91 -10.33
C ALA A 192 13.84 15.41 -10.37
N HIS A 193 14.54 14.98 -11.44
CA HIS A 193 15.80 15.56 -11.90
C HIS A 193 16.90 15.59 -10.84
N GLY A 194 16.90 14.60 -9.94
CA GLY A 194 18.02 14.49 -9.01
C GLY A 194 18.05 15.44 -7.82
N TYR A 195 16.97 16.18 -7.53
CA TYR A 195 16.92 17.04 -6.35
C TYR A 195 16.48 16.20 -5.15
N LEU A 196 16.22 16.84 -3.99
CA LEU A 196 16.18 16.09 -2.73
C LEU A 196 15.16 14.94 -2.78
N LEU A 197 13.93 15.22 -3.20
CA LEU A 197 12.92 14.16 -3.19
C LEU A 197 13.34 13.00 -4.09
N HIS A 198 13.90 13.29 -5.26
CA HIS A 198 14.35 12.22 -6.16
C HIS A 198 15.58 11.49 -5.64
N GLN A 199 16.44 12.20 -4.91
CA GLN A 199 17.57 11.55 -4.23
C GLN A 199 17.11 10.44 -3.30
N PHE A 200 16.08 10.71 -2.49
CA PHE A 200 15.52 9.65 -1.63
C PHE A 200 14.88 8.54 -2.45
N LEU A 201 14.24 8.87 -3.58
CA LEU A 201 13.60 7.85 -4.40
C LEU A 201 14.62 6.92 -5.06
N SER A 202 15.82 7.40 -5.29
CA SER A 202 16.75 6.72 -6.17
C SER A 202 17.70 5.83 -5.39
N PRO A 203 17.83 4.54 -5.73
CA PRO A 203 18.78 3.69 -5.01
C PRO A 203 20.22 4.09 -5.26
N SER A 204 20.51 4.87 -6.30
CA SER A 204 21.88 5.33 -6.52
C SER A 204 22.29 6.49 -5.62
N ALA A 205 21.35 7.30 -5.11
CA ALA A 205 21.70 8.39 -4.20
C ALA A 205 21.39 8.07 -2.74
N ASN A 206 20.54 7.08 -2.50
CA ASN A 206 20.01 6.79 -1.18
C ASN A 206 20.54 5.44 -0.76
N GLN A 207 21.45 5.44 0.21
CA GLN A 207 21.98 4.22 0.80
C GLN A 207 21.66 4.14 2.28
N ARG A 208 20.54 4.72 2.68
CA ARG A 208 20.22 4.80 4.10
C ARG A 208 19.84 3.43 4.67
N THR A 209 20.04 3.27 5.97
CA THR A 209 19.71 2.05 6.67
C THR A 209 18.51 2.19 7.60
N ASP A 210 17.88 3.37 7.66
CA ASP A 210 16.66 3.55 8.43
C ASP A 210 15.46 3.33 7.52
N GLN A 211 14.26 3.74 7.97
CA GLN A 211 13.02 3.47 7.24
C GLN A 211 12.83 4.31 5.99
N TYR A 212 13.81 5.14 5.64
CA TYR A 212 13.74 5.96 4.43
C TYR A 212 14.64 5.45 3.31
N GLY A 213 15.27 4.28 3.48
CA GLY A 213 16.12 3.74 2.44
C GLY A 213 15.93 2.24 2.26
N GLY A 214 16.44 1.75 1.14
CA GLY A 214 16.37 0.33 0.82
C GLY A 214 15.24 0.01 -0.15
N SER A 215 14.14 -0.50 0.37
CA SER A 215 12.99 -0.86 -0.44
C SER A 215 12.32 0.36 -1.06
N VAL A 216 11.51 0.11 -2.09
CA VAL A 216 10.82 1.21 -2.76
C VAL A 216 9.84 1.89 -1.81
N GLU A 217 9.20 1.11 -0.92
CA GLU A 217 8.31 1.68 0.08
C GLU A 217 9.05 2.66 0.99
N ASN A 218 10.24 2.29 1.46
CA ASN A 218 11.07 3.18 2.27
C ASN A 218 11.56 4.39 1.48
N ARG A 219 11.90 4.19 0.20
CA ARG A 219 12.49 5.25 -0.61
C ARG A 219 11.45 6.27 -1.02
N ALA A 220 10.19 5.85 -1.20
CA ALA A 220 9.09 6.75 -1.51
C ALA A 220 8.48 7.41 -0.28
N ARG A 221 8.93 7.02 0.91
CA ARG A 221 8.24 7.40 2.14
C ARG A 221 8.23 8.91 2.30
N LEU A 222 9.39 9.54 2.11
CA LEU A 222 9.51 10.98 2.27
C LEU A 222 8.57 11.70 1.31
N VAL A 223 8.61 11.36 0.02
CA VAL A 223 7.78 12.12 -0.91
C VAL A 223 6.30 11.96 -0.57
N LEU A 224 5.90 10.76 -0.12
CA LEU A 224 4.49 10.57 0.26
C LEU A 224 4.15 11.26 1.57
N GLU A 225 5.09 11.32 2.53
CA GLU A 225 4.88 12.15 3.72
C GLU A 225 4.75 13.63 3.34
N VAL A 226 5.49 14.06 2.33
CA VAL A 226 5.39 15.46 1.90
C VAL A 226 4.02 15.70 1.26
N VAL A 227 3.59 14.80 0.36
CA VAL A 227 2.29 14.94 -0.30
C VAL A 227 1.17 14.97 0.74
N ASP A 228 1.24 14.09 1.75
CA ASP A 228 0.22 14.08 2.78
C ASP A 228 0.22 15.40 3.58
N ALA A 229 1.41 15.89 3.98
CA ALA A 229 1.46 17.12 4.76
C ALA A 229 0.95 18.32 3.98
N VAL A 230 1.37 18.47 2.71
CA VAL A 230 0.92 19.65 1.98
C VAL A 230 -0.55 19.55 1.62
N SER A 231 -1.08 18.33 1.43
CA SER A 231 -2.51 18.18 1.18
C SER A 231 -3.33 18.61 2.38
N GLN A 232 -2.86 18.34 3.59
CA GLN A 232 -3.57 18.78 4.79
C GLN A 232 -3.41 20.28 5.01
N GLU A 233 -2.22 20.82 4.72
CA GLU A 233 -1.99 22.26 4.84
C GLU A 233 -2.96 23.05 3.97
N TRP A 234 -3.07 22.66 2.69
CA TRP A 234 -3.98 23.32 1.75
C TRP A 234 -5.05 22.31 1.33
N SER A 235 -4.84 21.61 0.21
CA SER A 235 -5.81 20.64 -0.29
C SER A 235 -5.13 19.74 -1.30
N ALA A 236 -5.49 18.45 -1.28
CA ALA A 236 -4.92 17.53 -2.24
C ALA A 236 -5.19 17.98 -3.68
N GLU A 237 -6.32 18.62 -3.94
CA GLU A 237 -6.62 19.11 -5.28
C GLU A 237 -5.87 20.38 -5.63
N ARG A 238 -4.96 20.84 -4.76
CA ARG A 238 -4.04 21.92 -5.08
C ARG A 238 -2.63 21.46 -5.34
N ILE A 239 -2.35 20.15 -5.25
CA ILE A 239 -0.99 19.62 -5.24
C ILE A 239 -0.73 18.89 -6.55
N GLY A 240 0.26 19.35 -7.31
CA GLY A 240 0.83 18.64 -8.43
C GLY A 240 2.20 18.12 -8.06
N ILE A 241 2.75 17.18 -8.83
CA ILE A 241 4.09 16.67 -8.57
C ILE A 241 4.76 16.37 -9.91
N ARG A 242 6.04 16.71 -9.98
CA ARG A 242 6.86 16.38 -11.15
C ARG A 242 7.82 15.27 -10.79
N VAL A 243 7.84 14.23 -11.62
CA VAL A 243 8.65 13.03 -11.43
C VAL A 243 9.43 12.80 -12.71
N SER A 244 10.58 12.13 -12.57
CA SER A 244 11.39 11.68 -13.71
C SER A 244 11.84 10.27 -13.38
N PRO A 245 10.91 9.32 -13.36
CA PRO A 245 11.16 8.02 -12.72
C PRO A 245 11.70 6.96 -13.65
N ILE A 246 11.86 7.27 -14.93
CA ILE A 246 12.43 6.36 -15.91
C ILE A 246 13.63 7.05 -16.52
N GLY A 247 14.78 6.41 -16.44
CA GLY A 247 15.99 6.93 -17.03
C GLY A 247 16.91 7.54 -15.99
N SER A 248 17.83 8.36 -16.48
CA SER A 248 18.85 8.99 -15.66
C SER A 248 18.85 10.49 -15.89
N PHE A 249 18.93 11.24 -14.81
CA PHE A 249 18.86 12.70 -14.85
C PHE A 249 19.85 13.28 -13.86
N GLN A 250 20.75 14.14 -14.35
CA GLN A 250 21.78 14.79 -13.53
C GLN A 250 22.50 13.78 -12.65
N ASN A 251 22.80 12.62 -13.22
CA ASN A 251 23.62 11.61 -12.59
C ASN A 251 22.85 10.81 -11.54
N VAL A 252 21.52 10.93 -11.52
CA VAL A 252 20.66 10.18 -10.60
C VAL A 252 19.80 9.24 -11.44
N ASP A 253 20.00 7.94 -11.28
CA ASP A 253 19.18 6.97 -11.99
C ASP A 253 18.09 6.44 -11.05
N ASN A 254 17.17 5.66 -11.62
CA ASN A 254 16.02 5.18 -10.89
C ASN A 254 16.13 3.71 -10.49
N GLY A 255 17.32 3.14 -10.57
CA GLY A 255 17.56 1.82 -10.03
C GLY A 255 17.23 0.74 -11.03
N PRO A 256 17.46 -0.52 -10.64
CA PRO A 256 17.29 -1.65 -11.56
C PRO A 256 15.86 -2.12 -11.73
N ASN A 257 14.91 -1.63 -10.92
CA ASN A 257 13.51 -1.98 -11.02
C ASN A 257 12.68 -0.73 -11.28
N GLU A 258 13.16 0.12 -12.19
CA GLU A 258 12.63 1.48 -12.26
C GLU A 258 11.17 1.51 -12.70
N GLU A 259 10.74 0.59 -13.57
CA GLU A 259 9.37 0.68 -14.06
C GLU A 259 8.36 0.28 -12.98
N GLU A 260 8.60 -0.85 -12.31
CA GLU A 260 7.70 -1.30 -11.26
C GLU A 260 7.69 -0.31 -10.10
N ASP A 261 8.87 0.18 -9.71
CA ASP A 261 8.99 1.18 -8.66
C ASP A 261 8.25 2.47 -9.03
N ALA A 262 8.28 2.86 -10.30
CA ALA A 262 7.57 4.06 -10.73
C ALA A 262 6.07 3.88 -10.61
N LEU A 263 5.58 2.71 -11.05
CA LEU A 263 4.16 2.41 -10.97
C LEU A 263 3.69 2.29 -9.53
N TYR A 264 4.53 1.81 -8.62
CA TYR A 264 4.18 1.84 -7.20
C TYR A 264 3.94 3.27 -6.72
N LEU A 265 4.90 4.16 -6.99
CA LEU A 265 4.76 5.56 -6.56
C LEU A 265 3.52 6.19 -7.20
N ILE A 266 3.29 5.94 -8.49
CA ILE A 266 2.14 6.55 -9.14
C ILE A 266 0.84 6.08 -8.50
N SER A 267 0.73 4.80 -8.13
CA SER A 267 -0.50 4.32 -7.51
C SER A 267 -0.67 4.91 -6.12
N GLU A 268 0.42 5.05 -5.37
CA GLU A 268 0.32 5.77 -4.10
C GLU A 268 -0.11 7.22 -4.30
N LEU A 269 0.41 7.89 -5.33
CA LEU A 269 -0.03 9.27 -5.56
C LEU A 269 -1.51 9.34 -5.90
N ALA A 270 -2.00 8.38 -6.70
CA ALA A 270 -3.40 8.37 -7.08
C ALA A 270 -4.30 8.18 -5.87
N LYS A 271 -3.87 7.36 -4.91
CA LYS A 271 -4.68 7.16 -3.71
C LYS A 271 -4.92 8.46 -2.95
N ARG A 272 -4.03 9.43 -3.10
CA ARG A 272 -4.15 10.68 -2.32
C ARG A 272 -4.91 11.77 -3.06
N GLY A 273 -5.41 11.50 -4.25
CA GLY A 273 -6.26 12.43 -4.97
C GLY A 273 -5.59 13.72 -5.39
N ILE A 274 -4.31 13.67 -5.76
CA ILE A 274 -3.62 14.90 -6.07
C ILE A 274 -4.12 15.45 -7.40
N ALA A 275 -3.80 16.73 -7.65
CA ALA A 275 -4.30 17.44 -8.82
C ALA A 275 -3.68 16.96 -10.12
N TYR A 276 -2.37 16.67 -10.14
CA TYR A 276 -1.79 16.17 -11.38
C TYR A 276 -0.46 15.46 -11.16
N LEU A 277 -0.11 14.66 -12.18
CA LEU A 277 1.15 13.95 -12.31
C LEU A 277 1.86 14.49 -13.55
N HIS A 278 3.02 15.08 -13.34
CA HIS A 278 3.80 15.72 -14.40
C HIS A 278 5.03 14.85 -14.62
N MET A 279 5.13 14.22 -15.78
CA MET A 279 6.20 13.28 -16.05
C MET A 279 7.20 13.89 -17.01
N SER A 280 8.43 14.04 -16.53
CA SER A 280 9.54 14.54 -17.31
C SER A 280 10.19 13.33 -17.95
N GLU A 281 10.11 13.25 -19.23
CA GLU A 281 10.50 12.07 -19.97
C GLU A 281 11.96 12.13 -20.38
N PRO A 282 12.56 10.96 -20.68
CA PRO A 282 14.00 10.92 -21.01
C PRO A 282 14.30 11.33 -22.44
N ASP A 283 13.33 11.18 -23.36
CA ASP A 283 13.51 11.55 -24.76
C ASP A 283 14.16 12.93 -24.91
N TRP A 284 13.96 13.83 -23.94
CA TRP A 284 14.58 15.15 -24.00
C TRP A 284 16.08 15.08 -23.71
N ALA A 285 16.46 14.43 -22.60
CA ALA A 285 17.86 14.39 -22.17
C ALA A 285 18.72 13.58 -23.13
N GLY A 286 18.40 12.28 -23.27
CA GLY A 286 19.13 11.42 -24.17
C GLY A 286 18.87 9.96 -23.91
N GLY A 287 17.70 9.65 -23.34
CA GLY A 287 17.32 8.30 -23.01
C GLY A 287 16.23 7.76 -23.92
N LYS A 288 15.73 6.59 -23.55
CA LYS A 288 14.74 5.93 -24.40
C LYS A 288 13.36 6.48 -24.08
N PRO A 289 12.56 6.81 -25.08
CA PRO A 289 11.29 7.49 -24.82
C PRO A 289 10.23 6.51 -24.34
N TYR A 290 9.25 7.04 -23.61
CA TYR A 290 8.19 6.21 -23.04
C TYR A 290 7.50 5.40 -24.14
N SER A 291 7.33 4.10 -23.89
CA SER A 291 6.48 3.27 -24.75
C SER A 291 5.01 3.50 -24.40
N GLU A 292 4.15 3.28 -25.39
CA GLU A 292 2.72 3.45 -25.13
C GLU A 292 2.23 2.44 -24.11
N ALA A 293 2.87 1.27 -24.06
CA ALA A 293 2.47 0.29 -23.06
C ALA A 293 2.73 0.82 -21.65
N PHE A 294 3.88 1.46 -21.44
CA PHE A 294 4.14 2.07 -20.13
C PHE A 294 3.14 3.20 -19.85
N ARG A 295 2.92 4.07 -20.83
CA ARG A 295 1.97 5.16 -20.64
C ARG A 295 0.60 4.65 -20.24
N GLN A 296 0.21 3.49 -20.77
CA GLN A 296 -1.10 2.95 -20.44
C GLN A 296 -1.11 2.40 -19.03
N LYS A 297 0.00 1.79 -18.61
CA LYS A 297 0.12 1.36 -17.23
C LYS A 297 0.04 2.53 -16.26
N VAL A 298 0.69 3.65 -16.59
CA VAL A 298 0.56 4.86 -15.77
C VAL A 298 -0.90 5.29 -15.72
N ARG A 299 -1.52 5.43 -16.90
CA ARG A 299 -2.92 5.85 -16.95
C ARG A 299 -3.83 4.90 -16.20
N ASP A 300 -3.58 3.59 -16.30
CA ASP A 300 -4.39 2.64 -15.56
C ASP A 300 -4.33 2.91 -14.06
N ARG A 301 -3.20 3.40 -13.57
CA ARG A 301 -3.04 3.64 -12.14
C ARG A 301 -3.36 5.07 -11.73
N PHE A 302 -3.40 6.02 -12.67
CA PHE A 302 -3.57 7.43 -12.34
C PHE A 302 -4.63 8.03 -13.26
N PRO A 303 -5.90 8.03 -12.84
CA PRO A 303 -6.95 8.58 -13.70
C PRO A 303 -7.01 10.10 -13.72
N GLY A 304 -6.30 10.78 -12.82
CA GLY A 304 -6.25 12.23 -12.83
C GLY A 304 -5.38 12.77 -13.95
N VAL A 305 -5.26 14.10 -13.94
CA VAL A 305 -4.52 14.80 -14.99
C VAL A 305 -3.08 14.31 -15.06
N ILE A 306 -2.63 13.99 -16.27
CA ILE A 306 -1.24 13.67 -16.52
C ILE A 306 -0.68 14.71 -17.48
N ILE A 307 0.47 15.27 -17.13
CA ILE A 307 1.17 16.26 -17.95
C ILE A 307 2.41 15.60 -18.50
N GLY A 308 2.57 15.65 -19.81
CA GLY A 308 3.74 15.13 -20.47
C GLY A 308 4.71 16.25 -20.80
N ALA A 309 6.00 15.93 -20.77
CA ALA A 309 7.01 16.95 -20.98
C ALA A 309 8.28 16.33 -21.53
N GLY A 310 8.97 17.10 -22.36
CA GLY A 310 10.24 16.68 -22.94
C GLY A 310 10.13 16.40 -24.41
N ALA A 311 10.64 17.31 -25.24
CA ALA A 311 10.72 17.10 -26.68
C ALA A 311 9.37 16.67 -27.26
N TYR A 312 8.42 17.60 -27.17
CA TYR A 312 7.07 17.36 -27.65
C TYR A 312 6.82 18.18 -28.90
N THR A 313 6.31 17.52 -29.94
CA THR A 313 5.75 18.19 -31.10
C THR A 313 4.28 18.48 -30.81
N VAL A 314 3.65 19.28 -31.67
CA VAL A 314 2.20 19.34 -31.59
C VAL A 314 1.61 18.01 -32.02
N GLU A 315 2.28 17.32 -32.95
CA GLU A 315 1.80 16.02 -33.40
C GLU A 315 1.75 15.04 -32.23
N LYS A 316 2.91 14.82 -31.58
CA LYS A 316 2.97 14.02 -30.37
C LYS A 316 1.85 14.42 -29.40
N ALA A 317 1.71 15.73 -29.14
CA ALA A 317 0.77 16.22 -28.13
C ALA A 317 -0.66 15.80 -28.48
N ASN A 318 -1.10 16.10 -29.69
CA ASN A 318 -2.43 15.68 -30.11
C ASN A 318 -2.57 14.18 -29.99
N ASP A 319 -1.57 13.44 -30.47
CA ASP A 319 -1.65 11.98 -30.50
C ASP A 319 -1.97 11.44 -29.11
N LEU A 320 -1.08 11.75 -28.16
CA LEU A 320 -1.21 11.21 -26.82
C LEU A 320 -2.45 11.75 -26.11
N ILE A 321 -2.84 12.99 -26.40
CA ILE A 321 -4.03 13.54 -25.78
C ILE A 321 -5.27 12.89 -26.37
N ASN A 322 -5.31 12.75 -27.71
CA ASN A 322 -6.45 12.07 -28.31
C ASN A 322 -6.55 10.62 -27.84
N LYS A 323 -5.42 9.97 -27.59
CA LYS A 323 -5.43 8.59 -27.08
C LYS A 323 -5.76 8.48 -25.60
N GLY A 324 -5.98 9.58 -24.88
CA GLY A 324 -6.30 9.50 -23.46
C GLY A 324 -5.14 9.18 -22.55
N LEU A 325 -3.91 9.16 -23.07
CA LEU A 325 -2.76 8.79 -22.25
C LEU A 325 -2.18 9.95 -21.44
N ILE A 326 -2.27 11.18 -21.97
CA ILE A 326 -1.97 12.39 -21.21
C ILE A 326 -3.12 13.36 -21.39
N ASP A 327 -3.14 14.40 -20.56
CA ASP A 327 -4.16 15.43 -20.63
C ASP A 327 -3.62 16.79 -21.03
N ALA A 328 -2.31 17.01 -20.88
CA ALA A 328 -1.73 18.31 -21.17
C ALA A 328 -0.24 18.12 -21.40
N VAL A 329 0.36 19.15 -21.98
CA VAL A 329 1.78 19.15 -22.30
C VAL A 329 2.43 20.42 -21.76
N ALA A 330 3.59 20.27 -21.15
CA ALA A 330 4.40 21.39 -20.70
C ALA A 330 5.54 21.59 -21.70
N PHE A 331 5.62 22.78 -22.29
CA PHE A 331 6.69 23.15 -23.21
C PHE A 331 7.71 23.99 -22.46
N GLY A 332 8.99 23.66 -22.63
CA GLY A 332 10.09 24.28 -21.92
C GLY A 332 10.75 25.33 -22.79
N ARG A 333 11.74 24.92 -23.57
CA ARG A 333 12.57 25.89 -24.26
C ARG A 333 11.75 26.72 -25.23
N ASP A 334 10.75 26.12 -25.89
CA ASP A 334 9.90 26.89 -26.78
C ASP A 334 9.14 27.97 -26.03
N TYR A 335 8.89 27.79 -24.73
CA TYR A 335 8.24 28.88 -24.01
C TYR A 335 9.25 29.95 -23.60
N ILE A 336 10.51 29.59 -23.41
CA ILE A 336 11.52 30.63 -23.19
C ILE A 336 11.47 31.64 -24.32
N ALA A 337 11.40 31.15 -25.56
CA ALA A 337 11.59 32.01 -26.73
C ALA A 337 10.29 32.53 -27.33
N ASN A 338 9.14 32.01 -26.92
CA ASN A 338 7.86 32.36 -27.54
C ASN A 338 6.80 32.69 -26.49
N PRO A 339 6.61 33.97 -26.15
CA PRO A 339 5.64 34.28 -25.09
C PRO A 339 4.22 33.93 -25.50
N ASP A 340 3.88 34.08 -26.78
CA ASP A 340 2.58 33.69 -27.31
C ASP A 340 2.63 32.33 -27.99
N LEU A 341 3.31 31.37 -27.37
CA LEU A 341 3.36 30.02 -27.91
C LEU A 341 1.97 29.49 -28.21
N VAL A 342 0.99 29.80 -27.36
CA VAL A 342 -0.36 29.28 -27.56
C VAL A 342 -0.91 29.72 -28.91
N ALA A 343 -0.79 31.01 -29.20
CA ALA A 343 -1.27 31.53 -30.49
C ALA A 343 -0.47 30.95 -31.65
N ARG A 344 0.85 30.86 -31.51
CA ARG A 344 1.67 30.35 -32.61
C ARG A 344 1.32 28.90 -32.93
N LEU A 345 1.00 28.09 -31.92
CA LEU A 345 0.67 26.69 -32.18
C LEU A 345 -0.69 26.55 -32.82
N GLN A 346 -1.65 27.38 -32.41
CA GLN A 346 -2.97 27.33 -33.04
C GLN A 346 -2.89 27.73 -34.51
N LYS A 347 -2.13 28.76 -34.82
CA LYS A 347 -2.04 29.31 -36.16
C LYS A 347 -0.96 28.64 -37.01
N LYS A 348 -0.32 27.61 -36.48
CA LYS A 348 0.79 26.92 -37.14
C LYS A 348 1.80 27.93 -37.71
N ALA A 349 2.01 29.01 -36.96
CA ALA A 349 3.05 29.98 -37.28
C ALA A 349 4.40 29.41 -36.88
N PRO A 350 5.48 29.99 -37.38
CA PRO A 350 6.81 29.51 -36.98
C PRO A 350 7.15 30.05 -35.61
N LEU A 351 8.26 29.56 -35.07
CA LEU A 351 8.70 29.92 -33.74
C LEU A 351 9.97 30.78 -33.81
N ASN A 352 10.12 31.68 -32.82
CA ASN A 352 11.39 32.38 -32.67
C ASN A 352 12.50 31.37 -32.37
N PRO A 353 13.73 31.65 -32.77
CA PRO A 353 14.83 30.78 -32.36
C PRO A 353 15.34 31.13 -30.97
N GLN A 354 15.79 30.09 -30.28
CA GLN A 354 16.26 30.21 -28.91
C GLN A 354 17.66 30.82 -28.87
N ARG A 355 17.92 31.57 -27.81
CA ARG A 355 19.22 32.13 -27.55
C ARG A 355 19.72 31.48 -26.26
N PRO A 356 20.25 30.24 -26.36
CA PRO A 356 20.66 29.52 -25.14
C PRO A 356 21.71 30.24 -24.33
N GLU A 357 22.46 31.18 -24.90
CA GLU A 357 23.49 31.83 -24.11
C GLU A 357 22.90 32.77 -23.06
N SER A 358 21.59 33.04 -23.12
CA SER A 358 20.97 33.90 -22.12
C SER A 358 19.88 33.17 -21.32
N PHE A 359 19.88 31.82 -21.33
CA PHE A 359 18.94 31.07 -20.51
C PHE A 359 19.16 31.33 -19.03
N TYR A 360 20.42 31.39 -18.59
CA TYR A 360 20.76 31.39 -17.18
C TYR A 360 21.44 32.71 -16.80
N GLY A 361 20.86 33.39 -15.83
CA GLY A 361 21.42 34.64 -15.35
C GLY A 361 21.15 35.78 -16.28
N GLY A 362 21.60 36.96 -15.83
CA GLY A 362 21.59 38.14 -16.65
C GLY A 362 20.41 39.04 -16.37
N GLY A 363 19.89 39.66 -17.41
CA GLY A 363 18.77 40.57 -17.29
C GLY A 363 17.73 40.39 -18.38
N ALA A 364 17.20 41.50 -18.89
CA ALA A 364 16.05 41.46 -19.79
C ALA A 364 16.37 40.75 -21.10
N GLU A 365 17.62 40.80 -21.55
CA GLU A 365 17.96 40.30 -22.87
C GLU A 365 18.03 38.78 -22.81
N GLY A 366 17.31 38.13 -23.73
CA GLY A 366 17.14 36.69 -23.66
C GLY A 366 16.11 36.23 -22.67
N TYR A 367 15.18 37.10 -22.27
CA TYR A 367 14.26 36.85 -21.18
C TYR A 367 12.91 37.48 -21.49
N THR A 368 12.83 38.81 -21.49
CA THR A 368 11.61 39.52 -21.83
C THR A 368 11.65 40.10 -23.26
N ASP A 369 12.71 39.86 -24.02
CA ASP A 369 12.90 40.51 -25.31
C ASP A 369 12.61 39.58 -26.48
N TYR A 370 11.88 38.48 -26.25
CA TYR A 370 11.45 37.67 -27.38
C TYR A 370 10.08 38.17 -27.82
N PRO A 371 9.83 38.31 -29.12
CA PRO A 371 8.66 39.03 -29.58
C PRO A 371 7.46 38.12 -29.87
N THR A 372 6.29 38.74 -29.79
CA THR A 372 5.04 38.12 -30.21
C THR A 372 4.87 38.20 -31.72
N LEU A 373 3.93 37.41 -32.25
CA LEU A 373 3.58 37.53 -33.65
C LEU A 373 3.15 38.98 -33.88
N ALA B 12 32.45 -0.34 -14.18
CA ALA B 12 31.83 -0.73 -12.93
C ALA B 12 30.38 -1.18 -13.10
N LYS B 13 29.74 -0.85 -14.22
CA LYS B 13 28.38 -1.32 -14.44
C LYS B 13 28.33 -2.84 -14.41
N LEU B 14 29.40 -3.50 -14.86
CA LEU B 14 29.47 -4.95 -14.78
C LEU B 14 29.25 -5.45 -13.36
N PHE B 15 29.62 -4.66 -12.36
CA PHE B 15 29.52 -5.08 -10.98
C PHE B 15 28.31 -4.52 -10.27
N SER B 16 27.33 -4.02 -11.01
CA SER B 16 26.13 -3.43 -10.44
C SER B 16 24.95 -4.39 -10.58
N PRO B 17 23.91 -4.19 -9.77
CA PRO B 17 22.73 -5.05 -9.82
C PRO B 17 22.01 -5.02 -11.15
N LEU B 18 21.20 -6.06 -11.36
CA LEU B 18 20.42 -6.22 -12.57
C LEU B 18 19.18 -7.03 -12.24
N LYS B 19 18.06 -6.63 -12.79
CA LYS B 19 16.80 -7.37 -12.64
C LYS B 19 16.59 -8.27 -13.85
N VAL B 20 16.56 -9.57 -13.59
CA VAL B 20 16.44 -10.60 -14.59
C VAL B 20 15.09 -11.26 -14.38
N GLY B 21 14.10 -10.83 -15.13
CA GLY B 21 12.76 -11.33 -14.90
C GLY B 21 12.37 -11.07 -13.46
N ALA B 22 11.98 -12.13 -12.74
CA ALA B 22 11.54 -11.99 -11.36
C ALA B 22 12.68 -11.78 -10.38
N VAL B 23 13.92 -11.98 -10.79
CA VAL B 23 15.04 -12.07 -9.87
C VAL B 23 15.94 -10.86 -10.04
N THR B 24 16.39 -10.30 -8.93
CA THR B 24 17.37 -9.23 -8.92
C THR B 24 18.68 -9.80 -8.40
N VAL B 25 19.72 -9.71 -9.22
CA VAL B 25 21.01 -10.32 -8.92
C VAL B 25 22.01 -9.20 -8.67
N PRO B 26 23.04 -9.42 -7.86
CA PRO B 26 23.87 -8.31 -7.38
C PRO B 26 24.97 -7.85 -8.34
N ASN B 27 25.25 -8.59 -9.42
CA ASN B 27 26.23 -8.19 -10.42
C ASN B 27 25.91 -8.95 -11.71
N ARG B 28 26.67 -8.64 -12.76
CA ARG B 28 26.42 -9.20 -14.09
C ARG B 28 27.53 -10.16 -14.54
N VAL B 29 28.28 -10.70 -13.59
CA VAL B 29 29.31 -11.69 -13.87
C VAL B 29 28.68 -13.05 -13.64
N PHE B 30 28.06 -13.59 -14.68
CA PHE B 30 27.31 -14.84 -14.59
C PHE B 30 28.24 -16.02 -14.84
N MET B 31 27.85 -17.19 -14.33
CA MET B 31 28.58 -18.44 -14.57
C MET B 31 27.87 -19.20 -15.68
N ALA B 32 28.55 -19.35 -16.81
CA ALA B 32 27.96 -20.01 -17.95
C ALA B 32 27.66 -21.48 -17.61
N PRO B 33 26.70 -22.08 -18.30
CA PRO B 33 26.43 -23.51 -18.09
C PRO B 33 27.58 -24.35 -18.62
N LEU B 34 28.11 -25.23 -17.77
CA LEU B 34 29.35 -25.98 -18.04
C LEU B 34 29.12 -27.45 -17.73
N THR B 35 29.18 -28.29 -18.77
CA THR B 35 29.06 -29.73 -18.64
C THR B 35 30.34 -30.27 -18.00
N ARG B 36 30.18 -30.92 -16.86
CA ARG B 36 31.30 -31.46 -16.10
C ARG B 36 31.20 -32.97 -15.86
N LEU B 37 30.04 -33.58 -16.11
CA LEU B 37 29.88 -35.04 -16.17
C LEU B 37 30.42 -35.76 -14.94
N ARG B 38 30.01 -35.29 -13.76
CA ARG B 38 30.39 -35.91 -12.51
C ARG B 38 29.18 -36.39 -11.72
N SER B 39 28.05 -36.61 -12.38
CA SER B 39 26.88 -37.08 -11.68
C SER B 39 26.98 -38.59 -11.41
N ILE B 40 26.13 -39.06 -10.52
CA ILE B 40 26.06 -40.47 -10.17
C ILE B 40 25.27 -41.21 -11.22
N GLU B 41 25.80 -42.35 -11.65
CA GLU B 41 25.05 -43.35 -12.39
C GLU B 41 25.01 -44.65 -11.59
N PRO B 42 23.92 -45.40 -11.65
CA PRO B 42 22.69 -45.10 -12.40
C PRO B 42 21.86 -44.01 -11.68
N GLY B 43 20.89 -43.39 -12.36
CA GLY B 43 20.03 -42.40 -11.76
C GLY B 43 20.35 -40.96 -12.13
N ASP B 44 21.59 -40.67 -12.53
CA ASP B 44 21.97 -39.34 -13.03
C ASP B 44 21.76 -38.30 -11.94
N ILE B 45 22.25 -38.62 -10.75
CA ILE B 45 21.92 -37.91 -9.52
C ILE B 45 23.01 -36.88 -9.24
N PRO B 46 22.68 -35.62 -9.03
CA PRO B 46 23.69 -34.66 -8.58
C PRO B 46 24.24 -35.05 -7.21
N THR B 47 25.43 -34.56 -6.93
CA THR B 47 26.21 -34.96 -5.78
C THR B 47 26.53 -33.78 -4.88
N PRO B 48 26.85 -34.05 -3.61
CA PRO B 48 27.32 -32.96 -2.74
C PRO B 48 28.62 -32.36 -3.23
N LEU B 49 29.44 -33.13 -3.96
CA LEU B 49 30.62 -32.54 -4.57
C LEU B 49 30.22 -31.46 -5.55
N MET B 50 29.20 -31.75 -6.38
CA MET B 50 28.68 -30.73 -7.27
C MET B 50 28.12 -29.57 -6.47
N GLY B 51 27.40 -29.87 -5.39
CA GLY B 51 26.92 -28.82 -4.52
C GLY B 51 28.03 -27.91 -4.07
N GLU B 52 29.18 -28.48 -3.70
CA GLU B 52 30.31 -27.67 -3.24
C GLU B 52 30.88 -26.80 -4.37
N TYR B 53 31.07 -27.38 -5.55
CA TYR B 53 31.50 -26.62 -6.72
C TYR B 53 30.62 -25.40 -6.96
N TYR B 54 29.30 -25.58 -6.92
CA TYR B 54 28.43 -24.43 -7.14
C TYR B 54 28.47 -23.46 -5.95
N ARG B 55 28.55 -23.99 -4.73
CA ARG B 55 28.62 -23.12 -3.56
C ARG B 55 29.85 -22.21 -3.62
N GLN B 56 30.99 -22.75 -4.08
CA GLN B 56 32.23 -21.98 -4.16
C GLN B 56 32.10 -20.77 -5.08
N ARG B 57 31.15 -20.79 -5.99
CA ARG B 57 31.00 -19.79 -7.02
C ARG B 57 29.74 -18.94 -6.81
N ALA B 58 29.19 -18.97 -5.60
CA ALA B 58 27.92 -18.30 -5.34
C ALA B 58 28.05 -16.79 -5.25
N SER B 59 29.27 -16.25 -5.31
CA SER B 59 29.43 -14.81 -5.48
C SER B 59 29.08 -14.36 -6.89
N SER B 60 28.95 -15.29 -7.84
CA SER B 60 28.44 -14.95 -9.16
C SER B 60 27.05 -14.34 -9.06
N GLY B 61 26.78 -13.33 -9.88
CA GLY B 61 25.46 -12.75 -9.93
C GLY B 61 24.39 -13.78 -10.21
N LEU B 62 24.66 -14.69 -11.15
CA LEU B 62 23.77 -15.80 -11.45
C LEU B 62 24.61 -17.00 -11.85
N ILE B 63 24.45 -18.10 -11.14
CA ILE B 63 24.96 -19.40 -11.60
C ILE B 63 23.95 -19.99 -12.57
N ILE B 64 24.41 -20.44 -13.72
CA ILE B 64 23.63 -21.25 -14.63
C ILE B 64 24.25 -22.65 -14.60
N THR B 65 23.45 -23.64 -14.21
CA THR B 65 23.99 -24.98 -14.02
C THR B 65 24.39 -25.62 -15.36
N GLU B 66 25.23 -26.63 -15.24
CA GLU B 66 25.43 -27.57 -16.32
C GLU B 66 24.10 -27.99 -16.92
N ALA B 67 24.11 -28.30 -18.21
CA ALA B 67 22.92 -28.78 -18.87
C ALA B 67 22.35 -29.99 -18.14
N THR B 68 21.03 -30.03 -17.98
CA THR B 68 20.37 -31.00 -17.14
C THR B 68 19.18 -31.63 -17.86
N GLN B 69 19.11 -32.97 -17.84
CA GLN B 69 18.06 -33.67 -18.59
C GLN B 69 16.65 -33.35 -18.08
N ILE B 70 15.74 -33.13 -19.03
CA ILE B 70 14.33 -32.97 -18.67
C ILE B 70 13.63 -34.30 -18.46
N SER B 71 14.24 -35.41 -18.87
CA SER B 71 13.62 -36.73 -18.88
C SER B 71 14.73 -37.74 -19.11
N ALA B 72 14.41 -39.01 -18.85
CA ALA B 72 15.35 -40.08 -19.16
C ALA B 72 15.70 -40.08 -20.65
N GLN B 73 14.71 -39.89 -21.51
CA GLN B 73 14.95 -39.88 -22.95
C GLN B 73 15.93 -38.79 -23.36
N ALA B 74 15.97 -37.69 -22.59
CA ALA B 74 16.80 -36.52 -22.93
C ALA B 74 18.29 -36.79 -22.80
N LYS B 75 18.69 -37.85 -22.12
CA LYS B 75 20.10 -38.06 -21.83
C LYS B 75 20.90 -38.34 -23.10
N GLY B 76 22.06 -37.70 -23.20
CA GLY B 76 23.00 -37.96 -24.27
C GLY B 76 24.45 -38.05 -23.82
N TYR B 77 24.70 -37.80 -22.53
CA TYR B 77 26.04 -37.78 -21.96
C TYR B 77 26.04 -38.54 -20.65
N ALA B 78 26.99 -39.46 -20.52
CA ALA B 78 27.18 -40.19 -19.27
C ALA B 78 27.73 -39.22 -18.24
N GLY B 79 27.03 -39.10 -17.12
CA GLY B 79 27.45 -38.23 -16.05
C GLY B 79 26.76 -36.88 -16.03
N ALA B 80 25.91 -36.59 -16.96
CA ALA B 80 25.13 -35.36 -16.88
C ALA B 80 23.89 -35.57 -16.01
N PRO B 81 23.51 -34.59 -15.21
CA PRO B 81 22.40 -34.79 -14.26
C PRO B 81 21.02 -34.65 -14.91
N GLY B 82 20.04 -35.19 -14.20
CA GLY B 82 18.65 -35.06 -14.58
C GLY B 82 17.85 -34.26 -13.58
N LEU B 83 16.68 -33.78 -13.99
CA LEU B 83 15.75 -33.11 -13.11
C LEU B 83 14.36 -33.65 -13.38
N HIS B 84 14.22 -34.96 -13.29
CA HIS B 84 12.95 -35.61 -13.57
C HIS B 84 12.60 -36.73 -12.60
N SER B 85 13.46 -37.08 -11.66
CA SER B 85 13.13 -38.09 -10.67
C SER B 85 13.11 -37.49 -9.27
N PRO B 86 12.39 -38.12 -8.33
CA PRO B 86 12.43 -37.62 -6.96
C PRO B 86 13.83 -37.54 -6.36
N GLU B 87 14.70 -38.52 -6.62
CA GLU B 87 16.07 -38.48 -6.09
C GLU B 87 16.86 -37.33 -6.68
N GLN B 88 16.68 -37.06 -7.97
CA GLN B 88 17.33 -35.93 -8.59
C GLN B 88 16.86 -34.64 -7.96
N ILE B 89 15.55 -34.51 -7.76
CA ILE B 89 14.99 -33.28 -7.20
C ILE B 89 15.55 -33.05 -5.80
N ALA B 90 15.54 -34.10 -4.98
CA ALA B 90 16.05 -33.96 -3.62
C ALA B 90 17.53 -33.57 -3.63
N ALA B 91 18.33 -34.18 -4.51
CA ALA B 91 19.74 -33.82 -4.58
C ALA B 91 19.92 -32.37 -5.05
N TRP B 92 19.16 -31.94 -6.03
CA TRP B 92 19.24 -30.55 -6.46
C TRP B 92 18.76 -29.58 -5.38
N GLN B 93 17.82 -30.00 -4.53
CA GLN B 93 17.37 -29.09 -3.47
C GLN B 93 18.49 -28.79 -2.49
N LYS B 94 19.39 -29.76 -2.21
CA LYS B 94 20.55 -29.45 -1.36
C LYS B 94 21.48 -28.47 -2.04
N ILE B 95 21.66 -28.61 -3.36
CA ILE B 95 22.55 -27.73 -4.11
C ILE B 95 21.99 -26.31 -4.16
N THR B 96 20.70 -26.15 -4.42
CA THR B 96 20.16 -24.79 -4.43
C THR B 96 20.18 -24.18 -3.03
N ALA B 97 19.92 -24.96 -1.98
CA ALA B 97 19.95 -24.42 -0.63
C ALA B 97 21.36 -23.96 -0.27
N GLY B 98 22.39 -24.70 -0.69
CA GLY B 98 23.75 -24.31 -0.38
C GLY B 98 24.13 -23.00 -1.07
N VAL B 99 23.71 -22.82 -2.32
CA VAL B 99 24.01 -21.59 -3.04
C VAL B 99 23.27 -20.42 -2.41
N HIS B 100 21.99 -20.61 -2.07
CA HIS B 100 21.21 -19.53 -1.47
C HIS B 100 21.70 -19.18 -0.06
N ALA B 101 22.31 -20.13 0.65
CA ALA B 101 22.88 -19.79 1.95
C ALA B 101 24.20 -19.04 1.84
N GLU B 102 24.80 -18.95 0.64
CA GLU B 102 25.85 -17.98 0.37
C GLU B 102 25.30 -16.72 -0.24
N ASN B 103 23.99 -16.51 -0.17
CA ASN B 103 23.35 -15.34 -0.77
C ASN B 103 23.58 -15.28 -2.28
N GLY B 104 23.64 -16.43 -2.95
CA GLY B 104 23.76 -16.48 -4.39
C GLY B 104 22.43 -16.78 -5.08
N HIS B 105 22.50 -16.84 -6.41
CA HIS B 105 21.32 -17.08 -7.26
C HIS B 105 21.68 -18.11 -8.31
N ILE B 106 20.71 -18.93 -8.69
CA ILE B 106 21.02 -20.08 -9.53
C ILE B 106 19.86 -20.42 -10.45
N ALA B 107 20.18 -20.62 -11.73
CA ALA B 107 19.26 -21.08 -12.76
C ALA B 107 19.68 -22.47 -13.22
N VAL B 108 18.71 -23.32 -13.55
CA VAL B 108 19.01 -24.64 -14.11
C VAL B 108 18.86 -24.58 -15.63
N GLN B 109 19.92 -24.96 -16.35
CA GLN B 109 19.81 -25.17 -17.79
C GLN B 109 19.21 -26.55 -18.05
N LEU B 110 18.13 -26.57 -18.84
CA LEU B 110 17.41 -27.78 -19.15
C LEU B 110 17.56 -28.13 -20.62
N TRP B 111 17.94 -29.37 -20.93
CA TRP B 111 18.08 -29.77 -22.32
C TRP B 111 17.43 -31.10 -22.61
N HIS B 112 17.21 -31.30 -23.91
CA HIS B 112 17.02 -32.59 -24.53
C HIS B 112 18.10 -32.69 -25.60
N THR B 113 18.95 -33.72 -25.50
CA THR B 113 20.13 -33.77 -26.37
C THR B 113 19.81 -34.20 -27.79
N GLY B 114 18.64 -34.80 -28.00
CA GLY B 114 18.27 -35.17 -29.36
C GLY B 114 19.25 -36.17 -29.92
N ARG B 115 19.68 -35.94 -31.16
CA ARG B 115 20.56 -36.86 -31.85
C ARG B 115 21.99 -36.84 -31.32
N ILE B 116 22.34 -35.91 -30.45
CA ILE B 116 23.68 -35.93 -29.81
C ILE B 116 23.54 -36.78 -28.55
N SER B 117 23.53 -38.09 -28.76
CA SER B 117 23.25 -39.06 -27.72
C SER B 117 23.72 -40.41 -28.21
N HIS B 118 23.53 -41.41 -27.39
CA HIS B 118 24.00 -42.74 -27.70
C HIS B 118 22.97 -43.72 -27.17
N SER B 119 22.65 -44.68 -28.02
CA SER B 119 21.66 -45.69 -27.70
CA SER B 119 21.68 -45.72 -27.70
C SER B 119 21.92 -46.34 -26.34
N SER B 120 23.17 -46.45 -25.94
CA SER B 120 23.42 -47.15 -24.69
C SER B 120 22.92 -46.36 -23.50
N LEU B 121 22.65 -45.05 -23.69
CA LEU B 121 22.18 -44.16 -22.63
C LEU B 121 20.68 -43.96 -22.65
N GLN B 122 19.98 -44.48 -23.65
CA GLN B 122 18.54 -44.26 -23.79
C GLN B 122 17.76 -45.33 -23.05
N PRO B 123 16.56 -44.99 -22.60
CA PRO B 123 15.66 -46.02 -22.08
C PRO B 123 15.56 -47.18 -23.08
N GLY B 124 15.71 -48.41 -22.56
CA GLY B 124 15.58 -49.57 -23.40
C GLY B 124 16.65 -49.75 -24.45
N GLY B 125 17.73 -48.97 -24.39
CA GLY B 125 18.77 -49.05 -25.40
C GLY B 125 18.33 -48.63 -26.77
N ALA B 126 17.23 -47.89 -26.89
CA ALA B 126 16.71 -47.51 -28.19
C ALA B 126 17.54 -46.39 -28.82
N ALA B 127 17.32 -46.16 -30.12
CA ALA B 127 17.93 -45.04 -30.80
C ALA B 127 17.42 -43.73 -30.21
N PRO B 128 18.25 -42.69 -30.09
CA PRO B 128 17.73 -41.41 -29.59
C PRO B 128 16.79 -40.81 -30.63
N VAL B 129 16.10 -39.73 -30.24
CA VAL B 129 15.12 -39.10 -31.09
C VAL B 129 15.66 -37.77 -31.62
N ALA B 130 15.00 -37.24 -32.64
CA ALA B 130 15.41 -36.03 -33.34
C ALA B 130 14.31 -35.61 -34.29
N PRO B 131 14.35 -34.41 -34.87
CA PRO B 131 13.31 -34.06 -35.85
C PRO B 131 13.39 -34.90 -37.11
N SER B 132 14.58 -35.34 -37.51
CA SER B 132 14.78 -36.11 -38.73
C SER B 132 15.84 -37.18 -38.51
N ALA B 133 15.75 -38.25 -39.31
CA ALA B 133 16.64 -39.40 -39.15
C ALA B 133 17.97 -39.13 -39.86
N LEU B 134 18.82 -38.37 -39.19
CA LEU B 134 20.08 -37.90 -39.75
C LEU B 134 21.12 -37.92 -38.64
N SER B 135 22.25 -38.56 -38.90
CA SER B 135 23.32 -38.62 -37.91
C SER B 135 23.83 -37.23 -37.57
N ALA B 136 24.12 -37.01 -36.28
CA ALA B 136 24.74 -35.77 -35.84
C ALA B 136 26.11 -35.56 -36.44
N GLY B 137 26.75 -36.63 -36.91
CA GLY B 137 28.11 -36.53 -37.43
C GLY B 137 29.11 -36.00 -36.42
N THR B 138 28.94 -36.32 -35.15
CA THR B 138 29.88 -35.89 -34.12
C THR B 138 29.87 -36.94 -33.01
N ARG B 139 30.58 -36.64 -31.93
CA ARG B 139 30.67 -37.56 -30.80
C ARG B 139 30.05 -36.96 -29.54
N THR B 140 29.67 -37.85 -28.63
CA THR B 140 29.23 -37.52 -27.28
C THR B 140 30.18 -38.22 -26.32
N SER B 141 29.84 -38.22 -25.03
CA SER B 141 30.73 -38.72 -23.99
C SER B 141 30.04 -39.82 -23.19
N LEU B 142 30.67 -40.98 -23.13
CA LEU B 142 30.25 -42.06 -22.27
C LEU B 142 31.25 -42.18 -21.14
N ARG B 143 31.16 -43.27 -20.38
CA ARG B 143 32.12 -43.61 -19.33
C ARG B 143 32.65 -45.01 -19.62
N ASP B 144 33.94 -45.21 -19.35
CA ASP B 144 34.57 -46.50 -19.54
C ASP B 144 34.37 -47.33 -18.28
N GLU B 145 34.88 -48.57 -18.29
CA GLU B 145 34.57 -49.50 -17.22
C GLU B 145 35.11 -49.01 -15.88
N ASN B 146 36.12 -48.14 -15.87
CA ASN B 146 36.62 -47.55 -14.63
C ASN B 146 35.98 -46.19 -14.34
N GLY B 147 34.93 -45.82 -15.08
CA GLY B 147 34.14 -44.63 -14.79
C GLY B 147 34.65 -43.32 -15.35
N HIS B 148 35.61 -43.34 -16.27
CA HIS B 148 36.19 -42.13 -16.83
C HIS B 148 35.52 -41.81 -18.15
N ALA B 149 35.50 -40.52 -18.48
CA ALA B 149 34.83 -40.05 -19.69
C ALA B 149 35.56 -40.50 -20.96
N ILE B 150 34.78 -40.87 -21.98
CA ILE B 150 35.33 -41.28 -23.26
C ILE B 150 34.45 -40.71 -24.38
N ARG B 151 35.07 -40.40 -25.50
CA ARG B 151 34.38 -39.83 -26.65
C ARG B 151 33.98 -40.93 -27.62
N VAL B 152 32.70 -40.95 -27.99
CA VAL B 152 32.12 -42.03 -28.77
C VAL B 152 31.18 -41.43 -29.81
N ASP B 153 31.21 -41.98 -31.03
CA ASP B 153 30.30 -41.56 -32.09
C ASP B 153 28.84 -41.63 -31.66
N THR B 154 28.07 -40.63 -32.07
CA THR B 154 26.66 -40.62 -31.74
C THR B 154 25.90 -41.66 -32.55
N SER B 155 24.84 -42.20 -31.95
CA SER B 155 23.96 -43.16 -32.61
C SER B 155 23.02 -42.48 -33.60
N MET B 156 22.59 -43.25 -34.60
CA MET B 156 21.64 -42.77 -35.60
C MET B 156 20.27 -42.53 -34.95
N PRO B 157 19.67 -41.35 -35.10
CA PRO B 157 18.42 -41.08 -34.40
C PRO B 157 17.20 -41.59 -35.15
N ARG B 158 16.13 -41.77 -34.36
CA ARG B 158 14.78 -41.94 -34.89
C ARG B 158 14.12 -40.57 -35.02
N ALA B 159 13.33 -40.42 -36.07
CA ALA B 159 12.58 -39.19 -36.30
C ALA B 159 11.33 -39.18 -35.43
N LEU B 160 11.08 -38.08 -34.74
CA LEU B 160 9.88 -37.96 -33.93
C LEU B 160 8.64 -37.95 -34.81
N GLU B 161 7.67 -38.80 -34.49
CA GLU B 161 6.35 -38.68 -35.10
C GLU B 161 5.73 -37.35 -34.69
N THR B 162 4.80 -36.86 -35.52
CA THR B 162 4.18 -35.59 -35.21
C THR B 162 3.45 -35.67 -33.87
N ALA B 163 2.82 -36.80 -33.58
CA ALA B 163 2.06 -36.96 -32.34
C ALA B 163 2.95 -37.10 -31.10
N GLU B 164 4.27 -37.18 -31.26
CA GLU B 164 5.18 -37.20 -30.14
C GLU B 164 5.68 -35.81 -29.74
N ILE B 165 5.42 -34.79 -30.54
CA ILE B 165 5.97 -33.46 -30.26
C ILE B 165 5.29 -32.89 -29.01
N PRO B 166 3.99 -33.06 -28.80
CA PRO B 166 3.43 -32.63 -27.51
C PRO B 166 4.17 -33.21 -26.32
N GLY B 167 4.59 -34.48 -26.42
CA GLY B 167 5.28 -35.11 -25.31
C GLY B 167 6.61 -34.47 -24.97
N ILE B 168 7.32 -34.01 -26.00
CA ILE B 168 8.53 -33.24 -25.78
C ILE B 168 8.20 -31.96 -25.01
N VAL B 169 7.14 -31.28 -25.44
CA VAL B 169 6.72 -30.06 -24.77
C VAL B 169 6.35 -30.34 -23.32
N ASN B 170 5.52 -31.36 -23.11
CA ASN B 170 5.09 -31.74 -21.77
C ASN B 170 6.28 -32.12 -20.89
N ASP B 171 7.37 -32.67 -21.44
CA ASP B 171 8.51 -33.01 -20.60
C ASP B 171 9.28 -31.77 -20.18
N PHE B 172 9.42 -30.78 -21.07
CA PHE B 172 9.99 -29.51 -20.67
C PHE B 172 9.13 -28.87 -19.59
N ARG B 173 7.81 -28.98 -19.74
CA ARG B 173 6.89 -28.38 -18.78
C ARG B 173 7.07 -28.97 -17.40
N GLN B 174 7.09 -30.30 -17.32
CA GLN B 174 7.23 -30.96 -16.01
C GLN B 174 8.62 -30.70 -15.43
N ALA B 175 9.63 -30.63 -16.29
CA ALA B 175 10.98 -30.33 -15.82
C ALA B 175 11.05 -28.95 -15.20
N VAL B 176 10.34 -27.97 -15.77
CA VAL B 176 10.34 -26.63 -15.21
C VAL B 176 9.56 -26.60 -13.91
N GLY B 177 8.47 -27.37 -13.83
CA GLY B 177 7.78 -27.53 -12.56
C GLY B 177 8.71 -28.07 -11.48
N ASN B 178 9.48 -29.11 -11.80
CA ASN B 178 10.44 -29.67 -10.85
C ASN B 178 11.51 -28.64 -10.48
N ALA B 179 11.91 -27.83 -11.45
CA ALA B 179 12.91 -26.79 -11.18
C ALA B 179 12.39 -25.82 -10.14
N ARG B 180 11.15 -25.38 -10.30
CA ARG B 180 10.52 -24.52 -9.31
C ARG B 180 10.47 -25.22 -7.95
N ASP B 181 10.03 -26.48 -7.93
CA ASP B 181 9.95 -27.21 -6.66
C ASP B 181 11.34 -27.40 -6.05
N ALA B 182 12.37 -27.54 -6.88
CA ALA B 182 13.73 -27.77 -6.39
C ALA B 182 14.39 -26.49 -5.87
N GLY B 183 13.72 -25.35 -5.98
CA GLY B 183 14.23 -24.10 -5.43
C GLY B 183 15.11 -23.28 -6.35
N PHE B 184 15.18 -23.59 -7.64
CA PHE B 184 15.91 -22.72 -8.55
C PHE B 184 15.20 -21.36 -8.67
N ASP B 185 15.97 -20.33 -9.02
CA ASP B 185 15.44 -18.98 -9.22
C ASP B 185 14.91 -18.76 -10.63
N LEU B 186 15.55 -19.39 -11.63
CA LEU B 186 15.20 -19.28 -13.04
C LEU B 186 15.47 -20.63 -13.70
N VAL B 187 14.96 -20.80 -14.93
CA VAL B 187 15.38 -21.89 -15.80
C VAL B 187 15.91 -21.28 -17.09
N GLU B 188 16.79 -22.03 -17.77
CA GLU B 188 17.32 -21.68 -19.08
C GLU B 188 17.05 -22.83 -20.05
N LEU B 189 16.22 -22.58 -21.06
CA LEU B 189 15.96 -23.59 -22.07
C LEU B 189 17.17 -23.70 -23.00
N HIS B 190 17.64 -24.91 -23.23
CA HIS B 190 18.85 -25.10 -24.04
C HIS B 190 18.42 -25.22 -25.49
N SER B 191 18.44 -24.08 -26.20
CA SER B 191 18.05 -24.03 -27.60
C SER B 191 19.25 -23.76 -28.51
N ALA B 192 20.44 -24.18 -28.08
CA ALA B 192 21.69 -23.87 -28.73
C ALA B 192 22.49 -25.14 -28.98
N HIS B 193 23.66 -24.95 -29.60
CA HIS B 193 24.76 -25.91 -29.66
C HIS B 193 24.35 -27.26 -30.23
N GLY B 194 23.33 -27.28 -31.08
CA GLY B 194 23.01 -28.50 -31.80
C GLY B 194 22.19 -29.52 -31.04
N TYR B 195 21.57 -29.17 -29.91
CA TYR B 195 20.75 -30.13 -29.18
C TYR B 195 19.33 -30.11 -29.75
N LEU B 196 18.37 -30.76 -29.07
CA LEU B 196 17.10 -31.06 -29.74
C LEU B 196 16.43 -29.81 -30.26
N LEU B 197 16.31 -28.78 -29.42
CA LEU B 197 15.59 -27.59 -29.87
C LEU B 197 16.29 -26.95 -31.06
N HIS B 198 17.61 -26.84 -31.02
CA HIS B 198 18.36 -26.29 -32.13
C HIS B 198 18.28 -27.17 -33.37
N GLN B 199 18.17 -28.50 -33.19
CA GLN B 199 17.98 -29.40 -34.34
C GLN B 199 16.68 -29.08 -35.08
N PHE B 200 15.60 -28.83 -34.34
CA PHE B 200 14.34 -28.43 -34.99
C PHE B 200 14.49 -27.06 -35.66
N LEU B 201 15.22 -26.15 -35.02
CA LEU B 201 15.40 -24.81 -35.57
C LEU B 201 16.18 -24.82 -36.88
N SER B 202 17.14 -25.77 -37.04
CA SER B 202 18.11 -25.68 -38.14
C SER B 202 17.61 -26.42 -39.37
N PRO B 203 17.70 -25.81 -40.56
CA PRO B 203 17.28 -26.52 -41.77
C PRO B 203 18.22 -27.65 -42.16
N SER B 204 19.45 -27.65 -41.66
CA SER B 204 20.36 -28.75 -42.00
C SER B 204 20.05 -30.01 -41.20
N ALA B 205 19.49 -29.89 -39.99
CA ALA B 205 19.12 -31.05 -39.18
C ALA B 205 17.64 -31.41 -39.28
N ASN B 206 16.82 -30.47 -39.70
CA ASN B 206 15.37 -30.63 -39.72
C ASN B 206 14.94 -30.67 -41.18
N GLN B 207 14.48 -31.84 -41.62
CA GLN B 207 13.95 -32.04 -42.97
C GLN B 207 12.48 -32.46 -42.90
N ARG B 208 11.80 -32.13 -41.81
CA ARG B 208 10.44 -32.61 -41.65
C ARG B 208 9.52 -31.95 -42.68
N THR B 209 8.42 -32.64 -42.99
CA THR B 209 7.41 -32.10 -43.88
C THR B 209 6.08 -31.84 -43.18
N ASP B 210 6.03 -31.94 -41.85
CA ASP B 210 4.83 -31.58 -41.10
C ASP B 210 4.94 -30.11 -40.68
N GLN B 211 4.08 -29.66 -39.76
CA GLN B 211 4.11 -28.25 -39.35
C GLN B 211 5.36 -27.90 -38.55
N TYR B 212 6.25 -28.86 -38.27
CA TYR B 212 7.44 -28.61 -37.48
C TYR B 212 8.70 -28.51 -38.32
N GLY B 213 8.57 -28.47 -39.65
CA GLY B 213 9.73 -28.28 -40.52
C GLY B 213 9.42 -27.52 -41.79
N GLY B 214 10.50 -27.16 -42.50
CA GLY B 214 10.40 -26.37 -43.71
C GLY B 214 10.63 -24.91 -43.45
N SER B 215 9.55 -24.13 -43.40
CA SER B 215 9.65 -22.70 -43.14
C SER B 215 10.20 -22.44 -41.74
N VAL B 216 10.73 -21.23 -41.54
CA VAL B 216 11.31 -20.88 -40.25
C VAL B 216 10.24 -20.78 -39.18
N GLU B 217 9.01 -20.36 -39.56
CA GLU B 217 7.89 -20.43 -38.63
C GLU B 217 7.73 -21.85 -38.11
N ASN B 218 7.74 -22.82 -39.02
CA ASN B 218 7.59 -24.23 -38.65
C ASN B 218 8.79 -24.74 -37.88
N ARG B 219 9.98 -24.31 -38.26
CA ARG B 219 11.16 -24.80 -37.56
C ARG B 219 11.24 -24.24 -36.14
N ALA B 220 10.80 -22.99 -35.94
CA ALA B 220 10.74 -22.42 -34.60
C ALA B 220 9.48 -22.83 -33.85
N ARG B 221 8.57 -23.56 -34.49
CA ARG B 221 7.29 -23.86 -33.87
C ARG B 221 7.47 -24.60 -32.55
N LEU B 222 8.42 -25.55 -32.49
CA LEU B 222 8.57 -26.35 -31.28
C LEU B 222 9.09 -25.52 -30.13
N VAL B 223 10.19 -24.81 -30.34
CA VAL B 223 10.80 -24.07 -29.24
C VAL B 223 9.84 -23.00 -28.70
N LEU B 224 8.94 -22.47 -29.53
CA LEU B 224 7.98 -21.49 -29.03
C LEU B 224 6.81 -22.15 -28.32
N GLU B 225 6.41 -23.35 -28.75
CA GLU B 225 5.47 -24.11 -27.95
C GLU B 225 6.05 -24.42 -26.57
N VAL B 226 7.34 -24.74 -26.53
CA VAL B 226 8.01 -24.99 -25.24
C VAL B 226 7.98 -23.72 -24.38
N VAL B 227 8.39 -22.59 -24.95
CA VAL B 227 8.38 -21.36 -24.17
C VAL B 227 6.97 -21.09 -23.65
N ASP B 228 5.94 -21.25 -24.50
CA ASP B 228 4.58 -21.04 -24.03
C ASP B 228 4.25 -21.98 -22.87
N ALA B 229 4.54 -23.27 -23.04
CA ALA B 229 4.17 -24.24 -22.02
C ALA B 229 4.88 -23.99 -20.70
N VAL B 230 6.18 -23.69 -20.73
CA VAL B 230 6.87 -23.55 -19.45
C VAL B 230 6.54 -22.22 -18.80
N SER B 231 6.17 -21.22 -19.61
CA SER B 231 5.72 -19.94 -19.07
C SER B 231 4.40 -20.10 -18.33
N GLN B 232 3.48 -20.91 -18.87
CA GLN B 232 2.23 -21.17 -18.18
C GLN B 232 2.43 -22.03 -16.93
N GLU B 233 3.37 -22.99 -16.97
CA GLU B 233 3.64 -23.81 -15.79
C GLU B 233 4.17 -22.98 -14.62
N TRP B 234 5.09 -22.04 -14.89
CA TRP B 234 5.65 -21.20 -13.85
C TRP B 234 5.30 -19.76 -14.18
N SER B 235 6.21 -19.00 -14.78
CA SER B 235 5.94 -17.64 -15.23
C SER B 235 6.93 -17.31 -16.34
N ALA B 236 6.48 -16.51 -17.31
CA ALA B 236 7.41 -16.06 -18.34
C ALA B 236 8.62 -15.38 -17.72
N GLU B 237 8.43 -14.71 -16.58
CA GLU B 237 9.49 -14.00 -15.87
C GLU B 237 10.51 -14.91 -15.21
N ARG B 238 10.31 -16.23 -15.30
CA ARG B 238 11.27 -17.20 -14.79
C ARG B 238 12.02 -17.94 -15.91
N ILE B 239 11.77 -17.61 -17.17
CA ILE B 239 12.20 -18.42 -18.31
C ILE B 239 13.27 -17.67 -19.09
N GLY B 240 14.51 -18.18 -19.04
CA GLY B 240 15.53 -17.78 -19.97
C GLY B 240 15.70 -18.80 -21.09
N ILE B 241 16.47 -18.42 -22.10
CA ILE B 241 16.72 -19.30 -23.24
C ILE B 241 18.12 -19.03 -23.77
N ARG B 242 18.84 -20.10 -24.09
CA ARG B 242 20.13 -19.98 -24.74
C ARG B 242 20.00 -20.32 -26.21
N VAL B 243 20.55 -19.46 -27.05
CA VAL B 243 20.55 -19.66 -28.50
C VAL B 243 21.98 -19.54 -29.00
N SER B 244 22.25 -20.20 -30.12
CA SER B 244 23.51 -20.06 -30.85
C SER B 244 23.14 -19.97 -32.33
N PRO B 245 22.48 -18.89 -32.73
CA PRO B 245 21.75 -18.86 -34.00
C PRO B 245 22.54 -18.33 -35.19
N ILE B 246 23.79 -17.91 -34.97
CA ILE B 246 24.72 -17.53 -36.03
C ILE B 246 25.93 -18.44 -35.96
N GLY B 247 26.23 -19.10 -37.06
CA GLY B 247 27.38 -19.96 -37.15
C GLY B 247 27.02 -21.42 -37.18
N SER B 248 28.00 -22.24 -36.82
CA SER B 248 27.90 -23.70 -36.85
C SER B 248 28.38 -24.24 -35.52
N PHE B 249 27.61 -25.17 -34.94
CA PHE B 249 27.92 -25.72 -33.63
C PHE B 249 27.71 -27.22 -33.66
N GLN B 250 28.73 -27.97 -33.27
CA GLN B 250 28.69 -29.43 -33.27
C GLN B 250 27.99 -29.95 -34.52
N ASN B 251 28.42 -29.41 -35.66
CA ASN B 251 28.02 -29.88 -36.97
C ASN B 251 26.59 -29.52 -37.33
N VAL B 252 25.95 -28.63 -36.56
CA VAL B 252 24.64 -28.08 -36.90
C VAL B 252 24.86 -26.63 -37.30
N ASP B 253 24.55 -26.30 -38.54
CA ASP B 253 24.61 -24.92 -38.98
C ASP B 253 23.21 -24.34 -38.99
N ASN B 254 23.14 -23.01 -39.09
CA ASN B 254 21.89 -22.30 -38.98
C ASN B 254 21.29 -21.94 -40.32
N GLY B 255 21.84 -22.46 -41.40
CA GLY B 255 21.26 -22.28 -42.71
C GLY B 255 21.77 -21.04 -43.40
N PRO B 256 21.47 -20.93 -44.70
CA PRO B 256 21.95 -19.76 -45.45
C PRO B 256 21.27 -18.48 -45.03
N ASN B 257 20.09 -18.55 -44.44
CA ASN B 257 19.30 -17.38 -44.06
C ASN B 257 19.38 -17.10 -42.57
N GLU B 258 20.56 -17.29 -41.96
CA GLU B 258 20.63 -17.39 -40.51
C GLU B 258 20.28 -16.08 -39.82
N GLU B 259 20.74 -14.95 -40.36
CA GLU B 259 20.51 -13.67 -39.69
C GLU B 259 19.02 -13.37 -39.57
N GLU B 260 18.30 -13.37 -40.70
CA GLU B 260 16.87 -13.08 -40.65
C GLU B 260 16.12 -14.10 -39.80
N ASP B 261 16.49 -15.37 -39.91
CA ASP B 261 15.82 -16.41 -39.14
C ASP B 261 16.03 -16.18 -37.64
N ALA B 262 17.26 -15.82 -37.25
CA ALA B 262 17.53 -15.50 -35.86
C ALA B 262 16.67 -14.35 -35.38
N LEU B 263 16.55 -13.30 -36.20
CA LEU B 263 15.78 -12.14 -35.77
C LEU B 263 14.30 -12.46 -35.65
N TYR B 264 13.79 -13.30 -36.55
CA TYR B 264 12.43 -13.78 -36.40
C TYR B 264 12.24 -14.45 -35.04
N LEU B 265 13.11 -15.41 -34.71
CA LEU B 265 13.00 -16.11 -33.44
C LEU B 265 13.04 -15.14 -32.28
N ILE B 266 14.01 -14.23 -32.31
CA ILE B 266 14.19 -13.31 -31.19
C ILE B 266 12.96 -12.42 -31.02
N SER B 267 12.34 -12.03 -32.13
CA SER B 267 11.11 -11.23 -32.03
C SER B 267 10.01 -12.02 -31.36
N GLU B 268 9.84 -13.29 -31.73
CA GLU B 268 8.79 -14.11 -31.15
C GLU B 268 9.04 -14.37 -29.67
N LEU B 269 10.31 -14.42 -29.26
CA LEU B 269 10.62 -14.58 -27.85
C LEU B 269 10.29 -13.32 -27.08
N ALA B 270 10.55 -12.15 -27.67
CA ALA B 270 10.23 -10.90 -26.98
C ALA B 270 8.73 -10.79 -26.75
N LYS B 271 7.93 -11.23 -27.72
CA LYS B 271 6.48 -11.15 -27.59
C LYS B 271 5.97 -11.97 -26.43
N ARG B 272 6.73 -12.99 -26.03
CA ARG B 272 6.32 -13.88 -24.95
C ARG B 272 6.86 -13.44 -23.60
N GLY B 273 7.62 -12.34 -23.57
CA GLY B 273 7.95 -11.68 -22.32
C GLY B 273 8.92 -12.44 -21.44
N ILE B 274 9.81 -13.24 -22.02
CA ILE B 274 10.67 -14.09 -21.23
C ILE B 274 11.72 -13.27 -20.47
N ALA B 275 12.31 -13.90 -19.46
CA ALA B 275 13.25 -13.20 -18.59
C ALA B 275 14.55 -12.83 -19.27
N TYR B 276 15.05 -13.65 -20.19
CA TYR B 276 16.32 -13.26 -20.79
C TYR B 276 16.63 -14.06 -22.04
N LEU B 277 17.57 -13.49 -22.81
CA LEU B 277 18.09 -14.04 -24.04
C LEU B 277 19.60 -14.18 -23.87
N HIS B 278 20.07 -15.41 -23.92
CA HIS B 278 21.48 -15.74 -23.69
C HIS B 278 22.03 -16.21 -25.03
N MET B 279 22.98 -15.47 -25.57
CA MET B 279 23.50 -15.72 -26.91
C MET B 279 24.91 -16.27 -26.81
N SER B 280 25.09 -17.50 -27.28
CA SER B 280 26.40 -18.16 -27.36
C SER B 280 26.99 -17.82 -28.73
N GLU B 281 28.07 -17.06 -28.73
CA GLU B 281 28.69 -16.53 -29.93
C GLU B 281 29.67 -17.53 -30.53
N PRO B 282 29.98 -17.40 -31.83
CA PRO B 282 30.88 -18.39 -32.47
C PRO B 282 32.32 -18.35 -31.98
N ASP B 283 32.82 -17.18 -31.57
CA ASP B 283 34.13 -17.09 -30.93
C ASP B 283 34.27 -18.08 -29.77
N GLY B 287 35.09 -19.13 -35.46
CA GLY B 287 33.88 -18.48 -35.93
C GLY B 287 33.97 -16.96 -35.95
N LYS B 288 33.08 -16.32 -36.75
CA LYS B 288 33.08 -14.86 -36.93
C LYS B 288 32.31 -14.17 -35.81
N PRO B 289 32.91 -13.18 -35.13
CA PRO B 289 32.21 -12.55 -33.99
C PRO B 289 31.07 -11.65 -34.43
N TYR B 290 30.09 -11.49 -33.53
CA TYR B 290 28.92 -10.68 -33.82
C TYR B 290 29.34 -9.25 -34.16
N SER B 291 28.70 -8.69 -35.18
CA SER B 291 28.89 -7.29 -35.48
C SER B 291 27.97 -6.43 -34.61
N GLU B 292 28.46 -5.23 -34.27
CA GLU B 292 27.61 -4.33 -33.49
C GLU B 292 26.32 -4.01 -34.23
N ALA B 293 26.34 -4.07 -35.55
CA ALA B 293 25.11 -3.86 -36.32
C ALA B 293 24.10 -4.97 -36.03
N PHE B 294 24.58 -6.22 -35.96
CA PHE B 294 23.69 -7.33 -35.63
C PHE B 294 23.20 -7.23 -34.19
N ARG B 295 24.12 -6.98 -33.25
CA ARG B 295 23.73 -6.79 -31.87
C ARG B 295 22.59 -5.79 -31.76
N GLN B 296 22.71 -4.67 -32.46
CA GLN B 296 21.70 -3.62 -32.35
C GLN B 296 20.37 -4.07 -32.92
N LYS B 297 20.39 -4.84 -34.02
CA LYS B 297 19.14 -5.39 -34.55
C LYS B 297 18.49 -6.33 -33.54
N VAL B 298 19.31 -7.08 -32.79
CA VAL B 298 18.80 -7.96 -31.76
C VAL B 298 18.20 -7.14 -30.64
N ARG B 299 18.98 -6.18 -30.13
CA ARG B 299 18.47 -5.29 -29.09
C ARG B 299 17.21 -4.56 -29.54
N ASP B 300 17.17 -4.11 -30.81
CA ASP B 300 15.97 -3.45 -31.30
C ASP B 300 14.74 -4.31 -31.10
N ARG B 301 14.89 -5.64 -31.27
CA ARG B 301 13.77 -6.55 -31.21
C ARG B 301 13.52 -7.13 -29.83
N PHE B 302 14.48 -6.99 -28.92
CA PHE B 302 14.44 -7.66 -27.62
C PHE B 302 14.92 -6.68 -26.57
N PRO B 303 14.00 -5.96 -25.92
CA PRO B 303 14.42 -5.00 -24.89
C PRO B 303 14.79 -5.63 -23.56
N GLY B 304 14.47 -6.89 -23.33
CA GLY B 304 14.79 -7.53 -22.06
C GLY B 304 16.27 -7.84 -21.92
N VAL B 305 16.58 -8.57 -20.84
CA VAL B 305 17.97 -8.87 -20.52
C VAL B 305 18.59 -9.71 -21.64
N ILE B 306 19.74 -9.28 -22.12
CA ILE B 306 20.54 -10.04 -23.07
C ILE B 306 21.83 -10.40 -22.35
N ILE B 307 22.14 -11.69 -22.32
CA ILE B 307 23.39 -12.19 -21.77
C ILE B 307 24.28 -12.56 -22.93
N GLY B 308 25.52 -12.08 -22.89
CA GLY B 308 26.50 -12.38 -23.93
C GLY B 308 27.51 -13.39 -23.44
N ALA B 309 27.98 -14.25 -24.33
CA ALA B 309 28.92 -15.28 -23.94
C ALA B 309 29.76 -15.71 -25.11
N GLY B 310 31.00 -16.06 -24.82
CA GLY B 310 31.92 -16.57 -25.84
C GLY B 310 33.14 -15.70 -26.01
N ALA B 311 34.20 -15.99 -25.24
CA ALA B 311 35.47 -15.29 -25.39
C ALA B 311 35.29 -13.80 -25.10
N TYR B 312 35.05 -13.53 -23.82
CA TYR B 312 34.76 -12.19 -23.35
C TYR B 312 35.88 -11.73 -22.43
N THR B 313 36.38 -10.53 -22.69
CA THR B 313 37.25 -9.83 -21.75
C THR B 313 36.37 -9.01 -20.81
N VAL B 314 36.99 -8.47 -19.77
CA VAL B 314 36.29 -7.47 -18.96
C VAL B 314 35.99 -6.24 -19.81
N GLU B 315 36.92 -5.88 -20.69
CA GLU B 315 36.73 -4.66 -21.48
C GLU B 315 35.64 -4.85 -22.54
N LYS B 316 35.65 -6.00 -23.21
CA LYS B 316 34.56 -6.29 -24.15
C LYS B 316 33.22 -6.23 -23.45
N ALA B 317 33.16 -6.82 -22.25
CA ALA B 317 31.94 -6.79 -21.43
C ALA B 317 31.51 -5.35 -21.16
N ASN B 318 32.40 -4.57 -20.55
CA ASN B 318 32.07 -3.18 -20.22
C ASN B 318 31.62 -2.42 -21.46
N ASP B 319 32.31 -2.64 -22.58
CA ASP B 319 32.00 -1.89 -23.79
C ASP B 319 30.61 -2.21 -24.32
N LEU B 320 30.26 -3.49 -24.35
CA LEU B 320 28.93 -3.84 -24.85
C LEU B 320 27.83 -3.48 -23.85
N ILE B 321 28.13 -3.52 -22.55
CA ILE B 321 27.12 -3.13 -21.57
C ILE B 321 26.88 -1.63 -21.63
N ASN B 322 27.97 -0.85 -21.59
CA ASN B 322 27.83 0.61 -21.68
C ASN B 322 27.15 1.03 -22.97
N LYS B 323 27.29 0.25 -24.04
CA LYS B 323 26.55 0.48 -25.26
C LYS B 323 25.08 0.07 -25.18
N GLY B 324 24.67 -0.59 -24.10
CA GLY B 324 23.32 -1.08 -24.00
C GLY B 324 23.00 -2.23 -24.93
N LEU B 325 24.01 -2.85 -25.52
CA LEU B 325 23.78 -3.94 -26.45
C LEU B 325 23.56 -5.26 -25.73
N ILE B 326 24.25 -5.48 -24.60
CA ILE B 326 23.96 -6.57 -23.69
C ILE B 326 23.86 -6.02 -22.27
N ASP B 327 23.39 -6.87 -21.36
CA ASP B 327 23.20 -6.51 -19.97
C ASP B 327 24.06 -7.31 -19.01
N ALA B 328 24.47 -8.52 -19.37
CA ALA B 328 25.32 -9.31 -18.51
C ALA B 328 26.18 -10.22 -19.37
N VAL B 329 27.21 -10.79 -18.75
CA VAL B 329 28.15 -11.67 -19.43
C VAL B 329 28.28 -12.97 -18.64
N ALA B 330 28.20 -14.09 -19.36
CA ALA B 330 28.40 -15.42 -18.78
C ALA B 330 29.80 -15.91 -19.13
N PHE B 331 30.60 -16.20 -18.11
CA PHE B 331 31.95 -16.70 -18.27
C PHE B 331 31.96 -18.21 -18.07
N GLY B 332 32.63 -18.93 -18.96
CA GLY B 332 32.66 -20.38 -18.95
C GLY B 332 33.96 -20.86 -18.33
N ARG B 333 34.99 -21.05 -19.17
CA ARG B 333 36.20 -21.68 -18.69
C ARG B 333 36.84 -20.90 -17.56
N ASP B 334 36.78 -19.58 -17.60
CA ASP B 334 37.33 -18.81 -16.49
C ASP B 334 36.65 -19.15 -15.18
N TYR B 335 35.37 -19.54 -15.22
CA TYR B 335 34.70 -19.87 -13.97
C TYR B 335 35.05 -21.28 -13.49
N ILE B 336 35.33 -22.19 -14.42
CA ILE B 336 35.87 -23.49 -14.00
C ILE B 336 37.07 -23.30 -13.09
N ALA B 337 37.94 -22.36 -13.43
CA ALA B 337 39.25 -22.24 -12.77
C ALA B 337 39.28 -21.19 -11.66
N ASN B 338 38.27 -20.31 -11.56
CA ASN B 338 38.27 -19.22 -10.60
C ASN B 338 36.94 -19.14 -9.87
N PRO B 339 36.82 -19.81 -8.71
CA PRO B 339 35.55 -19.71 -7.98
C PRO B 339 35.22 -18.29 -7.58
N ASP B 340 36.21 -17.50 -7.18
CA ASP B 340 36.02 -16.08 -6.87
C ASP B 340 36.29 -15.17 -8.07
N LEU B 341 35.79 -15.56 -9.25
CA LEU B 341 36.01 -14.75 -10.45
C LEU B 341 35.56 -13.31 -10.27
N VAL B 342 34.46 -13.08 -9.53
CA VAL B 342 33.95 -11.72 -9.37
C VAL B 342 34.99 -10.84 -8.68
N ALA B 343 35.51 -11.29 -7.54
CA ALA B 343 36.54 -10.51 -6.85
C ALA B 343 37.79 -10.32 -7.72
N ARG B 344 38.17 -11.35 -8.49
CA ARG B 344 39.39 -11.25 -9.29
C ARG B 344 39.25 -10.20 -10.38
N LEU B 345 38.15 -10.26 -11.13
CA LEU B 345 37.91 -9.26 -12.16
C LEU B 345 37.80 -7.87 -11.56
N GLN B 346 37.12 -7.77 -10.43
CA GLN B 346 36.92 -6.49 -9.77
C GLN B 346 38.23 -5.90 -9.27
N LYS B 347 39.23 -6.74 -9.01
CA LYS B 347 40.51 -6.28 -8.49
C LYS B 347 41.60 -6.26 -9.54
N LYS B 348 41.26 -6.39 -10.82
CA LYS B 348 42.26 -6.49 -11.88
C LYS B 348 43.36 -7.45 -11.45
N ALA B 349 42.96 -8.58 -10.88
CA ALA B 349 43.87 -9.59 -10.34
C ALA B 349 44.02 -10.74 -11.33
N PRO B 350 45.06 -11.56 -11.17
CA PRO B 350 45.31 -12.60 -12.16
C PRO B 350 44.45 -13.82 -11.88
N LEU B 351 44.20 -14.58 -12.94
CA LEU B 351 43.36 -15.76 -12.89
C LEU B 351 44.21 -17.01 -12.71
N ASN B 352 43.61 -18.01 -12.06
CA ASN B 352 44.22 -19.33 -12.00
C ASN B 352 44.34 -19.89 -13.41
N PRO B 353 45.33 -20.74 -13.66
CA PRO B 353 45.37 -21.45 -14.94
C PRO B 353 44.40 -22.63 -14.95
N GLN B 354 43.79 -22.85 -16.12
CA GLN B 354 42.81 -23.90 -16.32
C GLN B 354 43.50 -25.24 -16.56
N ARG B 355 42.91 -26.30 -16.02
CA ARG B 355 43.41 -27.66 -16.24
C ARG B 355 42.40 -28.42 -17.09
N PRO B 356 42.44 -28.26 -18.41
CA PRO B 356 41.40 -28.87 -19.25
C PRO B 356 41.33 -30.38 -19.15
N GLU B 357 42.38 -31.04 -18.65
CA GLU B 357 42.37 -32.49 -18.60
C GLU B 357 41.34 -33.02 -17.60
N SER B 358 40.88 -32.17 -16.67
CA SER B 358 39.90 -32.56 -15.66
C SER B 358 38.58 -31.80 -15.80
N PHE B 359 38.32 -31.23 -16.98
CA PHE B 359 37.03 -30.60 -17.23
C PHE B 359 35.90 -31.63 -17.17
N TYR B 360 36.10 -32.78 -17.80
CA TYR B 360 35.05 -33.76 -18.02
C TYR B 360 35.31 -34.99 -17.17
N GLY B 361 34.35 -35.34 -16.33
CA GLY B 361 34.46 -36.53 -15.51
C GLY B 361 35.42 -36.38 -14.35
N GLY B 362 35.57 -37.47 -13.61
CA GLY B 362 36.45 -37.51 -12.47
C GLY B 362 35.77 -37.12 -11.18
N GLY B 363 36.51 -36.42 -10.32
CA GLY B 363 36.03 -36.01 -9.03
C GLY B 363 36.53 -34.64 -8.64
N ALA B 364 37.01 -34.48 -7.40
CA ALA B 364 37.30 -33.16 -6.86
C ALA B 364 38.45 -32.48 -7.60
N GLU B 365 39.46 -33.24 -8.03
CA GLU B 365 40.60 -32.62 -8.68
C GLU B 365 40.17 -31.98 -9.98
N GLY B 366 40.60 -30.73 -10.19
CA GLY B 366 40.14 -29.99 -11.34
C GLY B 366 38.70 -29.55 -11.28
N TYR B 367 38.10 -29.61 -10.09
CA TYR B 367 36.68 -29.32 -9.91
C TYR B 367 36.48 -28.38 -8.72
N THR B 368 36.84 -28.83 -7.52
CA THR B 368 36.71 -28.03 -6.31
C THR B 368 38.06 -27.62 -5.71
N ASP B 369 39.17 -27.82 -6.41
CA ASP B 369 40.49 -27.53 -5.86
C ASP B 369 41.15 -26.31 -6.48
N TYR B 370 40.46 -25.58 -7.35
CA TYR B 370 40.99 -24.29 -7.77
C TYR B 370 40.85 -23.30 -6.61
N PRO B 371 41.90 -22.56 -6.26
CA PRO B 371 41.85 -21.74 -5.04
C PRO B 371 41.33 -20.32 -5.28
N THR B 372 40.88 -19.71 -4.19
CA THR B 372 40.56 -18.29 -4.21
C THR B 372 41.80 -17.46 -3.90
N LEU B 373 41.72 -16.17 -4.23
CA LEU B 373 42.66 -15.17 -3.71
C LEU B 373 42.76 -15.22 -2.19
N ALA C 12 -37.57 44.18 27.92
CA ALA C 12 -36.51 43.63 28.77
C ALA C 12 -35.72 42.50 28.09
N LYS C 13 -36.31 41.84 27.09
CA LYS C 13 -35.57 40.79 26.41
C LYS C 13 -34.39 41.37 25.65
N LEU C 14 -34.54 42.61 25.16
CA LEU C 14 -33.44 43.33 24.54
C LEU C 14 -32.19 43.34 25.40
N PHE C 15 -32.35 43.27 26.73
CA PHE C 15 -31.21 43.34 27.64
C PHE C 15 -30.80 41.98 28.16
N SER C 16 -31.25 40.92 27.53
CA SER C 16 -30.93 39.57 27.95
C SER C 16 -29.82 38.98 27.08
N PRO C 17 -29.08 38.02 27.61
CA PRO C 17 -28.02 37.36 26.84
C PRO C 17 -28.50 36.71 25.54
N LEU C 18 -27.53 36.44 24.67
CA LEU C 18 -27.78 35.84 23.38
C LEU C 18 -26.53 35.06 22.98
N LYS C 19 -26.71 33.83 22.53
CA LYS C 19 -25.62 33.08 21.94
C LYS C 19 -25.58 33.40 20.45
N VAL C 20 -24.42 33.88 19.99
CA VAL C 20 -24.21 34.29 18.61
C VAL C 20 -23.09 33.43 18.06
N GLY C 21 -23.45 32.37 17.35
CA GLY C 21 -22.49 31.34 17.03
C GLY C 21 -21.77 30.88 18.28
N ALA C 22 -20.43 30.96 18.25
CA ALA C 22 -19.60 30.49 19.35
C ALA C 22 -19.64 31.39 20.58
N VAL C 23 -20.19 32.59 20.46
CA VAL C 23 -19.97 33.64 21.43
C VAL C 23 -21.28 33.97 22.13
N THR C 24 -21.23 34.09 23.44
CA THR C 24 -22.38 34.51 24.23
C THR C 24 -22.17 35.95 24.70
N VAL C 25 -23.09 36.82 24.32
CA VAL C 25 -23.00 38.24 24.65
C VAL C 25 -24.03 38.56 25.72
N PRO C 26 -23.80 39.57 26.56
CA PRO C 26 -24.69 39.82 27.70
C PRO C 26 -25.99 40.53 27.34
N ASN C 27 -26.05 41.24 26.23
CA ASN C 27 -27.29 41.90 25.85
C ASN C 27 -27.36 41.96 24.32
N ARG C 28 -28.45 42.53 23.82
CA ARG C 28 -28.73 42.59 22.39
C ARG C 28 -28.67 44.01 21.85
N VAL C 29 -28.02 44.92 22.58
CA VAL C 29 -27.83 46.29 22.15
C VAL C 29 -26.46 46.34 21.47
N PHE C 30 -26.44 46.15 20.16
CA PHE C 30 -25.18 46.05 19.42
C PHE C 30 -24.78 47.42 18.86
N MET C 31 -23.47 47.63 18.73
CA MET C 31 -22.94 48.83 18.10
C MET C 31 -22.71 48.54 16.62
N ALA C 32 -23.41 49.27 15.76
CA ALA C 32 -23.31 49.04 14.33
C ALA C 32 -21.91 49.45 13.83
N PRO C 33 -21.46 48.88 12.71
CA PRO C 33 -20.18 49.29 12.14
C PRO C 33 -20.28 50.71 11.60
N LEU C 34 -19.34 51.55 12.02
CA LEU C 34 -19.39 52.99 11.75
C LEU C 34 -18.02 53.47 11.28
N THR C 35 -17.95 53.87 10.03
CA THR C 35 -16.73 54.42 9.45
C THR C 35 -16.47 55.80 10.03
N ARG C 36 -15.30 55.98 10.65
CA ARG C 36 -14.93 57.23 11.30
C ARG C 36 -13.64 57.81 10.73
N LEU C 37 -12.86 57.05 9.97
CA LEU C 37 -11.78 57.57 9.12
C LEU C 37 -10.73 58.32 9.92
N ARG C 38 -10.33 57.75 11.05
CA ARG C 38 -9.31 58.34 11.90
C ARG C 38 -8.03 57.51 11.97
N SER C 39 -7.82 56.60 11.02
CA SER C 39 -6.63 55.75 11.04
C SER C 39 -5.40 56.53 10.60
N ILE C 40 -4.24 55.98 10.92
CA ILE C 40 -2.96 56.55 10.52
C ILE C 40 -2.65 56.17 9.08
N GLU C 41 -2.27 57.17 8.27
CA GLU C 41 -1.67 56.94 6.96
C GLU C 41 -0.24 57.48 6.96
N PRO C 42 0.71 56.82 6.29
CA PRO C 42 0.57 55.60 5.49
C PRO C 42 0.44 54.39 6.39
N GLY C 43 -0.14 53.30 5.90
CA GLY C 43 -0.24 52.06 6.65
C GLY C 43 -1.64 51.70 7.13
N ASP C 44 -2.55 52.66 7.17
CA ASP C 44 -3.95 52.41 7.53
C ASP C 44 -4.03 51.69 8.87
N ILE C 45 -3.42 52.31 9.87
CA ILE C 45 -3.12 51.67 11.15
C ILE C 45 -4.12 52.15 12.19
N PRO C 46 -4.80 51.25 12.91
CA PRO C 46 -5.61 51.70 14.05
C PRO C 46 -4.75 52.37 15.10
N THR C 47 -5.38 53.20 15.91
CA THR C 47 -4.72 54.04 16.90
C THR C 47 -5.21 53.76 18.31
N PRO C 48 -4.44 54.14 19.32
CA PRO C 48 -4.96 54.07 20.70
C PRO C 48 -6.19 54.93 20.92
N LEU C 49 -6.33 56.03 20.18
CA LEU C 49 -7.55 56.82 20.26
C LEU C 49 -8.76 55.99 19.81
N MET C 50 -8.62 55.29 18.69
CA MET C 50 -9.67 54.36 18.28
C MET C 50 -9.87 53.29 19.34
N GLY C 51 -8.81 52.88 20.03
CA GLY C 51 -8.97 51.89 21.08
C GLY C 51 -9.80 52.39 22.24
N GLU C 52 -9.61 53.67 22.62
CA GLU C 52 -10.40 54.26 23.70
C GLU C 52 -11.86 54.45 23.29
N TYR C 53 -12.10 54.87 22.06
CA TYR C 53 -13.47 54.97 21.54
C TYR C 53 -14.21 53.64 21.65
N TYR C 54 -13.57 52.52 21.27
CA TYR C 54 -14.22 51.22 21.41
C TYR C 54 -14.30 50.80 22.88
N ARG C 55 -13.25 51.06 23.65
CA ARG C 55 -13.30 50.75 25.08
C ARG C 55 -14.50 51.43 25.75
N GLN C 56 -14.75 52.71 25.43
CA GLN C 56 -15.87 53.43 26.02
C GLN C 56 -17.20 52.71 25.82
N ARG C 57 -17.32 51.93 24.75
CA ARG C 57 -18.58 51.38 24.29
C ARG C 57 -18.70 49.88 24.53
N ALA C 58 -17.81 49.31 25.35
CA ALA C 58 -17.74 47.88 25.57
C ALA C 58 -18.89 47.33 26.42
N SER C 59 -19.75 48.18 27.00
CA SER C 59 -20.97 47.65 27.60
C SER C 59 -21.92 47.12 26.55
N SER C 60 -21.73 47.49 25.29
CA SER C 60 -22.50 46.91 24.21
C SER C 60 -22.40 45.39 24.24
N GLY C 61 -23.52 44.73 23.95
CA GLY C 61 -23.49 43.29 23.78
C GLY C 61 -22.45 42.86 22.76
N LEU C 62 -22.37 43.58 21.63
CA LEU C 62 -21.38 43.27 20.61
C LEU C 62 -21.01 44.54 19.86
N ILE C 63 -19.73 44.93 19.97
CA ILE C 63 -19.19 45.98 19.10
C ILE C 63 -18.88 45.38 17.74
N ILE C 64 -19.33 46.03 16.69
CA ILE C 64 -18.95 45.70 15.33
C ILE C 64 -18.15 46.88 14.82
N THR C 65 -16.88 46.63 14.49
CA THR C 65 -15.98 47.73 14.17
C THR C 65 -16.40 48.39 12.89
N GLU C 66 -15.86 49.59 12.69
CA GLU C 66 -15.80 50.19 11.36
C GLU C 66 -15.31 49.19 10.33
N ALA C 67 -15.78 49.35 9.10
CA ALA C 67 -15.30 48.56 7.99
C ALA C 67 -13.78 48.66 7.89
N THR C 68 -13.16 47.51 7.64
CA THR C 68 -11.71 47.32 7.71
C THR C 68 -11.24 46.55 6.48
N GLN C 69 -10.16 47.03 5.86
CA GLN C 69 -9.67 46.47 4.59
C GLN C 69 -9.12 45.07 4.76
N ILE C 70 -9.53 44.17 3.86
CA ILE C 70 -8.94 42.83 3.84
C ILE C 70 -7.55 42.83 3.19
N SER C 71 -7.21 43.89 2.48
CA SER C 71 -6.00 43.97 1.66
C SER C 71 -5.78 45.46 1.36
N ALA C 72 -4.60 45.78 0.83
CA ALA C 72 -4.37 47.14 0.38
C ALA C 72 -5.26 47.50 -0.80
N GLN C 73 -5.49 46.54 -1.70
CA GLN C 73 -6.39 46.76 -2.83
C GLN C 73 -7.79 47.09 -2.37
N ALA C 74 -8.18 46.60 -1.20
CA ALA C 74 -9.53 46.80 -0.70
C ALA C 74 -9.81 48.25 -0.33
N LYS C 75 -8.78 49.08 -0.19
CA LYS C 75 -8.97 50.42 0.34
C LYS C 75 -9.78 51.29 -0.60
N GLY C 76 -10.75 52.01 -0.04
CA GLY C 76 -11.52 52.97 -0.80
C GLY C 76 -11.71 54.32 -0.14
N TYR C 77 -11.40 54.42 1.16
CA TYR C 77 -11.48 55.65 1.93
C TYR C 77 -10.17 55.91 2.66
N ALA C 78 -9.63 57.11 2.50
CA ALA C 78 -8.49 57.51 3.33
C ALA C 78 -8.92 57.59 4.79
N GLY C 79 -8.13 56.98 5.67
CA GLY C 79 -8.43 56.92 7.08
C GLY C 79 -9.10 55.63 7.53
N ALA C 80 -9.46 54.78 6.61
CA ALA C 80 -10.08 53.52 7.03
C ALA C 80 -8.98 52.50 7.37
N PRO C 81 -9.16 51.73 8.43
CA PRO C 81 -8.09 50.82 8.87
C PRO C 81 -8.05 49.55 8.03
N GLY C 82 -6.91 48.85 8.14
CA GLY C 82 -6.72 47.57 7.48
C GLY C 82 -6.47 46.45 8.50
N LEU C 83 -6.54 45.21 8.01
CA LEU C 83 -6.25 44.02 8.82
C LEU C 83 -5.49 43.02 7.95
N HIS C 84 -4.40 43.49 7.34
CA HIS C 84 -3.63 42.70 6.39
C HIS C 84 -2.13 42.88 6.54
N SER C 85 -1.65 43.58 7.55
CA SER C 85 -0.22 43.80 7.77
C SER C 85 0.08 43.56 9.24
N PRO C 86 1.35 43.29 9.58
CA PRO C 86 1.71 43.11 10.99
C PRO C 86 1.47 44.33 11.87
N GLU C 87 1.78 45.53 11.36
CA GLU C 87 1.45 46.77 12.07
C GLU C 87 -0.03 46.85 12.43
N GLN C 88 -0.88 46.61 11.44
CA GLN C 88 -2.32 46.67 11.69
C GLN C 88 -2.74 45.64 12.71
N ILE C 89 -2.26 44.40 12.58
CA ILE C 89 -2.65 43.33 13.49
C ILE C 89 -2.22 43.67 14.92
N ALA C 90 -0.96 44.13 15.08
CA ALA C 90 -0.48 44.52 16.39
C ALA C 90 -1.35 45.60 17.00
N ALA C 91 -1.75 46.61 16.20
CA ALA C 91 -2.57 47.68 16.75
C ALA C 91 -3.96 47.19 17.09
N TRP C 92 -4.55 46.34 16.25
CA TRP C 92 -5.87 45.81 16.57
C TRP C 92 -5.84 44.96 17.84
N GLN C 93 -4.73 44.26 18.10
CA GLN C 93 -4.65 43.46 19.30
C GLN C 93 -4.72 44.31 20.57
N LYS C 94 -4.19 45.54 20.53
CA LYS C 94 -4.35 46.43 21.68
C LYS C 94 -5.80 46.80 21.87
N ILE C 95 -6.51 47.02 20.76
CA ILE C 95 -7.91 47.44 20.80
C ILE C 95 -8.78 46.31 21.33
N THR C 96 -8.65 45.10 20.77
CA THR C 96 -9.43 43.98 21.28
C THR C 96 -9.11 43.70 22.75
N ALA C 97 -7.82 43.68 23.12
CA ALA C 97 -7.49 43.47 24.52
C ALA C 97 -8.16 44.51 25.42
N GLY C 98 -8.26 45.75 24.94
CA GLY C 98 -8.89 46.79 25.75
C GLY C 98 -10.37 46.55 25.95
N VAL C 99 -11.05 46.16 24.86
CA VAL C 99 -12.48 45.87 24.96
C VAL C 99 -12.71 44.66 25.87
N HIS C 100 -11.85 43.65 25.79
CA HIS C 100 -12.06 42.45 26.60
C HIS C 100 -11.74 42.69 28.06
N ALA C 101 -10.81 43.60 28.36
CA ALA C 101 -10.57 43.93 29.75
C ALA C 101 -11.72 44.71 30.37
N GLU C 102 -12.68 45.16 29.56
CA GLU C 102 -13.95 45.69 30.07
C GLU C 102 -15.05 44.66 30.02
N ASN C 103 -14.72 43.39 29.73
CA ASN C 103 -15.68 42.31 29.63
C ASN C 103 -16.66 42.53 28.48
N GLY C 104 -16.21 43.23 27.44
CA GLY C 104 -16.98 43.38 26.22
C GLY C 104 -16.66 42.30 25.19
N HIS C 105 -17.28 42.45 24.01
CA HIS C 105 -17.15 41.53 22.89
C HIS C 105 -17.12 42.35 21.60
N ILE C 106 -16.34 41.89 20.62
CA ILE C 106 -16.06 42.73 19.45
C ILE C 106 -15.86 41.86 18.21
N ALA C 107 -16.58 42.23 17.16
CA ALA C 107 -16.42 41.64 15.83
C ALA C 107 -15.81 42.69 14.91
N VAL C 108 -15.01 42.23 13.93
CA VAL C 108 -14.42 43.12 12.95
C VAL C 108 -15.20 42.99 11.65
N GLN C 109 -15.66 44.11 11.11
CA GLN C 109 -16.30 44.11 9.81
C GLN C 109 -15.24 44.24 8.73
N LEU C 110 -15.29 43.34 7.74
CA LEU C 110 -14.27 43.23 6.71
C LEU C 110 -14.87 43.54 5.35
N TRP C 111 -14.26 44.48 4.63
CA TRP C 111 -14.76 44.82 3.31
C TRP C 111 -13.65 44.85 2.28
N HIS C 112 -14.12 44.81 1.04
CA HIS C 112 -13.41 45.27 -0.13
C HIS C 112 -14.30 46.31 -0.78
N THR C 113 -13.77 47.52 -0.98
CA THR C 113 -14.63 48.62 -1.42
C THR C 113 -14.99 48.53 -2.88
N GLY C 114 -14.26 47.74 -3.64
CA GLY C 114 -14.59 47.60 -5.05
C GLY C 114 -14.53 48.95 -5.73
N ARG C 115 -15.54 49.23 -6.56
CA ARG C 115 -15.53 50.47 -7.34
C ARG C 115 -15.80 51.72 -6.50
N ILE C 116 -16.19 51.62 -5.23
CA ILE C 116 -16.32 52.82 -4.38
C ILE C 116 -14.95 53.09 -3.80
N SER C 117 -14.07 53.63 -4.63
CA SER C 117 -12.67 53.80 -4.27
C SER C 117 -12.10 54.85 -5.20
N HIS C 118 -10.85 55.20 -4.97
CA HIS C 118 -10.15 56.15 -5.83
C HIS C 118 -8.75 55.62 -6.13
N SER C 119 -8.30 55.86 -7.36
CA SER C 119 -7.02 55.30 -7.79
C SER C 119 -5.85 55.81 -6.96
N SER C 120 -5.95 57.03 -6.41
CA SER C 120 -4.88 57.55 -5.58
C SER C 120 -4.74 56.78 -4.27
N LEU C 121 -5.75 55.99 -3.89
CA LEU C 121 -5.70 55.16 -2.70
C LEU C 121 -5.28 53.72 -2.99
N GLN C 122 -5.13 53.35 -4.28
CA GLN C 122 -4.85 51.99 -4.73
C GLN C 122 -3.35 51.77 -4.86
N PRO C 123 -2.91 50.53 -4.61
CA PRO C 123 -1.51 50.18 -4.88
C PRO C 123 -1.14 50.52 -6.32
N GLY C 124 0.02 51.12 -6.49
CA GLY C 124 0.48 51.52 -7.79
C GLY C 124 -0.30 52.66 -8.43
N GLY C 125 -1.29 53.22 -7.75
CA GLY C 125 -2.07 54.29 -8.35
C GLY C 125 -3.01 53.81 -9.42
N ALA C 126 -3.35 52.51 -9.43
CA ALA C 126 -4.15 51.91 -10.49
C ALA C 126 -5.64 52.09 -10.23
N ALA C 127 -6.41 51.86 -11.27
CA ALA C 127 -7.86 51.87 -11.14
C ALA C 127 -8.31 50.79 -10.16
N PRO C 128 -9.32 51.06 -9.33
CA PRO C 128 -9.84 50.01 -8.45
C PRO C 128 -10.57 48.95 -9.27
N VAL C 129 -10.88 47.83 -8.60
CA VAL C 129 -11.44 46.66 -9.27
C VAL C 129 -12.93 46.55 -8.91
N ALA C 130 -13.64 45.79 -9.74
CA ALA C 130 -15.09 45.63 -9.63
C ALA C 130 -15.55 44.48 -10.52
N PRO C 131 -16.79 43.98 -10.35
CA PRO C 131 -17.26 42.95 -11.30
C PRO C 131 -17.31 43.45 -12.73
N SER C 132 -17.71 44.71 -12.95
CA SER C 132 -17.82 45.25 -14.29
C SER C 132 -17.30 46.68 -14.30
N ALA C 133 -16.77 47.10 -15.45
CA ALA C 133 -16.17 48.42 -15.61
C ALA C 133 -17.28 49.45 -15.79
N LEU C 134 -17.91 49.80 -14.66
CA LEU C 134 -19.01 50.75 -14.62
C LEU C 134 -18.78 51.69 -13.45
N SER C 135 -18.86 53.00 -13.69
CA SER C 135 -18.68 53.95 -12.61
C SER C 135 -19.67 53.72 -11.50
N ALA C 136 -19.23 53.95 -10.24
CA ALA C 136 -20.13 53.87 -9.10
C ALA C 136 -21.12 55.02 -9.06
N GLY C 137 -20.85 56.09 -9.81
CA GLY C 137 -21.67 57.30 -9.81
C GLY C 137 -21.87 57.90 -8.44
N THR C 138 -20.88 57.77 -7.56
CA THR C 138 -20.94 58.39 -6.25
C THR C 138 -19.55 58.91 -5.92
N ARG C 139 -19.37 59.29 -4.67
CA ARG C 139 -18.12 59.85 -4.17
C ARG C 139 -17.63 59.00 -3.02
N THR C 140 -16.33 59.08 -2.77
CA THR C 140 -15.71 58.50 -1.59
C THR C 140 -14.97 59.61 -0.86
N SER C 141 -14.28 59.29 0.23
CA SER C 141 -13.58 60.29 1.04
C SER C 141 -12.08 60.11 0.92
N LEU C 142 -11.39 61.15 0.46
CA LEU C 142 -9.95 61.23 0.56
C LEU C 142 -9.58 62.11 1.74
N ARG C 143 -8.30 62.44 1.85
CA ARG C 143 -7.84 63.46 2.80
C ARG C 143 -7.07 64.52 2.03
N ASP C 144 -7.29 65.78 2.41
CA ASP C 144 -6.59 66.88 1.77
C ASP C 144 -5.21 67.03 2.39
N GLU C 145 -4.40 67.93 1.83
CA GLU C 145 -3.02 68.07 2.27
C GLU C 145 -2.90 68.45 3.75
N ASN C 146 -3.98 68.89 4.39
CA ASN C 146 -3.94 69.15 5.83
C ASN C 146 -4.58 68.03 6.66
N GLY C 147 -4.90 66.90 6.04
CA GLY C 147 -5.36 65.74 6.78
C GLY C 147 -6.86 65.64 7.01
N HIS C 148 -7.65 66.52 6.39
CA HIS C 148 -9.09 66.55 6.63
C HIS C 148 -9.83 65.82 5.51
N ALA C 149 -10.93 65.19 5.88
CA ALA C 149 -11.70 64.41 4.92
C ALA C 149 -12.32 65.33 3.88
N ILE C 150 -12.21 64.91 2.62
CA ILE C 150 -12.85 65.58 1.48
C ILE C 150 -13.56 64.51 0.67
N ARG C 151 -14.57 64.94 -0.10
CA ARG C 151 -15.36 64.05 -0.93
C ARG C 151 -14.93 64.17 -2.39
N VAL C 152 -14.71 63.03 -3.04
CA VAL C 152 -14.20 63.01 -4.40
C VAL C 152 -14.93 61.93 -5.19
N ASP C 153 -15.17 62.19 -6.47
CA ASP C 153 -15.76 61.22 -7.36
C ASP C 153 -14.93 59.94 -7.40
N THR C 154 -15.60 58.80 -7.31
CA THR C 154 -14.92 57.52 -7.42
C THR C 154 -14.29 57.36 -8.80
N SER C 155 -13.17 56.63 -8.84
CA SER C 155 -12.49 56.35 -10.10
C SER C 155 -13.23 55.28 -10.90
N MET C 156 -13.06 55.33 -12.22
CA MET C 156 -13.64 54.31 -13.09
C MET C 156 -12.95 52.98 -12.80
N PRO C 157 -13.69 51.91 -12.52
CA PRO C 157 -13.04 50.65 -12.12
C PRO C 157 -12.60 49.82 -13.30
N ARG C 158 -11.72 48.88 -13.00
CA ARG C 158 -11.32 47.81 -13.92
C ARG C 158 -12.13 46.56 -13.58
N ALA C 159 -12.62 45.88 -14.61
CA ALA C 159 -13.35 44.64 -14.40
C ALA C 159 -12.39 43.51 -14.03
N LEU C 160 -12.70 42.83 -12.93
CA LEU C 160 -11.93 41.66 -12.50
C LEU C 160 -11.97 40.57 -13.57
N GLU C 161 -10.81 40.08 -13.96
CA GLU C 161 -10.78 38.88 -14.79
C GLU C 161 -11.27 37.68 -14.00
N THR C 162 -11.78 36.69 -14.71
CA THR C 162 -12.26 35.46 -14.08
C THR C 162 -11.19 34.88 -13.17
N ALA C 163 -9.95 34.87 -13.62
CA ALA C 163 -8.85 34.27 -12.88
C ALA C 163 -8.44 35.07 -11.65
N GLU C 164 -8.98 36.28 -11.47
CA GLU C 164 -8.70 37.07 -10.28
C GLU C 164 -9.70 36.84 -9.16
N ILE C 165 -10.83 36.17 -9.43
CA ILE C 165 -11.82 35.96 -8.37
C ILE C 165 -11.23 35.14 -7.23
N PRO C 166 -10.45 34.08 -7.46
CA PRO C 166 -9.89 33.35 -6.31
C PRO C 166 -9.03 34.22 -5.42
N GLY C 167 -8.33 35.21 -5.99
CA GLY C 167 -7.56 36.13 -5.17
C GLY C 167 -8.41 36.92 -4.17
N ILE C 168 -9.60 37.37 -4.61
CA ILE C 168 -10.53 38.05 -3.70
C ILE C 168 -10.92 37.12 -2.56
N VAL C 169 -11.31 35.88 -2.87
CA VAL C 169 -11.68 34.93 -1.83
C VAL C 169 -10.51 34.71 -0.87
N ASN C 170 -9.32 34.52 -1.43
CA ASN C 170 -8.13 34.29 -0.63
C ASN C 170 -7.80 35.47 0.27
N ASP C 171 -8.11 36.70 -0.15
CA ASP C 171 -7.79 37.86 0.71
C ASP C 171 -8.76 37.95 1.87
N PHE C 172 -10.04 37.67 1.63
CA PHE C 172 -11.00 37.52 2.72
C PHE C 172 -10.54 36.43 3.68
N ARG C 173 -10.10 35.30 3.13
CA ARG C 173 -9.65 34.19 3.97
C ARG C 173 -8.54 34.62 4.90
N GLN C 174 -7.50 35.25 4.35
CA GLN C 174 -6.36 35.66 5.18
C GLN C 174 -6.76 36.71 6.20
N ALA C 175 -7.62 37.66 5.81
CA ALA C 175 -8.08 38.68 6.76
C ALA C 175 -8.80 38.04 7.92
N VAL C 176 -9.60 37.01 7.65
CA VAL C 176 -10.31 36.36 8.74
C VAL C 176 -9.33 35.62 9.63
N GLY C 177 -8.32 34.98 9.06
CA GLY C 177 -7.26 34.41 9.87
C GLY C 177 -6.55 35.43 10.73
N ASN C 178 -6.28 36.62 10.18
CA ASN C 178 -5.69 37.70 10.98
C ASN C 178 -6.64 38.18 12.07
N ALA C 179 -7.95 38.26 11.77
CA ALA C 179 -8.93 38.65 12.77
C ALA C 179 -8.88 37.73 13.98
N ARG C 180 -8.81 36.43 13.73
CA ARG C 180 -8.70 35.46 14.82
C ARG C 180 -7.39 35.66 15.58
N ASP C 181 -6.28 35.77 14.86
CA ASP C 181 -5.01 36.03 15.53
C ASP C 181 -5.05 37.33 16.34
N ALA C 182 -5.81 38.33 15.89
CA ALA C 182 -5.85 39.63 16.55
C ALA C 182 -6.79 39.67 17.74
N GLY C 183 -7.52 38.59 18.02
CA GLY C 183 -8.30 38.51 19.22
C GLY C 183 -9.77 38.87 19.09
N PHE C 184 -10.26 39.13 17.88
CA PHE C 184 -11.69 39.35 17.72
C PHE C 184 -12.48 38.08 18.05
N ASP C 185 -13.73 38.28 18.46
CA ASP C 185 -14.66 37.20 18.75
C ASP C 185 -15.39 36.70 17.50
N LEU C 186 -15.61 37.57 16.53
CA LEU C 186 -16.34 37.24 15.33
C LEU C 186 -15.84 38.15 14.21
N VAL C 187 -16.20 37.81 12.98
CA VAL C 187 -16.01 38.70 11.85
C VAL C 187 -17.36 38.93 11.22
N GLU C 188 -17.52 40.09 10.59
CA GLU C 188 -18.69 40.38 9.76
C GLU C 188 -18.23 40.68 8.34
N LEU C 189 -18.68 39.88 7.39
CA LEU C 189 -18.41 40.14 5.99
C LEU C 189 -19.31 41.28 5.52
N HIS C 190 -18.73 42.24 4.83
CA HIS C 190 -19.49 43.42 4.39
C HIS C 190 -20.05 43.14 2.99
N SER C 191 -21.26 42.60 2.95
CA SER C 191 -21.90 42.25 1.69
C SER C 191 -23.03 43.23 1.34
N ALA C 192 -22.86 44.50 1.72
CA ALA C 192 -23.94 45.49 1.71
C ALA C 192 -23.43 46.82 1.16
N HIS C 193 -24.38 47.76 1.02
CA HIS C 193 -24.11 49.19 0.82
C HIS C 193 -23.24 49.47 -0.41
N GLY C 194 -23.30 48.64 -1.43
CA GLY C 194 -22.64 48.96 -2.67
C GLY C 194 -21.16 48.67 -2.74
N TYR C 195 -20.57 47.99 -1.75
CA TYR C 195 -19.16 47.60 -1.83
C TYR C 195 -19.03 46.29 -2.61
N LEU C 196 -17.82 45.70 -2.63
CA LEU C 196 -17.49 44.75 -3.70
C LEU C 196 -18.44 43.56 -3.72
N LEU C 197 -18.71 42.97 -2.55
CA LEU C 197 -19.60 41.81 -2.55
C LEU C 197 -20.99 42.18 -3.06
N HIS C 198 -21.51 43.33 -2.64
CA HIS C 198 -22.82 43.76 -3.11
C HIS C 198 -22.80 44.09 -4.59
N GLN C 199 -21.72 44.71 -5.08
CA GLN C 199 -21.61 44.96 -6.51
C GLN C 199 -21.79 43.68 -7.33
N PHE C 200 -21.24 42.56 -6.85
CA PHE C 200 -21.43 41.29 -7.54
C PHE C 200 -22.86 40.79 -7.43
N LEU C 201 -23.46 40.95 -6.24
CA LEU C 201 -24.83 40.52 -6.03
C LEU C 201 -25.81 41.29 -6.91
N SER C 202 -25.52 42.57 -7.21
CA SER C 202 -26.46 43.48 -7.85
C SER C 202 -26.38 43.37 -9.37
N PRO C 203 -27.51 43.18 -10.07
CA PRO C 203 -27.47 43.18 -11.54
C PRO C 203 -27.27 44.56 -12.15
N SER C 204 -27.33 45.63 -11.36
CA SER C 204 -27.03 46.95 -11.90
C SER C 204 -25.53 47.22 -11.96
N ALA C 205 -24.77 46.69 -11.00
CA ALA C 205 -23.31 46.79 -11.02
C ALA C 205 -22.63 45.64 -11.76
N ASN C 206 -23.28 44.49 -11.86
CA ASN C 206 -22.67 43.26 -12.37
C ASN C 206 -23.29 42.91 -13.72
N GLN C 207 -22.53 43.11 -14.78
CA GLN C 207 -22.92 42.72 -16.12
C GLN C 207 -21.96 41.66 -16.67
N ARG C 208 -21.35 40.88 -15.77
CA ARG C 208 -20.41 39.86 -16.17
C ARG C 208 -21.08 38.78 -17.03
N THR C 209 -20.28 38.16 -17.88
CA THR C 209 -20.73 37.07 -18.73
C THR C 209 -20.10 35.73 -18.38
N ASP C 210 -19.28 35.66 -17.32
CA ASP C 210 -18.72 34.39 -16.87
C ASP C 210 -19.62 33.82 -15.76
N GLN C 211 -19.12 32.88 -14.98
CA GLN C 211 -19.96 32.20 -13.98
C GLN C 211 -20.26 33.09 -12.77
N TYR C 212 -19.82 34.35 -12.77
CA TYR C 212 -20.03 35.24 -11.63
C TYR C 212 -21.03 36.36 -11.95
N GLY C 213 -21.75 36.25 -13.06
CA GLY C 213 -22.75 37.24 -13.40
C GLY C 213 -23.95 36.60 -14.08
N GLY C 214 -25.02 37.38 -14.15
CA GLY C 214 -26.23 36.94 -14.82
C GLY C 214 -27.29 36.48 -13.86
N SER C 215 -27.45 35.16 -13.76
CA SER C 215 -28.40 34.57 -12.83
C SER C 215 -28.08 34.97 -11.40
N VAL C 216 -29.09 34.84 -10.53
CA VAL C 216 -28.84 35.07 -9.11
C VAL C 216 -27.85 34.06 -8.56
N GLU C 217 -27.83 32.83 -9.10
CA GLU C 217 -26.85 31.85 -8.65
C GLU C 217 -25.43 32.33 -8.97
N ASN C 218 -25.22 32.84 -10.18
CA ASN C 218 -23.91 33.34 -10.54
C ASN C 218 -23.54 34.59 -9.75
N ARG C 219 -24.52 35.45 -9.43
CA ARG C 219 -24.22 36.72 -8.79
C ARG C 219 -23.93 36.54 -7.30
N ALA C 220 -24.59 35.58 -6.66
CA ALA C 220 -24.25 35.22 -5.29
C ALA C 220 -23.03 34.31 -5.19
N ARG C 221 -22.48 33.83 -6.31
CA ARG C 221 -21.43 32.82 -6.24
C ARG C 221 -20.23 33.31 -5.43
N LEU C 222 -19.77 34.53 -5.69
CA LEU C 222 -18.58 35.03 -5.01
C LEU C 222 -18.80 35.13 -3.50
N VAL C 223 -19.93 35.72 -3.08
CA VAL C 223 -20.12 35.90 -1.64
C VAL C 223 -20.22 34.55 -0.94
N LEU C 224 -20.81 33.55 -1.58
CA LEU C 224 -20.89 32.23 -0.96
C LEU C 224 -19.53 31.53 -0.97
N GLU C 225 -18.72 31.73 -2.02
CA GLU C 225 -17.35 31.23 -2.00
C GLU C 225 -16.55 31.88 -0.86
N VAL C 226 -16.78 33.17 -0.61
CA VAL C 226 -16.14 33.83 0.53
C VAL C 226 -16.61 33.20 1.83
N VAL C 227 -17.94 33.01 1.99
CA VAL C 227 -18.43 32.41 3.23
C VAL C 227 -17.81 31.02 3.42
N ASP C 228 -17.71 30.22 2.35
CA ASP C 228 -17.14 28.89 2.50
C ASP C 228 -15.68 28.97 2.95
N ALA C 229 -14.91 29.83 2.31
CA ALA C 229 -13.49 29.89 2.60
C ALA C 229 -13.22 30.42 4.00
N VAL C 230 -13.97 31.42 4.44
CA VAL C 230 -13.69 31.96 5.77
C VAL C 230 -14.20 31.02 6.84
N SER C 231 -15.24 30.25 6.54
CA SER C 231 -15.70 29.24 7.48
C SER C 231 -14.64 28.14 7.67
N GLN C 232 -14.02 27.71 6.58
CA GLN C 232 -12.97 26.70 6.69
C GLN C 232 -11.71 27.26 7.34
N GLU C 233 -11.39 28.54 7.11
CA GLU C 233 -10.20 29.13 7.74
C GLU C 233 -10.37 29.22 9.26
N TRP C 234 -11.56 29.63 9.71
CA TRP C 234 -11.83 29.70 11.14
C TRP C 234 -12.97 28.73 11.44
N SER C 235 -14.21 29.20 11.48
CA SER C 235 -15.37 28.37 11.78
C SER C 235 -16.61 29.13 11.32
N ALA C 236 -17.59 28.39 10.78
CA ALA C 236 -18.82 29.04 10.37
C ALA C 236 -19.48 29.77 11.54
N GLU C 237 -19.32 29.27 12.76
CA GLU C 237 -19.94 29.90 13.92
C GLU C 237 -19.16 31.11 14.41
N ARG C 238 -18.19 31.59 13.63
CA ARG C 238 -17.53 32.86 13.87
C ARG C 238 -17.83 33.88 12.79
N ILE C 239 -18.68 33.55 11.82
CA ILE C 239 -18.86 34.36 10.62
C ILE C 239 -20.25 34.96 10.62
N GLY C 240 -20.31 36.29 10.64
CA GLY C 240 -21.53 37.03 10.38
C GLY C 240 -21.42 37.71 9.03
N ILE C 241 -22.55 38.19 8.53
CA ILE C 241 -22.57 38.84 7.23
C ILE C 241 -23.62 39.95 7.25
N ARG C 242 -23.24 41.13 6.75
CA ARG C 242 -24.19 42.23 6.59
C ARG C 242 -24.63 42.31 5.14
N VAL C 243 -25.95 42.39 4.95
CA VAL C 243 -26.56 42.51 3.64
C VAL C 243 -27.50 43.70 3.65
N SER C 244 -27.78 44.23 2.46
CA SER C 244 -28.81 45.26 2.27
C SER C 244 -29.52 44.93 0.96
N PRO C 245 -30.30 43.84 0.94
CA PRO C 245 -30.73 43.24 -0.33
C PRO C 245 -32.07 43.72 -0.83
N ILE C 246 -32.73 44.60 -0.08
CA ILE C 246 -33.97 45.27 -0.49
C ILE C 246 -33.69 46.77 -0.47
N GLY C 247 -33.83 47.40 -1.63
CA GLY C 247 -33.68 48.83 -1.75
C GLY C 247 -32.53 49.22 -2.64
N SER C 248 -32.14 50.49 -2.54
CA SER C 248 -31.00 51.04 -3.26
C SER C 248 -30.09 51.68 -2.23
N PHE C 249 -28.79 51.40 -2.33
CA PHE C 249 -27.81 51.93 -1.38
C PHE C 249 -26.60 52.40 -2.16
N GLN C 250 -26.20 53.65 -1.93
CA GLN C 250 -25.06 54.25 -2.62
C GLN C 250 -25.07 53.96 -4.11
N ASN C 251 -26.25 54.07 -4.74
CA ASN C 251 -26.40 53.98 -6.18
C ASN C 251 -26.34 52.56 -6.70
N VAL C 252 -26.53 51.57 -5.83
CA VAL C 252 -26.52 50.16 -6.22
C VAL C 252 -27.85 49.60 -5.77
N ASP C 253 -28.70 49.24 -6.73
CA ASP C 253 -29.98 48.63 -6.39
C ASP C 253 -29.87 47.12 -6.42
N ASN C 254 -30.90 46.46 -5.94
CA ASN C 254 -30.91 45.01 -5.86
C ASN C 254 -31.69 44.35 -6.97
N GLY C 255 -32.26 45.12 -7.89
CA GLY C 255 -32.80 44.57 -9.10
C GLY C 255 -34.30 44.44 -9.07
N PRO C 256 -34.88 44.11 -10.23
CA PRO C 256 -36.33 43.96 -10.29
C PRO C 256 -36.82 42.79 -9.47
N ASN C 257 -36.07 41.69 -9.43
CA ASN C 257 -36.43 40.49 -8.68
C ASN C 257 -35.80 40.47 -7.29
N GLU C 258 -35.78 41.60 -6.58
CA GLU C 258 -34.92 41.74 -5.41
C GLU C 258 -35.35 40.82 -4.27
N GLU C 259 -36.66 40.66 -4.04
CA GLU C 259 -37.09 39.92 -2.85
C GLU C 259 -36.83 38.43 -3.00
N GLU C 260 -37.15 37.88 -4.17
CA GLU C 260 -36.88 36.47 -4.41
C GLU C 260 -35.37 36.21 -4.39
N ASP C 261 -34.58 37.13 -4.94
CA ASP C 261 -33.13 36.96 -4.94
C ASP C 261 -32.57 37.02 -3.54
N ALA C 262 -33.14 37.86 -2.67
CA ALA C 262 -32.68 37.93 -1.28
C ALA C 262 -32.92 36.61 -0.57
N LEU C 263 -34.11 36.05 -0.72
CA LEU C 263 -34.44 34.82 0.00
C LEU C 263 -33.58 33.66 -0.49
N TYR C 264 -33.22 33.65 -1.77
CA TYR C 264 -32.26 32.67 -2.25
C TYR C 264 -30.94 32.80 -1.51
N LEU C 265 -30.37 34.01 -1.48
CA LEU C 265 -29.11 34.23 -0.76
C LEU C 265 -29.23 33.81 0.69
N ILE C 266 -30.32 34.20 1.35
CA ILE C 266 -30.47 33.91 2.77
C ILE C 266 -30.54 32.40 3.01
N SER C 267 -31.23 31.66 2.13
CA SER C 267 -31.29 30.20 2.28
C SER C 267 -29.91 29.59 2.14
N GLU C 268 -29.14 30.07 1.16
CA GLU C 268 -27.79 29.55 0.99
C GLU C 268 -26.94 29.84 2.21
N LEU C 269 -27.12 31.01 2.83
CA LEU C 269 -26.34 31.33 4.02
C LEU C 269 -26.74 30.43 5.19
N ALA C 270 -28.03 30.11 5.31
CA ALA C 270 -28.45 29.24 6.41
C ALA C 270 -27.90 27.83 6.25
N LYS C 271 -27.85 27.33 5.00
CA LYS C 271 -27.25 26.01 4.74
C LYS C 271 -25.85 25.92 5.28
N ARG C 272 -25.18 27.06 5.41
CA ARG C 272 -23.78 27.08 5.78
C ARG C 272 -23.57 27.33 7.27
N GLY C 273 -24.63 27.55 8.03
CA GLY C 273 -24.52 27.58 9.47
C GLY C 273 -23.74 28.77 10.01
N ILE C 274 -23.85 29.92 9.35
CA ILE C 274 -23.08 31.06 9.79
C ILE C 274 -23.64 31.60 11.11
N ALA C 275 -22.82 32.39 11.80
CA ALA C 275 -23.18 32.88 13.11
C ALA C 275 -24.35 33.84 13.08
N TYR C 276 -24.44 34.69 12.06
CA TYR C 276 -25.55 35.63 12.08
C TYR C 276 -25.76 36.31 10.74
N LEU C 277 -26.97 36.86 10.60
CA LEU C 277 -27.40 37.62 9.44
C LEU C 277 -27.76 39.02 9.92
N HIS C 278 -27.09 40.03 9.38
CA HIS C 278 -27.24 41.42 9.79
C HIS C 278 -27.83 42.15 8.59
N MET C 279 -29.07 42.62 8.72
CA MET C 279 -29.78 43.22 7.61
C MET C 279 -29.83 44.72 7.81
N SER C 280 -29.24 45.47 6.88
CA SER C 280 -29.32 46.92 6.88
C SER C 280 -30.55 47.32 6.08
N GLU C 281 -31.48 47.98 6.75
CA GLU C 281 -32.80 48.22 6.18
C GLU C 281 -32.88 49.59 5.51
N PRO C 282 -33.72 49.71 4.48
CA PRO C 282 -33.75 50.97 3.71
C PRO C 282 -34.39 52.11 4.48
N ASP C 283 -35.28 51.81 5.43
CA ASP C 283 -35.77 52.82 6.36
C ASP C 283 -34.58 53.47 7.04
N TRP C 284 -33.90 54.39 6.33
CA TRP C 284 -32.70 55.08 6.84
C TRP C 284 -32.30 56.20 5.89
N GLY C 287 -36.25 54.98 2.18
CA GLY C 287 -36.87 53.85 1.51
C GLY C 287 -37.98 53.19 2.32
N LYS C 288 -38.70 52.24 1.68
CA LYS C 288 -39.83 51.57 2.32
C LYS C 288 -39.33 50.55 3.33
N PRO C 289 -39.82 50.58 4.57
CA PRO C 289 -39.33 49.61 5.58
C PRO C 289 -39.79 48.20 5.28
N TYR C 290 -39.19 47.26 6.01
CA TYR C 290 -39.51 45.85 5.85
C TYR C 290 -40.93 45.57 6.33
N SER C 291 -41.71 44.88 5.49
CA SER C 291 -42.98 44.36 5.93
C SER C 291 -42.78 43.17 6.85
N GLU C 292 -43.68 42.99 7.81
CA GLU C 292 -43.58 41.82 8.67
C GLU C 292 -43.70 40.54 7.86
N ALA C 293 -44.43 40.58 6.75
CA ALA C 293 -44.46 39.45 5.82
C ALA C 293 -43.05 39.07 5.38
N PHE C 294 -42.29 40.06 4.91
CA PHE C 294 -40.92 39.79 4.46
C PHE C 294 -40.06 39.30 5.61
N ARG C 295 -40.13 39.98 6.76
CA ARG C 295 -39.35 39.55 7.90
C ARG C 295 -39.62 38.10 8.26
N GLN C 296 -40.87 37.65 8.10
CA GLN C 296 -41.20 36.28 8.44
C GLN C 296 -40.69 35.31 7.38
N LYS C 297 -40.68 35.71 6.11
CA LYS C 297 -40.07 34.86 5.08
C LYS C 297 -38.58 34.68 5.35
N VAL C 298 -37.90 35.75 5.75
CA VAL C 298 -36.49 35.67 6.10
C VAL C 298 -36.30 34.73 7.27
N ARG C 299 -37.06 34.95 8.34
CA ARG C 299 -36.95 34.11 9.52
C ARG C 299 -37.22 32.65 9.18
N ASP C 300 -38.19 32.38 8.30
CA ASP C 300 -38.51 31.00 7.98
C ASP C 300 -37.34 30.31 7.31
N ARG C 301 -36.50 31.07 6.59
CA ARG C 301 -35.36 30.51 5.89
C ARG C 301 -34.09 30.53 6.71
N PHE C 302 -34.03 31.35 7.76
CA PHE C 302 -32.81 31.59 8.54
C PHE C 302 -33.12 31.53 10.02
N PRO C 303 -32.99 30.36 10.64
CA PRO C 303 -33.31 30.25 12.07
C PRO C 303 -32.22 30.73 13.01
N GLY C 304 -31.04 31.08 12.50
CA GLY C 304 -30.00 31.62 13.34
C GLY C 304 -30.22 33.08 13.69
N VAL C 305 -29.26 33.64 14.42
CA VAL C 305 -29.36 35.01 14.91
C VAL C 305 -29.52 35.98 13.75
N ILE C 306 -30.53 36.84 13.85
CA ILE C 306 -30.79 37.91 12.89
C ILE C 306 -30.64 39.23 13.61
N ILE C 307 -29.89 40.15 13.01
CA ILE C 307 -29.63 41.47 13.57
C ILE C 307 -30.31 42.49 12.66
N GLY C 308 -31.20 43.29 13.23
CA GLY C 308 -31.86 44.36 12.50
C GLY C 308 -31.15 45.67 12.75
N ALA C 309 -31.17 46.55 11.75
CA ALA C 309 -30.47 47.81 11.84
C ALA C 309 -31.11 48.85 10.91
N GLY C 310 -31.07 50.11 11.34
CA GLY C 310 -31.61 51.21 10.58
C GLY C 310 -32.83 51.84 11.19
N ALA C 311 -32.70 53.04 11.74
CA ALA C 311 -33.83 53.82 12.23
C ALA C 311 -34.55 53.16 13.40
N TYR C 312 -33.86 52.31 14.14
CA TYR C 312 -34.54 51.52 15.16
C TYR C 312 -34.81 52.34 16.40
N THR C 313 -35.99 52.12 16.97
CA THR C 313 -36.39 52.61 18.27
C THR C 313 -36.39 51.44 19.25
N VAL C 314 -36.51 51.76 20.54
CA VAL C 314 -36.57 50.70 21.53
C VAL C 314 -37.90 49.96 21.43
N GLU C 315 -38.98 50.68 21.13
CA GLU C 315 -40.26 50.01 20.89
C GLU C 315 -40.13 49.04 19.71
N LYS C 316 -39.70 49.54 18.56
CA LYS C 316 -39.44 48.70 17.40
C LYS C 316 -38.61 47.47 17.77
N ALA C 317 -37.47 47.70 18.42
CA ALA C 317 -36.59 46.60 18.82
C ALA C 317 -37.33 45.56 19.65
N ASN C 318 -37.95 46.00 20.74
CA ASN C 318 -38.64 45.06 21.61
C ASN C 318 -39.78 44.37 20.87
N ASP C 319 -40.54 45.12 20.08
CA ASP C 319 -41.62 44.50 19.30
C ASP C 319 -41.07 43.35 18.48
N LEU C 320 -40.05 43.64 17.66
CA LEU C 320 -39.61 42.65 16.69
C LEU C 320 -38.87 41.50 17.36
N ILE C 321 -38.10 41.79 18.42
CA ILE C 321 -37.48 40.69 19.16
C ILE C 321 -38.55 39.80 19.75
N ASN C 322 -39.60 40.39 20.32
CA ASN C 322 -40.61 39.62 21.01
C ASN C 322 -41.49 38.85 20.04
N LYS C 323 -41.60 39.29 18.80
CA LYS C 323 -42.19 38.46 17.74
C LYS C 323 -41.21 37.42 17.21
N GLY C 324 -39.98 37.39 17.74
CA GLY C 324 -39.00 36.44 17.26
C GLY C 324 -38.53 36.65 15.84
N LEU C 325 -38.86 37.78 15.23
CA LEU C 325 -38.45 38.03 13.85
C LEU C 325 -36.98 38.40 13.76
N ILE C 326 -36.47 39.18 14.72
CA ILE C 326 -35.05 39.44 14.87
C ILE C 326 -34.65 39.07 16.29
N ASP C 327 -33.35 39.03 16.53
CA ASP C 327 -32.78 38.66 17.82
C ASP C 327 -31.96 39.76 18.48
N ALA C 328 -31.47 40.73 17.73
CA ALA C 328 -30.68 41.81 18.31
C ALA C 328 -30.75 43.00 17.38
N VAL C 329 -30.43 44.17 17.93
CA VAL C 329 -30.46 45.42 17.18
C VAL C 329 -29.08 46.05 17.22
N ALA C 330 -28.65 46.56 16.05
CA ALA C 330 -27.41 47.30 15.92
C ALA C 330 -27.75 48.77 15.80
N PHE C 331 -27.26 49.59 16.73
CA PHE C 331 -27.47 51.03 16.70
C PHE C 331 -26.21 51.70 16.17
N GLY C 332 -26.38 52.63 15.24
CA GLY C 332 -25.25 53.34 14.66
C GLY C 332 -25.04 54.72 15.23
N ARG C 333 -25.79 55.69 14.71
CA ARG C 333 -25.56 57.10 15.07
C ARG C 333 -25.75 57.34 16.56
N ASP C 334 -26.77 56.73 17.17
CA ASP C 334 -26.93 56.86 18.62
C ASP C 334 -25.73 56.31 19.37
N TYR C 335 -24.98 55.37 18.77
CA TYR C 335 -23.78 54.87 19.45
C TYR C 335 -22.60 55.81 19.26
N ILE C 336 -22.53 56.51 18.13
CA ILE C 336 -21.54 57.57 18.00
C ILE C 336 -21.60 58.49 19.21
N ALA C 337 -22.82 58.91 19.56
CA ALA C 337 -23.01 59.98 20.54
C ALA C 337 -23.20 59.49 21.97
N ASN C 338 -23.39 58.19 22.20
CA ASN C 338 -23.70 57.70 23.54
C ASN C 338 -22.85 56.49 23.88
N PRO C 339 -21.70 56.68 24.52
CA PRO C 339 -20.88 55.52 24.87
C PRO C 339 -21.62 54.53 25.75
N ASP C 340 -22.42 55.02 26.70
CA ASP C 340 -23.18 54.18 27.63
C ASP C 340 -24.63 54.04 27.18
N LEU C 341 -24.84 53.82 25.88
CA LEU C 341 -26.19 53.69 25.33
C LEU C 341 -26.97 52.57 26.01
N VAL C 342 -26.29 51.47 26.38
CA VAL C 342 -26.97 50.36 27.02
C VAL C 342 -27.69 50.84 28.28
N ALA C 343 -26.98 51.58 29.12
CA ALA C 343 -27.58 52.15 30.33
C ALA C 343 -28.72 53.11 29.97
N ARG C 344 -28.44 54.05 29.07
CA ARG C 344 -29.46 55.04 28.74
C ARG C 344 -30.74 54.38 28.25
N LEU C 345 -30.62 53.33 27.44
CA LEU C 345 -31.81 52.70 26.90
C LEU C 345 -32.62 51.97 27.98
N GLN C 346 -31.98 51.41 28.99
CA GLN C 346 -32.73 50.66 29.99
C GLN C 346 -33.14 51.48 31.19
N LYS C 347 -32.61 52.70 31.34
CA LYS C 347 -33.14 53.66 32.29
C LYS C 347 -34.13 54.63 31.63
N LYS C 348 -34.55 54.36 30.40
CA LYS C 348 -35.33 55.30 29.60
C LYS C 348 -34.77 56.71 29.69
N ALA C 349 -33.46 56.83 29.89
CA ALA C 349 -32.81 58.14 29.94
C ALA C 349 -32.66 58.71 28.54
N PRO C 350 -32.37 60.00 28.43
CA PRO C 350 -32.22 60.62 27.12
C PRO C 350 -30.78 60.52 26.62
N LEU C 351 -30.61 60.90 25.35
CA LEU C 351 -29.38 60.67 24.59
C LEU C 351 -28.65 61.98 24.37
N ASN C 352 -27.32 61.95 24.43
CA ASN C 352 -26.55 63.11 24.01
C ASN C 352 -26.93 63.44 22.56
N PRO C 353 -26.86 64.71 22.18
CA PRO C 353 -27.14 65.03 20.77
C PRO C 353 -25.94 64.68 19.90
N GLN C 354 -26.21 64.36 18.65
CA GLN C 354 -25.14 63.98 17.75
C GLN C 354 -24.49 65.22 17.15
N ARG C 355 -23.19 65.13 16.92
CA ARG C 355 -22.43 66.17 16.25
C ARG C 355 -21.94 65.68 14.89
N PRO C 356 -22.76 65.71 13.85
CA PRO C 356 -22.39 65.04 12.59
C PRO C 356 -21.21 65.68 11.89
N GLU C 357 -20.85 66.91 12.25
CA GLU C 357 -19.72 67.56 11.59
C GLU C 357 -18.38 66.91 11.94
N SER C 358 -18.33 66.11 13.02
CA SER C 358 -17.12 65.40 13.40
C SER C 358 -17.24 63.88 13.25
N PHE C 359 -18.19 63.40 12.44
CA PHE C 359 -18.33 61.97 12.20
C PHE C 359 -17.11 61.41 11.48
N TYR C 360 -16.68 62.08 10.41
CA TYR C 360 -15.66 61.59 9.52
C TYR C 360 -14.39 62.41 9.69
N GLY C 361 -13.29 61.73 10.00
CA GLY C 361 -12.01 62.38 10.12
C GLY C 361 -11.86 63.06 11.46
N GLY C 362 -10.72 63.73 11.61
CA GLY C 362 -10.48 64.54 12.78
C GLY C 362 -9.70 63.81 13.84
N GLY C 363 -10.00 64.13 15.10
CA GLY C 363 -9.32 63.57 16.25
C GLY C 363 -10.30 63.30 17.36
N ALA C 364 -9.89 63.51 18.61
CA ALA C 364 -10.73 63.15 19.75
C ALA C 364 -12.06 63.89 19.74
N GLU C 365 -12.13 65.06 19.11
CA GLU C 365 -13.33 65.87 19.22
C GLU C 365 -14.46 65.25 18.42
N GLY C 366 -15.57 65.00 19.08
CA GLY C 366 -16.67 64.32 18.43
C GLY C 366 -16.45 62.85 18.26
N TYR C 367 -15.54 62.26 19.04
CA TYR C 367 -15.18 60.85 18.91
C TYR C 367 -15.17 60.22 20.30
N THR C 368 -14.27 60.68 21.16
CA THR C 368 -14.17 60.16 22.52
C THR C 368 -14.67 61.14 23.57
N ASP C 369 -15.29 62.26 23.17
CA ASP C 369 -15.71 63.30 24.10
C ASP C 369 -17.22 63.38 24.29
N TYR C 370 -17.97 62.37 23.86
CA TYR C 370 -19.38 62.32 24.24
C TYR C 370 -19.50 61.74 25.64
N PRO C 371 -20.24 62.37 26.54
CA PRO C 371 -20.21 61.97 27.95
C PRO C 371 -21.17 60.83 28.25
N THR C 372 -20.90 60.19 29.38
CA THR C 372 -21.81 59.23 29.97
C THR C 372 -22.82 59.96 30.85
N LEU C 373 -23.75 59.21 31.41
CA LEU C 373 -24.63 59.71 32.44
C LEU C 373 -23.79 59.93 33.69
N ALA D 12 -28.05 -17.47 19.40
CA ALA D 12 -28.33 -18.48 18.40
C ALA D 12 -27.49 -18.24 17.14
N LYS D 13 -27.06 -17.00 16.92
CA LYS D 13 -26.22 -16.72 15.76
C LYS D 13 -24.96 -17.57 15.78
N LEU D 14 -24.39 -17.81 16.96
CA LEU D 14 -23.19 -18.64 17.06
C LEU D 14 -23.39 -20.03 16.47
N PHE D 15 -24.64 -20.50 16.39
CA PHE D 15 -24.96 -21.82 15.88
C PHE D 15 -25.52 -21.80 14.47
N SER D 16 -25.34 -20.65 13.71
CA SER D 16 -25.85 -20.45 12.37
C SER D 16 -24.76 -20.65 11.31
N PRO D 17 -25.10 -21.02 10.08
CA PRO D 17 -24.05 -21.23 9.06
C PRO D 17 -23.29 -19.95 8.75
N LEU D 18 -22.09 -20.13 8.19
CA LEU D 18 -21.18 -19.05 7.86
C LEU D 18 -20.38 -19.44 6.63
N LYS D 19 -20.28 -18.55 5.66
CA LYS D 19 -19.44 -18.78 4.50
C LYS D 19 -18.04 -18.26 4.79
N VAL D 20 -17.04 -19.14 4.72
CA VAL D 20 -15.65 -18.82 5.06
C VAL D 20 -14.87 -19.00 3.77
N GLY D 21 -14.65 -17.91 3.04
CA GLY D 21 -14.08 -18.07 1.71
C GLY D 21 -14.94 -19.00 0.86
N ALA D 22 -14.30 -20.05 0.31
CA ALA D 22 -14.99 -20.97 -0.59
C ALA D 22 -15.94 -21.89 0.14
N VAL D 23 -15.82 -22.00 1.46
CA VAL D 23 -16.38 -23.11 2.22
C VAL D 23 -17.50 -22.59 3.11
N THR D 24 -18.62 -23.30 3.13
CA THR D 24 -19.75 -22.96 3.99
C THR D 24 -19.81 -23.95 5.14
N VAL D 25 -19.75 -23.43 6.37
CA VAL D 25 -19.70 -24.25 7.59
C VAL D 25 -21.02 -24.10 8.36
N PRO D 26 -21.42 -25.10 9.15
CA PRO D 26 -22.77 -25.09 9.73
C PRO D 26 -22.90 -24.29 11.01
N ASN D 27 -21.80 -23.98 11.70
CA ASN D 27 -21.86 -23.16 12.90
C ASN D 27 -20.53 -22.42 13.03
N ARG D 28 -20.45 -21.56 14.03
CA ARG D 28 -19.29 -20.69 14.26
C ARG D 28 -18.52 -21.09 15.51
N VAL D 29 -18.70 -22.32 15.97
CA VAL D 29 -17.95 -22.87 17.11
C VAL D 29 -16.77 -23.63 16.50
N PHE D 30 -15.64 -22.95 16.35
CA PHE D 30 -14.50 -23.55 15.68
C PHE D 30 -13.56 -24.19 16.69
N MET D 31 -12.80 -25.17 16.22
CA MET D 31 -11.75 -25.80 17.00
C MET D 31 -10.42 -25.10 16.70
N ALA D 32 -9.84 -24.51 17.73
CA ALA D 32 -8.61 -23.78 17.60
C ALA D 32 -7.45 -24.73 17.33
N PRO D 33 -6.39 -24.26 16.66
CA PRO D 33 -5.23 -25.12 16.46
C PRO D 33 -4.51 -25.39 17.77
N LEU D 34 -4.25 -26.67 18.05
CA LEU D 34 -3.76 -27.12 19.34
C LEU D 34 -2.65 -28.16 19.12
N THR D 35 -1.43 -27.76 19.43
CA THR D 35 -0.26 -28.63 19.38
C THR D 35 -0.40 -29.73 20.43
N ARG D 36 -0.32 -30.99 19.99
CA ARG D 36 -0.49 -32.12 20.88
C ARG D 36 0.67 -33.11 20.81
N LEU D 37 1.53 -33.04 19.79
CA LEU D 37 2.82 -33.71 19.79
C LEU D 37 2.70 -35.22 19.97
N ARG D 38 1.79 -35.82 19.20
CA ARG D 38 1.60 -37.27 19.18
C ARG D 38 1.90 -37.89 17.83
N SER D 39 2.66 -37.21 16.96
CA SER D 39 3.00 -37.75 15.65
C SER D 39 4.15 -38.76 15.75
N ILE D 40 4.25 -39.60 14.72
CA ILE D 40 5.31 -40.62 14.66
C ILE D 40 6.63 -39.97 14.26
N GLU D 41 7.67 -40.24 15.04
CA GLU D 41 9.03 -40.03 14.61
C GLU D 41 9.72 -41.38 14.47
N PRO D 42 10.61 -41.54 13.49
CA PRO D 42 10.99 -40.52 12.50
C PRO D 42 9.92 -40.34 11.43
N GLY D 43 9.87 -39.19 10.75
CA GLY D 43 8.99 -38.95 9.65
C GLY D 43 7.89 -37.94 9.93
N ASP D 44 7.65 -37.62 11.20
CA ASP D 44 6.67 -36.61 11.60
C ASP D 44 5.31 -36.89 10.96
N ILE D 45 4.86 -38.13 11.13
CA ILE D 45 3.73 -38.69 10.39
C ILE D 45 2.50 -38.63 11.26
N PRO D 46 1.38 -38.09 10.78
CA PRO D 46 0.12 -38.21 11.54
C PRO D 46 -0.29 -39.66 11.65
N THR D 47 -1.13 -39.92 12.64
CA THR D 47 -1.55 -41.27 13.01
C THR D 47 -3.05 -41.47 12.95
N PRO D 48 -3.51 -42.73 12.93
CA PRO D 48 -4.95 -42.97 13.08
C PRO D 48 -5.50 -42.48 14.41
N LEU D 49 -4.69 -42.50 15.47
CA LEU D 49 -5.16 -41.95 16.74
C LEU D 49 -5.51 -40.48 16.58
N MET D 50 -4.65 -39.71 15.91
CA MET D 50 -4.94 -38.31 15.64
C MET D 50 -6.19 -38.17 14.79
N GLY D 51 -6.36 -39.06 13.81
CA GLY D 51 -7.58 -39.06 13.02
C GLY D 51 -8.84 -39.26 13.85
N GLU D 52 -8.77 -40.17 14.84
CA GLU D 52 -9.92 -40.36 15.72
C GLU D 52 -10.19 -39.11 16.56
N TYR D 53 -9.14 -38.50 17.11
CA TYR D 53 -9.31 -37.27 17.87
C TYR D 53 -10.05 -36.20 17.06
N TYR D 54 -9.66 -36.03 15.78
CA TYR D 54 -10.32 -35.02 14.96
C TYR D 54 -11.72 -35.46 14.57
N ARG D 55 -11.89 -36.76 14.28
CA ARG D 55 -13.22 -37.26 13.95
C ARG D 55 -14.20 -37.01 15.08
N GLN D 56 -13.77 -37.20 16.33
CA GLN D 56 -14.65 -36.95 17.48
C GLN D 56 -15.16 -35.52 17.52
N ARG D 57 -14.42 -34.58 16.94
CA ARG D 57 -14.72 -33.16 17.06
C ARG D 57 -15.27 -32.57 15.78
N ALA D 58 -15.71 -33.43 14.84
CA ALA D 58 -16.17 -32.98 13.53
C ALA D 58 -17.53 -32.31 13.56
N SER D 59 -18.24 -32.27 14.70
CA SER D 59 -19.42 -31.41 14.77
C SER D 59 -19.03 -29.93 14.83
N SER D 60 -17.78 -29.64 15.14
CA SER D 60 -17.28 -28.27 15.01
C SER D 60 -17.56 -27.74 13.60
N GLY D 61 -17.94 -26.47 13.54
CA GLY D 61 -18.11 -25.83 12.25
C GLY D 61 -16.83 -25.83 11.44
N LEU D 62 -15.69 -25.70 12.11
CA LEU D 62 -14.40 -25.77 11.44
C LEU D 62 -13.33 -26.23 12.41
N ILE D 63 -12.77 -27.40 12.14
CA ILE D 63 -11.56 -27.85 12.82
C ILE D 63 -10.36 -27.17 12.16
N ILE D 64 -9.49 -26.58 12.97
CA ILE D 64 -8.20 -26.09 12.54
C ILE D 64 -7.17 -26.99 13.20
N THR D 65 -6.38 -27.71 12.40
CA THR D 65 -5.45 -28.68 12.95
C THR D 65 -4.37 -28.02 13.78
N GLU D 66 -3.72 -28.84 14.61
CA GLU D 66 -2.43 -28.50 15.17
C GLU D 66 -1.50 -27.96 14.10
N ALA D 67 -0.58 -27.10 14.51
CA ALA D 67 0.38 -26.55 13.59
C ALA D 67 1.22 -27.66 12.95
N THR D 68 1.44 -27.54 11.64
CA THR D 68 2.00 -28.61 10.81
C THR D 68 3.13 -28.06 9.95
N GLN D 69 4.26 -28.76 9.93
CA GLN D 69 5.44 -28.31 9.19
C GLN D 69 5.20 -28.20 7.69
N ILE D 70 5.66 -27.10 7.10
CA ILE D 70 5.63 -26.97 5.64
C ILE D 70 6.81 -27.66 5.02
N SER D 71 7.84 -27.99 5.81
CA SER D 71 9.07 -28.57 5.32
C SER D 71 9.77 -29.22 6.50
N ALA D 72 10.83 -29.99 6.21
CA ALA D 72 11.62 -30.55 7.30
C ALA D 72 12.34 -29.45 8.07
N GLN D 73 12.82 -28.42 7.37
CA GLN D 73 13.45 -27.28 8.03
C GLN D 73 12.51 -26.59 9.01
N ALA D 74 11.21 -26.59 8.75
CA ALA D 74 10.23 -25.89 9.58
C ALA D 74 10.08 -26.47 10.98
N LYS D 75 10.58 -27.68 11.21
CA LYS D 75 10.27 -28.41 12.43
C LYS D 75 10.94 -27.74 13.63
N GLY D 76 10.18 -27.59 14.70
CA GLY D 76 10.73 -27.09 15.94
C GLY D 76 10.29 -27.85 17.17
N TYR D 77 9.38 -28.82 17.00
CA TYR D 77 8.83 -29.61 18.09
C TYR D 77 8.84 -31.08 17.73
N ALA D 78 9.38 -31.91 18.62
CA ALA D 78 9.30 -33.36 18.47
C ALA D 78 7.85 -33.80 18.64
N GLY D 79 7.30 -34.49 17.65
CA GLY D 79 5.93 -34.95 17.70
C GLY D 79 4.95 -34.12 16.88
N ALA D 80 5.36 -33.00 16.36
CA ALA D 80 4.47 -32.22 15.51
C ALA D 80 4.50 -32.78 14.10
N PRO D 81 3.35 -32.85 13.42
CA PRO D 81 3.33 -33.46 12.09
C PRO D 81 3.84 -32.51 11.01
N GLY D 82 4.20 -33.10 9.86
CA GLY D 82 4.53 -32.38 8.65
C GLY D 82 3.50 -32.59 7.54
N LEU D 83 3.62 -31.75 6.51
CA LEU D 83 2.81 -31.89 5.29
C LEU D 83 3.70 -31.62 4.06
N HIS D 84 4.80 -32.37 3.97
CA HIS D 84 5.79 -32.21 2.92
C HIS D 84 6.34 -33.53 2.39
N SER D 85 5.80 -34.67 2.81
CA SER D 85 6.28 -35.96 2.34
C SER D 85 5.11 -36.82 1.90
N PRO D 86 5.34 -37.79 1.00
CA PRO D 86 4.22 -38.65 0.58
C PRO D 86 3.60 -39.45 1.72
N GLU D 87 4.41 -39.89 2.70
CA GLU D 87 3.88 -40.55 3.91
C GLU D 87 2.94 -39.64 4.69
N GLN D 88 3.38 -38.40 4.92
CA GLN D 88 2.55 -37.45 5.65
C GLN D 88 1.26 -37.17 4.90
N ILE D 89 1.36 -36.92 3.60
CA ILE D 89 0.17 -36.63 2.80
C ILE D 89 -0.82 -37.79 2.88
N ALA D 90 -0.33 -39.02 2.72
CA ALA D 90 -1.22 -40.18 2.75
C ALA D 90 -1.92 -40.28 4.08
N ALA D 91 -1.18 -40.04 5.17
CA ALA D 91 -1.79 -40.09 6.49
C ALA D 91 -2.78 -38.96 6.71
N TRP D 92 -2.47 -37.75 6.23
CA TRP D 92 -3.45 -36.68 6.38
C TRP D 92 -4.70 -36.97 5.56
N GLN D 93 -4.54 -37.65 4.43
CA GLN D 93 -5.71 -37.96 3.62
C GLN D 93 -6.70 -38.83 4.38
N LYS D 94 -6.22 -39.75 5.20
CA LYS D 94 -7.14 -40.54 6.02
C LYS D 94 -7.87 -39.66 7.01
N ILE D 95 -7.15 -38.73 7.63
CA ILE D 95 -7.76 -37.88 8.65
C ILE D 95 -8.84 -37.00 8.05
N THR D 96 -8.53 -36.35 6.93
CA THR D 96 -9.54 -35.49 6.33
C THR D 96 -10.73 -36.31 5.85
N ALA D 97 -10.48 -37.50 5.28
CA ALA D 97 -11.59 -38.37 4.90
C ALA D 97 -12.46 -38.68 6.10
N GLY D 98 -11.85 -39.02 7.24
CA GLY D 98 -12.63 -39.37 8.41
C GLY D 98 -13.48 -38.20 8.91
N VAL D 99 -12.93 -36.98 8.85
CA VAL D 99 -13.69 -35.82 9.29
C VAL D 99 -14.83 -35.52 8.33
N HIS D 100 -14.57 -35.62 7.02
CA HIS D 100 -15.63 -35.32 6.08
C HIS D 100 -16.72 -36.38 6.09
N ALA D 101 -16.39 -37.63 6.40
CA ALA D 101 -17.45 -38.64 6.54
C ALA D 101 -18.33 -38.42 7.78
N GLU D 102 -17.95 -37.52 8.69
CA GLU D 102 -18.85 -37.03 9.73
C GLU D 102 -19.53 -35.73 9.32
N ASN D 103 -19.43 -35.35 8.06
CA ASN D 103 -19.95 -34.06 7.58
C ASN D 103 -19.27 -32.88 8.27
N GLY D 104 -17.98 -33.01 8.58
CA GLY D 104 -17.21 -31.92 9.14
C GLY D 104 -16.44 -31.12 8.10
N HIS D 105 -15.67 -30.16 8.60
CA HIS D 105 -14.85 -29.28 7.77
C HIS D 105 -13.53 -29.07 8.50
N ILE D 106 -12.43 -28.98 7.75
CA ILE D 106 -11.11 -29.00 8.39
C ILE D 106 -10.13 -28.17 7.59
N ALA D 107 -9.36 -27.37 8.30
CA ALA D 107 -8.32 -26.54 7.74
C ALA D 107 -7.01 -26.95 8.40
N VAL D 108 -5.91 -26.96 7.65
CA VAL D 108 -4.60 -27.28 8.20
C VAL D 108 -3.86 -25.99 8.53
N GLN D 109 -3.42 -25.85 9.77
CA GLN D 109 -2.52 -24.76 10.13
C GLN D 109 -1.09 -25.13 9.75
N LEU D 110 -0.43 -24.25 9.02
CA LEU D 110 0.88 -24.49 8.44
C LEU D 110 1.89 -23.53 9.06
N TRP D 111 2.96 -24.06 9.63
CA TRP D 111 3.97 -23.18 10.21
C TRP D 111 5.36 -23.50 9.72
N HIS D 112 6.21 -22.52 9.94
CA HIS D 112 7.66 -22.68 10.03
C HIS D 112 8.02 -22.12 11.40
N THR D 113 8.66 -22.94 12.24
CA THR D 113 8.89 -22.52 13.62
C THR D 113 10.01 -21.50 13.76
N GLY D 114 10.87 -21.38 12.75
CA GLY D 114 11.94 -20.40 12.82
C GLY D 114 12.82 -20.67 14.02
N ARG D 115 13.14 -19.62 14.77
CA ARG D 115 14.06 -19.76 15.89
C ARG D 115 13.46 -20.45 17.10
N ILE D 116 12.17 -20.77 17.12
CA ILE D 116 11.60 -21.59 18.20
C ILE D 116 11.74 -23.03 17.75
N SER D 117 12.94 -23.56 17.91
CA SER D 117 13.34 -24.85 17.37
C SER D 117 14.61 -25.30 18.08
N HIS D 118 15.08 -26.49 17.72
CA HIS D 118 16.31 -27.03 18.29
C HIS D 118 17.08 -27.74 17.19
N SER D 119 18.41 -27.58 17.21
CA SER D 119 19.22 -28.11 16.11
C SER D 119 19.12 -29.63 16.01
N SER D 120 18.81 -30.32 17.11
CA SER D 120 18.66 -31.78 17.03
C SER D 120 17.44 -32.20 16.23
N LEU D 121 16.58 -31.25 15.87
CA LEU D 121 15.38 -31.51 15.09
C LEU D 121 15.51 -31.05 13.67
N GLN D 122 16.61 -30.40 13.33
CA GLN D 122 16.84 -29.78 12.05
C GLN D 122 17.56 -30.74 11.11
N PRO D 123 17.30 -30.64 9.81
CA PRO D 123 18.09 -31.41 8.83
C PRO D 123 19.58 -31.19 9.09
N GLY D 124 20.31 -32.29 9.14
CA GLY D 124 21.74 -32.26 9.37
C GLY D 124 22.18 -31.75 10.73
N GLY D 125 21.27 -31.68 11.70
CA GLY D 125 21.62 -31.18 13.01
C GLY D 125 22.05 -29.74 13.03
N ALA D 126 21.72 -28.96 12.01
CA ALA D 126 22.13 -27.58 11.89
C ALA D 126 21.25 -26.63 12.71
N ALA D 127 21.77 -25.42 12.89
CA ALA D 127 21.03 -24.37 13.56
C ALA D 127 19.75 -24.06 12.79
N PRO D 128 18.67 -23.74 13.47
CA PRO D 128 17.45 -23.33 12.77
C PRO D 128 17.60 -21.91 12.22
N VAL D 129 16.68 -21.56 11.33
CA VAL D 129 16.75 -20.29 10.60
C VAL D 129 15.79 -19.28 11.22
N ALA D 130 16.05 -18.01 10.95
CA ALA D 130 15.32 -16.90 11.54
C ALA D 130 15.64 -15.64 10.75
N PRO D 131 14.86 -14.56 10.91
CA PRO D 131 15.26 -13.31 10.25
C PRO D 131 16.60 -12.78 10.77
N SER D 132 16.91 -13.02 12.03
CA SER D 132 18.11 -12.51 12.65
C SER D 132 18.68 -13.54 13.62
N ALA D 133 19.99 -13.45 13.84
CA ALA D 133 20.71 -14.41 14.68
C ALA D 133 20.58 -13.98 16.14
N LEU D 134 19.38 -14.19 16.68
CA LEU D 134 19.03 -13.75 18.02
C LEU D 134 18.31 -14.88 18.71
N SER D 135 18.74 -15.22 19.92
CA SER D 135 18.11 -16.31 20.66
C SER D 135 16.63 -16.01 20.87
N ALA D 136 15.80 -17.04 20.74
CA ALA D 136 14.39 -16.89 21.05
C ALA D 136 14.15 -16.58 22.53
N GLY D 137 15.10 -16.92 23.40
CA GLY D 137 14.89 -16.73 24.82
C GLY D 137 13.70 -17.49 25.36
N THR D 138 13.40 -18.66 24.80
CA THR D 138 12.30 -19.47 25.30
C THR D 138 12.65 -20.93 25.04
N ARG D 139 11.70 -21.82 25.34
CA ARG D 139 11.94 -23.25 25.16
C ARG D 139 10.98 -23.83 24.12
N THR D 140 11.35 -25.01 23.63
CA THR D 140 10.48 -25.81 22.78
C THR D 140 10.38 -27.21 23.41
N SER D 141 9.77 -28.17 22.71
CA SER D 141 9.55 -29.51 23.23
C SER D 141 10.28 -30.53 22.37
N LEU D 142 11.18 -31.27 23.00
CA LEU D 142 11.75 -32.47 22.43
C LEU D 142 11.08 -33.68 23.05
N ARG D 143 11.62 -34.87 22.77
CA ARG D 143 11.17 -36.10 23.40
C ARG D 143 12.36 -36.72 24.13
N ASP D 144 12.11 -37.23 25.32
CA ASP D 144 13.16 -37.89 26.07
C ASP D 144 13.32 -39.32 25.54
N GLU D 145 14.30 -40.06 26.07
CA GLU D 145 14.58 -41.38 25.53
C GLU D 145 13.44 -42.37 25.73
N ASN D 146 12.44 -42.05 26.54
CA ASN D 146 11.25 -42.87 26.65
C ASN D 146 10.08 -42.31 25.85
N GLY D 147 10.33 -41.36 24.94
CA GLY D 147 9.30 -40.87 24.04
C GLY D 147 8.40 -39.80 24.61
N HIS D 148 8.70 -39.28 25.80
CA HIS D 148 7.84 -38.31 26.47
C HIS D 148 8.34 -36.89 26.23
N ALA D 149 7.41 -35.95 26.25
CA ALA D 149 7.74 -34.56 25.95
C ALA D 149 8.58 -33.95 27.05
N ILE D 150 9.60 -33.19 26.66
CA ILE D 150 10.42 -32.42 27.59
C ILE D 150 10.64 -31.02 27.01
N ARG D 151 10.79 -30.04 27.88
CA ARG D 151 11.05 -28.67 27.46
C ARG D 151 12.56 -28.38 27.45
N VAL D 152 13.04 -27.79 26.36
CA VAL D 152 14.46 -27.56 26.15
C VAL D 152 14.65 -26.17 25.57
N ASP D 153 15.71 -25.49 26.01
CA ASP D 153 16.05 -24.18 25.48
C ASP D 153 16.17 -24.25 23.97
N THR D 154 15.66 -23.23 23.27
CA THR D 154 15.80 -23.21 21.83
C THR D 154 17.25 -22.97 21.45
N SER D 155 17.63 -23.47 20.28
CA SER D 155 18.97 -23.28 19.74
C SER D 155 19.11 -21.89 19.15
N MET D 156 20.34 -21.38 19.20
CA MET D 156 20.66 -20.11 18.57
C MET D 156 20.47 -20.24 17.06
N PRO D 157 19.70 -19.36 16.43
CA PRO D 157 19.44 -19.50 15.00
C PRO D 157 20.48 -18.83 14.11
N ARG D 158 20.46 -19.24 12.86
CA ARG D 158 21.18 -18.59 11.77
C ARG D 158 20.22 -17.64 11.05
N ALA D 159 20.69 -16.43 10.75
CA ALA D 159 19.90 -15.48 9.98
C ALA D 159 19.81 -15.92 8.53
N LEU D 160 18.59 -15.90 8.00
CA LEU D 160 18.39 -16.18 6.58
C LEU D 160 19.10 -15.15 5.72
N GLU D 161 19.78 -15.61 4.67
CA GLU D 161 20.25 -14.70 3.64
C GLU D 161 19.05 -14.19 2.83
N THR D 162 19.22 -13.01 2.22
CA THR D 162 18.16 -12.46 1.39
C THR D 162 17.75 -13.44 0.30
N ALA D 163 18.72 -14.10 -0.34
CA ALA D 163 18.43 -15.05 -1.40
C ALA D 163 17.74 -16.31 -0.90
N GLU D 164 17.66 -16.50 0.42
CA GLU D 164 16.93 -17.64 0.94
C GLU D 164 15.45 -17.35 1.15
N ILE D 165 15.04 -16.08 1.13
CA ILE D 165 13.63 -15.77 1.41
C ILE D 165 12.70 -16.43 0.39
N PRO D 166 12.98 -16.39 -0.92
CA PRO D 166 12.09 -17.07 -1.88
C PRO D 166 11.89 -18.55 -1.59
N GLY D 167 12.91 -19.22 -1.07
CA GLY D 167 12.76 -20.62 -0.71
C GLY D 167 11.76 -20.86 0.40
N ILE D 168 11.72 -19.96 1.38
CA ILE D 168 10.67 -20.00 2.40
C ILE D 168 9.29 -19.85 1.75
N VAL D 169 9.14 -18.84 0.89
CA VAL D 169 7.87 -18.66 0.18
C VAL D 169 7.51 -19.92 -0.60
N ASN D 170 8.49 -20.47 -1.30
CA ASN D 170 8.26 -21.66 -2.11
C ASN D 170 7.88 -22.86 -1.26
N ASP D 171 8.39 -22.96 -0.03
CA ASP D 171 8.03 -24.07 0.83
C ASP D 171 6.59 -23.94 1.33
N PHE D 172 6.16 -22.71 1.69
CA PHE D 172 4.75 -22.49 1.99
C PHE D 172 3.89 -22.83 0.78
N ARG D 173 4.34 -22.41 -0.41
CA ARG D 173 3.57 -22.66 -1.62
C ARG D 173 3.32 -24.16 -1.81
N GLN D 174 4.37 -24.96 -1.74
CA GLN D 174 4.21 -26.39 -1.97
C GLN D 174 3.38 -27.04 -0.86
N ALA D 175 3.53 -26.59 0.39
CA ALA D 175 2.76 -27.18 1.48
C ALA D 175 1.27 -26.94 1.28
N VAL D 176 0.90 -25.75 0.80
CA VAL D 176 -0.50 -25.47 0.49
C VAL D 176 -0.97 -26.32 -0.68
N GLY D 177 -0.11 -26.50 -1.69
CA GLY D 177 -0.45 -27.44 -2.73
C GLY D 177 -0.72 -28.83 -2.19
N ASN D 178 0.11 -29.29 -1.24
CA ASN D 178 -0.10 -30.60 -0.61
C ASN D 178 -1.38 -30.61 0.23
N ALA D 179 -1.72 -29.50 0.88
CA ALA D 179 -2.94 -29.43 1.67
C ALA D 179 -4.16 -29.64 0.79
N ARG D 180 -4.15 -29.03 -0.38
CA ARG D 180 -5.21 -29.24 -1.35
C ARG D 180 -5.26 -30.70 -1.81
N ASP D 181 -4.10 -31.28 -2.13
CA ASP D 181 -4.09 -32.69 -2.53
C ASP D 181 -4.58 -33.60 -1.43
N ALA D 182 -4.32 -33.25 -0.17
CA ALA D 182 -4.65 -34.08 0.97
C ALA D 182 -6.10 -33.94 1.42
N GLY D 183 -6.89 -33.11 0.75
CA GLY D 183 -8.31 -33.04 1.03
C GLY D 183 -8.76 -31.97 1.99
N PHE D 184 -7.88 -31.09 2.46
CA PHE D 184 -8.32 -30.05 3.40
C PHE D 184 -9.23 -29.04 2.69
N ASP D 185 -10.10 -28.39 3.48
CA ASP D 185 -11.01 -27.36 2.97
C ASP D 185 -10.35 -25.98 2.89
N LEU D 186 -9.43 -25.69 3.80
CA LEU D 186 -8.75 -24.42 3.89
C LEU D 186 -7.35 -24.66 4.46
N VAL D 187 -6.51 -23.64 4.37
CA VAL D 187 -5.26 -23.62 5.11
C VAL D 187 -5.28 -22.40 6.02
N GLU D 188 -4.52 -22.47 7.10
CA GLU D 188 -4.30 -21.33 8.00
C GLU D 188 -2.79 -21.09 8.09
N LEU D 189 -2.34 -19.96 7.57
CA LEU D 189 -0.94 -19.60 7.71
C LEU D 189 -0.66 -19.20 9.16
N HIS D 190 0.40 -19.75 9.73
CA HIS D 190 0.71 -19.46 11.14
C HIS D 190 1.61 -18.23 11.23
N SER D 191 0.99 -17.07 11.34
CA SER D 191 1.68 -15.79 11.40
C SER D 191 1.63 -15.20 12.81
N ALA D 192 1.53 -16.07 13.82
CA ALA D 192 1.35 -15.68 15.21
C ALA D 192 2.36 -16.36 16.12
N HIS D 193 2.32 -15.93 17.40
CA HIS D 193 2.91 -16.63 18.54
C HIS D 193 4.41 -16.83 18.44
N GLY D 194 5.09 -15.94 17.74
CA GLY D 194 6.54 -15.95 17.73
C GLY D 194 7.19 -16.96 16.80
N TYR D 195 6.44 -17.55 15.86
CA TYR D 195 7.04 -18.43 14.85
C TYR D 195 7.58 -17.58 13.69
N LEU D 196 8.06 -18.22 12.63
CA LEU D 196 8.92 -17.52 11.66
C LEU D 196 8.24 -16.29 11.09
N LEU D 197 6.99 -16.41 10.68
CA LEU D 197 6.36 -15.28 10.03
C LEU D 197 6.21 -14.13 11.02
N HIS D 198 5.86 -14.45 12.26
CA HIS D 198 5.76 -13.43 13.29
C HIS D 198 7.13 -12.88 13.68
N GLN D 199 8.17 -13.71 13.62
CA GLN D 199 9.51 -13.22 13.90
C GLN D 199 9.90 -12.11 12.93
N PHE D 200 9.59 -12.30 11.63
CA PHE D 200 9.84 -11.25 10.63
C PHE D 200 8.96 -10.02 10.90
N LEU D 201 7.72 -10.23 11.31
CA LEU D 201 6.84 -9.11 11.60
C LEU D 201 7.31 -8.27 12.78
N SER D 202 8.07 -8.85 13.68
CA SER D 202 8.26 -8.22 14.99
C SER D 202 9.59 -7.48 15.05
N PRO D 203 9.61 -6.23 15.51
CA PRO D 203 10.89 -5.52 15.58
C PRO D 203 11.78 -6.04 16.68
N SER D 204 11.28 -6.82 17.62
CA SER D 204 12.18 -7.38 18.63
C SER D 204 12.94 -8.62 18.13
N ALA D 205 12.45 -9.33 17.09
CA ALA D 205 13.17 -10.49 16.57
C ALA D 205 13.84 -10.22 15.23
N ASN D 206 13.40 -9.20 14.53
CA ASN D 206 13.88 -8.85 13.22
C ASN D 206 14.73 -7.60 13.34
N GLN D 207 16.02 -7.75 13.17
CA GLN D 207 16.92 -6.62 13.07
C GLN D 207 17.59 -6.60 11.72
N ARG D 208 16.88 -7.05 10.68
CA ARG D 208 17.51 -7.16 9.38
C ARG D 208 17.74 -5.78 8.77
N THR D 209 18.72 -5.72 7.87
CA THR D 209 19.10 -4.51 7.17
C THR D 209 18.76 -4.55 5.69
N ASP D 210 18.16 -5.65 5.20
CA ASP D 210 17.74 -5.70 3.82
C ASP D 210 16.28 -5.26 3.74
N GLN D 211 15.60 -5.59 2.64
CA GLN D 211 14.23 -5.15 2.44
C GLN D 211 13.21 -5.94 3.24
N TYR D 212 13.62 -6.88 4.10
CA TYR D 212 12.72 -7.64 4.94
C TYR D 212 12.75 -7.19 6.39
N GLY D 213 13.40 -6.06 6.69
CA GLY D 213 13.49 -5.59 8.06
C GLY D 213 13.45 -4.07 8.15
N GLY D 214 13.16 -3.60 9.37
CA GLY D 214 13.11 -2.16 9.64
C GLY D 214 11.68 -1.68 9.69
N SER D 215 11.22 -1.11 8.58
CA SER D 215 9.88 -0.56 8.49
C SER D 215 8.82 -1.65 8.52
N VAL D 216 7.59 -1.25 8.84
CA VAL D 216 6.49 -2.20 8.89
C VAL D 216 6.26 -2.83 7.53
N GLU D 217 6.44 -2.03 6.46
CA GLU D 217 6.28 -2.55 5.11
C GLU D 217 7.32 -3.64 4.82
N ASN D 218 8.56 -3.40 5.24
CA ASN D 218 9.61 -4.41 5.07
C ASN D 218 9.35 -5.63 5.93
N ARG D 219 8.86 -5.43 7.16
CA ARG D 219 8.71 -6.54 8.08
C ARG D 219 7.53 -7.43 7.68
N ALA D 220 6.49 -6.84 7.09
CA ALA D 220 5.32 -7.58 6.58
C ALA D 220 5.55 -8.20 5.19
N ARG D 221 6.66 -7.89 4.54
CA ARG D 221 6.85 -8.28 3.15
C ARG D 221 6.81 -9.80 2.99
N LEU D 222 7.50 -10.53 3.88
CA LEU D 222 7.54 -11.99 3.75
C LEU D 222 6.14 -12.56 3.87
N VAL D 223 5.39 -12.20 4.91
CA VAL D 223 4.09 -12.82 5.10
C VAL D 223 3.16 -12.48 3.93
N LEU D 224 3.26 -11.25 3.39
CA LEU D 224 2.44 -10.91 2.22
C LEU D 224 2.92 -11.63 0.95
N GLU D 225 4.23 -11.82 0.79
CA GLU D 225 4.70 -12.68 -0.30
C GLU D 225 4.20 -14.12 -0.15
N VAL D 226 4.11 -14.62 1.08
CA VAL D 226 3.55 -15.95 1.28
C VAL D 226 2.08 -15.97 0.91
N VAL D 227 1.31 -14.97 1.34
CA VAL D 227 -0.12 -14.93 1.04
C VAL D 227 -0.34 -14.92 -0.46
N ASP D 228 0.41 -14.06 -1.17
CA ASP D 228 0.30 -14.03 -2.63
C ASP D 228 0.62 -15.40 -3.24
N ALA D 229 1.71 -16.02 -2.80
CA ALA D 229 2.12 -17.25 -3.46
C ALA D 229 1.13 -18.37 -3.21
N VAL D 230 0.65 -18.51 -1.97
CA VAL D 230 -0.29 -19.59 -1.71
C VAL D 230 -1.64 -19.31 -2.34
N SER D 231 -2.01 -18.03 -2.45
CA SER D 231 -3.24 -17.67 -3.17
C SER D 231 -3.16 -18.09 -4.64
N GLN D 232 -2.00 -17.95 -5.26
CA GLN D 232 -1.84 -18.33 -6.65
C GLN D 232 -1.74 -19.83 -6.83
N GLU D 233 -1.13 -20.53 -5.87
CA GLU D 233 -1.06 -21.98 -5.92
C GLU D 233 -2.45 -22.61 -5.83
N TRP D 234 -3.30 -22.10 -4.94
CA TRP D 234 -4.65 -22.63 -4.76
C TRP D 234 -5.61 -21.50 -5.07
N SER D 235 -6.13 -20.81 -4.05
CA SER D 235 -7.02 -19.68 -4.26
C SER D 235 -7.03 -18.82 -3.01
N ALA D 236 -7.14 -17.51 -3.18
CA ALA D 236 -7.18 -16.63 -2.01
C ALA D 236 -8.32 -17.00 -1.07
N GLU D 237 -9.43 -17.50 -1.61
CA GLU D 237 -10.58 -17.86 -0.79
C GLU D 237 -10.41 -19.21 -0.10
N ARG D 238 -9.22 -19.81 -0.19
CA ARG D 238 -8.85 -20.98 0.59
C ARG D 238 -7.82 -20.67 1.68
N ILE D 239 -7.39 -19.41 1.80
CA ILE D 239 -6.29 -19.02 2.68
C ILE D 239 -6.82 -18.24 3.88
N GLY D 240 -6.64 -18.79 5.08
CA GLY D 240 -6.80 -18.06 6.31
C GLY D 240 -5.43 -17.75 6.88
N ILE D 241 -5.41 -16.90 7.91
CA ILE D 241 -4.16 -16.50 8.56
C ILE D 241 -4.45 -16.25 10.02
N ARG D 242 -3.55 -16.73 10.88
CA ARG D 242 -3.63 -16.46 12.30
C ARG D 242 -2.54 -15.47 12.66
N VAL D 243 -2.93 -14.38 13.32
CA VAL D 243 -2.04 -13.32 13.77
C VAL D 243 -2.23 -13.14 15.27
N SER D 244 -1.19 -12.60 15.92
CA SER D 244 -1.24 -12.20 17.33
C SER D 244 -0.52 -10.87 17.42
N PRO D 245 -1.10 -9.82 16.83
CA PRO D 245 -0.35 -8.59 16.57
C PRO D 245 -0.38 -7.57 17.69
N ILE D 246 -1.05 -7.86 18.80
CA ILE D 246 -1.14 -6.95 19.94
C ILE D 246 -0.68 -7.73 21.16
N GLY D 247 0.31 -7.20 21.87
CA GLY D 247 0.82 -7.85 23.05
C GLY D 247 2.11 -8.60 22.76
N SER D 248 2.39 -9.56 23.62
CA SER D 248 3.63 -10.32 23.58
C SER D 248 3.32 -11.81 23.73
N PHE D 249 4.00 -12.63 22.92
CA PHE D 249 3.76 -14.07 22.90
C PHE D 249 5.10 -14.78 22.73
N GLN D 250 5.39 -15.71 23.65
CA GLN D 250 6.62 -16.52 23.59
C GLN D 250 7.85 -15.64 23.40
N ASN D 251 7.85 -14.49 24.09
CA ASN D 251 8.96 -13.55 24.13
C ASN D 251 9.11 -12.74 22.84
N VAL D 252 8.10 -12.72 21.99
CA VAL D 252 8.07 -11.87 20.81
C VAL D 252 7.00 -10.81 21.00
N ASP D 253 7.41 -9.55 21.03
CA ASP D 253 6.43 -8.47 21.10
C ASP D 253 6.25 -7.87 19.71
N ASN D 254 5.29 -6.98 19.60
CA ASN D 254 4.89 -6.39 18.33
C ASN D 254 5.38 -4.97 18.15
N GLY D 255 6.29 -4.53 19.00
CA GLY D 255 6.96 -3.26 18.81
C GLY D 255 6.22 -2.10 19.45
N PRO D 256 6.82 -0.91 19.37
CA PRO D 256 6.20 0.28 19.98
C PRO D 256 5.07 0.87 19.17
N ASN D 257 4.86 0.45 17.91
CA ASN D 257 3.73 0.94 17.13
C ASN D 257 2.77 -0.19 16.77
N GLU D 258 2.41 -1.01 17.76
CA GLU D 258 1.78 -2.29 17.44
C GLU D 258 0.41 -2.10 16.82
N GLU D 259 -0.39 -1.16 17.32
CA GLU D 259 -1.75 -1.06 16.80
C GLU D 259 -1.76 -0.62 15.34
N GLU D 260 -0.98 0.40 15.02
CA GLU D 260 -0.97 0.92 13.66
C GLU D 260 -0.34 -0.06 12.69
N ASP D 261 0.73 -0.75 13.13
CA ASP D 261 1.35 -1.79 12.32
C ASP D 261 0.41 -2.96 12.09
N ALA D 262 -0.40 -3.29 13.09
CA ALA D 262 -1.40 -4.34 12.93
C ALA D 262 -2.44 -3.96 11.89
N LEU D 263 -2.91 -2.71 11.95
CA LEU D 263 -3.92 -2.26 11.01
C LEU D 263 -3.38 -2.14 9.60
N TYR D 264 -2.11 -1.79 9.45
CA TYR D 264 -1.49 -1.87 8.13
C TYR D 264 -1.54 -3.30 7.58
N LEU D 265 -1.08 -4.27 8.36
CA LEU D 265 -1.07 -5.65 7.89
C LEU D 265 -2.48 -6.11 7.54
N ILE D 266 -3.46 -5.78 8.38
CA ILE D 266 -4.83 -6.24 8.14
C ILE D 266 -5.40 -5.64 6.86
N SER D 267 -5.07 -4.38 6.58
CA SER D 267 -5.53 -3.77 5.34
C SER D 267 -4.88 -4.42 4.13
N GLU D 268 -3.59 -4.73 4.21
CA GLU D 268 -2.95 -5.46 3.12
C GLU D 268 -3.56 -6.85 2.94
N LEU D 269 -3.93 -7.53 4.03
CA LEU D 269 -4.55 -8.83 3.88
C LEU D 269 -5.92 -8.71 3.24
N ALA D 270 -6.67 -7.68 3.61
CA ALA D 270 -7.97 -7.47 3.01
C ALA D 270 -7.86 -7.20 1.51
N LYS D 271 -6.79 -6.52 1.08
CA LYS D 271 -6.63 -6.25 -0.35
C LYS D 271 -6.52 -7.55 -1.14
N ARG D 272 -6.02 -8.60 -0.51
CA ARG D 272 -5.77 -9.86 -1.20
C ARG D 272 -6.94 -10.82 -1.14
N GLY D 273 -8.04 -10.43 -0.49
CA GLY D 273 -9.26 -11.23 -0.54
C GLY D 273 -9.17 -12.57 0.15
N ILE D 274 -8.40 -12.67 1.23
CA ILE D 274 -8.19 -13.98 1.85
C ILE D 274 -9.48 -14.43 2.53
N ALA D 275 -9.55 -15.70 2.90
CA ALA D 275 -10.78 -16.26 3.43
C ALA D 275 -11.08 -15.80 4.85
N TYR D 276 -10.07 -15.70 5.71
CA TYR D 276 -10.34 -15.21 7.05
C TYR D 276 -9.09 -14.67 7.75
N LEU D 277 -9.37 -13.87 8.78
CA LEU D 277 -8.42 -13.30 9.72
C LEU D 277 -8.73 -13.90 11.09
N HIS D 278 -7.76 -14.59 11.66
CA HIS D 278 -7.90 -15.27 12.94
C HIS D 278 -6.97 -14.57 13.92
N MET D 279 -7.56 -13.94 14.93
CA MET D 279 -6.83 -13.08 15.84
C MET D 279 -6.72 -13.78 17.18
N SER D 280 -5.49 -14.09 17.56
CA SER D 280 -5.19 -14.67 18.87
C SER D 280 -4.93 -13.51 19.81
N GLU D 281 -5.78 -13.37 20.80
CA GLU D 281 -5.79 -12.18 21.64
C GLU D 281 -4.91 -12.36 22.87
N PRO D 282 -4.40 -11.25 23.41
CA PRO D 282 -3.49 -11.35 24.56
C PRO D 282 -4.21 -11.72 25.84
N ASP D 283 -5.48 -11.36 25.97
CA ASP D 283 -6.34 -11.87 27.03
C ASP D 283 -6.39 -13.39 26.89
N TRP D 284 -5.59 -14.08 27.69
CA TRP D 284 -5.32 -15.52 27.60
C TRP D 284 -3.86 -15.72 27.96
N ALA D 285 -3.00 -14.88 27.39
CA ALA D 285 -1.55 -14.93 27.61
C ALA D 285 -1.08 -13.99 28.70
N GLY D 286 -2.00 -13.29 29.38
CA GLY D 286 -1.64 -12.36 30.44
C GLY D 286 -1.83 -10.90 30.09
N GLY D 287 -2.13 -10.57 28.83
CA GLY D 287 -2.12 -9.20 28.37
C GLY D 287 -3.49 -8.54 28.44
N LYS D 288 -3.53 -7.33 27.89
CA LYS D 288 -4.75 -6.50 27.95
C LYS D 288 -5.71 -6.88 26.84
N PRO D 289 -6.99 -7.06 27.13
CA PRO D 289 -7.92 -7.53 26.09
C PRO D 289 -8.20 -6.44 25.07
N TYR D 290 -8.56 -6.87 23.86
CA TYR D 290 -8.86 -5.91 22.79
C TYR D 290 -9.97 -4.96 23.24
N SER D 291 -9.79 -3.67 22.97
CA SER D 291 -10.87 -2.71 23.13
C SER D 291 -11.83 -2.81 21.95
N GLU D 292 -13.09 -2.43 22.18
CA GLU D 292 -14.05 -2.44 21.08
C GLU D 292 -13.64 -1.45 20.01
N ALA D 293 -13.05 -0.33 20.41
CA ALA D 293 -12.58 0.64 19.43
C ALA D 293 -11.58 0.00 18.47
N PHE D 294 -10.65 -0.79 19.01
CA PHE D 294 -9.70 -1.49 18.14
C PHE D 294 -10.42 -2.50 17.25
N ARG D 295 -11.30 -3.32 17.84
CA ARG D 295 -12.02 -4.31 17.04
C ARG D 295 -12.77 -3.66 15.90
N GLN D 296 -13.28 -2.45 16.12
CA GLN D 296 -14.01 -1.76 15.08
C GLN D 296 -13.06 -1.28 13.99
N LYS D 297 -11.87 -0.84 14.37
CA LYS D 297 -10.87 -0.46 13.38
C LYS D 297 -10.42 -1.66 12.54
N VAL D 298 -10.34 -2.84 13.16
CA VAL D 298 -10.03 -4.05 12.40
C VAL D 298 -11.16 -4.34 11.42
N ARG D 299 -12.40 -4.33 11.93
CA ARG D 299 -13.56 -4.57 11.07
C ARG D 299 -13.64 -3.57 9.93
N ASP D 300 -13.40 -2.27 10.21
CA ASP D 300 -13.44 -1.27 9.14
C ASP D 300 -12.49 -1.63 8.00
N ARG D 301 -11.37 -2.27 8.32
CA ARG D 301 -10.37 -2.57 7.31
C ARG D 301 -10.49 -3.98 6.77
N PHE D 302 -11.24 -4.87 7.43
CA PHE D 302 -11.33 -6.27 7.03
C PHE D 302 -12.80 -6.68 7.05
N PRO D 303 -13.50 -6.54 5.92
CA PRO D 303 -14.91 -6.93 5.90
C PRO D 303 -15.13 -8.45 5.85
N GLY D 304 -14.09 -9.23 5.57
CA GLY D 304 -14.21 -10.67 5.54
C GLY D 304 -14.35 -11.29 6.92
N VAL D 305 -14.36 -12.63 6.91
CA VAL D 305 -14.55 -13.39 8.15
C VAL D 305 -13.43 -13.08 9.13
N ILE D 306 -13.81 -12.77 10.36
CA ILE D 306 -12.87 -12.58 11.47
C ILE D 306 -13.19 -13.62 12.53
N ILE D 307 -12.16 -14.34 12.97
CA ILE D 307 -12.26 -15.37 14.00
C ILE D 307 -11.59 -14.82 15.25
N GLY D 308 -12.33 -14.78 16.34
CA GLY D 308 -11.77 -14.39 17.62
C GLY D 308 -11.32 -15.61 18.40
N ALA D 309 -10.27 -15.45 19.19
CA ALA D 309 -9.74 -16.55 19.97
C ALA D 309 -9.06 -16.04 21.22
N GLY D 310 -9.20 -16.82 22.30
CA GLY D 310 -8.51 -16.54 23.54
C GLY D 310 -9.46 -16.29 24.70
N ALA D 311 -9.66 -17.31 25.54
CA ALA D 311 -10.45 -17.15 26.77
C ALA D 311 -11.84 -16.59 26.47
N TYR D 312 -12.46 -17.11 25.44
CA TYR D 312 -13.81 -16.69 25.09
C TYR D 312 -14.83 -17.45 25.92
N THR D 313 -15.80 -16.72 26.44
CA THR D 313 -17.04 -17.32 26.93
C THR D 313 -18.05 -17.33 25.81
N VAL D 314 -19.15 -18.07 26.00
CA VAL D 314 -20.24 -17.96 25.04
C VAL D 314 -20.80 -16.55 25.08
N GLU D 315 -20.80 -15.91 26.25
CA GLU D 315 -21.33 -14.56 26.37
C GLU D 315 -20.52 -13.59 25.53
N LYS D 316 -19.19 -13.62 25.68
CA LYS D 316 -18.34 -12.79 24.83
C LYS D 316 -18.60 -13.09 23.36
N ALA D 317 -18.76 -14.38 23.03
CA ALA D 317 -18.90 -14.79 21.63
C ALA D 317 -20.17 -14.20 21.02
N ASN D 318 -21.30 -14.39 21.70
CA ASN D 318 -22.55 -13.84 21.19
C ASN D 318 -22.50 -12.33 21.11
N ASP D 319 -21.96 -11.69 22.15
CA ASP D 319 -21.88 -10.23 22.16
C ASP D 319 -21.17 -9.72 20.91
N LEU D 320 -19.97 -10.24 20.66
CA LEU D 320 -19.16 -9.71 19.57
C LEU D 320 -19.69 -10.15 18.22
N ILE D 321 -20.28 -11.35 18.14
CA ILE D 321 -20.89 -11.74 16.89
C ILE D 321 -22.10 -10.87 16.60
N ASN D 322 -22.94 -10.66 17.62
CA ASN D 322 -24.11 -9.80 17.43
C ASN D 322 -23.71 -8.38 17.05
N LYS D 323 -22.61 -7.86 17.62
CA LYS D 323 -22.13 -6.53 17.25
C LYS D 323 -21.42 -6.50 15.90
N GLY D 324 -21.27 -7.63 15.21
CA GLY D 324 -20.60 -7.61 13.92
C GLY D 324 -19.11 -7.41 13.97
N LEU D 325 -18.49 -7.54 15.15
CA LEU D 325 -17.05 -7.31 15.26
C LEU D 325 -16.24 -8.55 14.91
N ILE D 326 -16.76 -9.74 15.21
CA ILE D 326 -16.22 -11.01 14.75
C ILE D 326 -17.36 -11.83 14.17
N ASP D 327 -16.99 -12.89 13.46
CA ASP D 327 -17.95 -13.78 12.84
C ASP D 327 -17.93 -15.18 13.45
N ALA D 328 -16.85 -15.57 14.11
CA ALA D 328 -16.70 -16.92 14.65
C ALA D 328 -15.72 -16.89 15.80
N VAL D 329 -15.78 -17.93 16.62
CA VAL D 329 -14.91 -18.08 17.77
C VAL D 329 -14.21 -19.44 17.69
N ALA D 330 -12.90 -19.45 17.92
CA ALA D 330 -12.14 -20.69 18.03
C ALA D 330 -11.89 -21.01 19.49
N PHE D 331 -12.37 -22.15 19.95
CA PHE D 331 -12.11 -22.63 21.30
C PHE D 331 -10.96 -23.61 21.30
N GLY D 332 -10.05 -23.42 22.26
CA GLY D 332 -8.84 -24.21 22.39
C GLY D 332 -9.01 -25.26 23.46
N ARG D 333 -8.64 -24.93 24.71
CA ARG D 333 -8.58 -25.95 25.77
C ARG D 333 -9.94 -26.60 25.98
N ASP D 334 -11.03 -25.86 25.79
CA ASP D 334 -12.35 -26.47 25.91
C ASP D 334 -12.58 -27.55 24.86
N TYR D 335 -11.94 -27.43 23.69
CA TYR D 335 -12.13 -28.46 22.67
C TYR D 335 -11.26 -29.67 22.95
N ILE D 336 -10.08 -29.47 23.57
CA ILE D 336 -9.31 -30.61 24.05
C ILE D 336 -10.21 -31.53 24.88
N ALA D 337 -10.98 -30.93 25.77
CA ALA D 337 -11.71 -31.67 26.80
C ALA D 337 -13.15 -31.99 26.41
N ASN D 338 -13.68 -31.43 25.31
CA ASN D 338 -15.09 -31.61 24.97
C ASN D 338 -15.33 -31.90 23.50
N PRO D 339 -15.30 -33.18 23.10
CA PRO D 339 -15.46 -33.48 21.67
C PRO D 339 -16.76 -32.94 21.12
N ASP D 340 -17.83 -33.02 21.90
CA ASP D 340 -19.14 -32.49 21.53
C ASP D 340 -19.37 -31.10 22.12
N LEU D 341 -18.34 -30.24 22.09
CA LEU D 341 -18.47 -28.88 22.60
C LEU D 341 -19.65 -28.13 21.98
N VAL D 342 -19.97 -28.38 20.70
CA VAL D 342 -21.08 -27.66 20.08
C VAL D 342 -22.40 -27.99 20.80
N ALA D 343 -22.68 -29.28 20.96
CA ALA D 343 -23.91 -29.68 21.64
C ALA D 343 -23.96 -29.16 23.08
N ARG D 344 -22.82 -29.16 23.77
CA ARG D 344 -22.83 -28.70 25.16
C ARG D 344 -23.13 -27.21 25.26
N LEU D 345 -22.54 -26.40 24.38
CA LEU D 345 -22.84 -24.97 24.41
C LEU D 345 -24.26 -24.70 23.99
N GLN D 346 -24.76 -25.47 23.03
CA GLN D 346 -26.13 -25.29 22.58
C GLN D 346 -27.12 -25.59 23.71
N LYS D 347 -26.87 -26.66 24.47
CA LYS D 347 -27.73 -27.08 25.58
C LYS D 347 -27.36 -26.43 26.91
N LYS D 348 -26.41 -25.50 26.94
CA LYS D 348 -25.94 -24.90 28.19
C LYS D 348 -25.60 -25.98 29.22
N ALA D 349 -24.95 -27.03 28.76
CA ALA D 349 -24.57 -28.15 29.62
C ALA D 349 -23.20 -27.87 30.22
N PRO D 350 -22.79 -28.67 31.21
CA PRO D 350 -21.46 -28.48 31.79
C PRO D 350 -20.38 -29.07 30.89
N LEU D 351 -19.15 -28.69 31.17
CA LEU D 351 -17.98 -29.15 30.44
C LEU D 351 -17.17 -30.13 31.27
N ASN D 352 -16.55 -31.09 30.59
CA ASN D 352 -15.60 -31.96 31.26
C ASN D 352 -14.44 -31.10 31.78
N PRO D 353 -13.78 -31.53 32.84
CA PRO D 353 -12.59 -30.80 33.29
C PRO D 353 -11.38 -31.21 32.48
N GLN D 354 -10.59 -30.21 32.15
CA GLN D 354 -9.37 -30.42 31.40
C GLN D 354 -8.34 -31.21 32.22
N ARG D 355 -7.58 -32.05 31.54
CA ARG D 355 -6.43 -32.71 32.15
C ARG D 355 -5.13 -32.21 31.54
N PRO D 356 -4.60 -31.07 32.01
CA PRO D 356 -3.44 -30.47 31.34
C PRO D 356 -2.22 -31.36 31.32
N GLU D 357 -2.10 -32.34 32.21
CA GLU D 357 -0.91 -33.17 32.26
C GLU D 357 -0.76 -34.04 31.02
N SER D 358 -1.80 -34.17 30.20
CA SER D 358 -1.73 -34.99 29.00
C SER D 358 -1.99 -34.17 27.74
N PHE D 359 -1.85 -32.84 27.82
CA PHE D 359 -1.96 -32.01 26.63
C PHE D 359 -0.89 -32.38 25.61
N TYR D 360 0.33 -32.66 26.08
CA TYR D 360 1.50 -32.76 25.21
C TYR D 360 2.11 -34.15 25.29
N GLY D 361 2.14 -34.82 24.15
CA GLY D 361 2.74 -36.14 24.06
C GLY D 361 1.81 -37.23 24.56
N GLY D 362 2.35 -38.45 24.57
CA GLY D 362 1.59 -39.58 25.06
C GLY D 362 0.75 -40.22 23.98
N GLY D 363 -0.39 -40.77 24.39
CA GLY D 363 -1.27 -41.52 23.51
C GLY D 363 -2.72 -41.18 23.78
N ALA D 364 -3.60 -42.20 23.76
CA ALA D 364 -5.04 -41.94 23.80
C ALA D 364 -5.48 -41.24 25.07
N GLU D 365 -4.80 -41.50 26.18
CA GLU D 365 -5.27 -40.95 27.44
C GLU D 365 -5.09 -39.44 27.44
N GLY D 366 -6.15 -38.73 27.80
CA GLY D 366 -6.16 -37.29 27.70
C GLY D 366 -6.20 -36.76 26.29
N TYR D 367 -6.60 -37.60 25.33
CA TYR D 367 -6.61 -37.25 23.92
C TYR D 367 -7.96 -37.61 23.31
N THR D 368 -8.25 -38.90 23.24
CA THR D 368 -9.47 -39.43 22.66
C THR D 368 -10.44 -39.96 23.71
N ASP D 369 -10.09 -39.85 25.00
CA ASP D 369 -10.83 -40.47 26.08
C ASP D 369 -11.64 -39.46 26.89
N TYR D 370 -11.84 -38.27 26.37
CA TYR D 370 -12.81 -37.38 26.98
C TYR D 370 -14.20 -37.73 26.48
N PRO D 371 -15.19 -37.85 27.35
CA PRO D 371 -16.50 -38.35 26.92
C PRO D 371 -17.42 -37.27 26.38
N THR D 372 -18.39 -37.73 25.59
CA THR D 372 -19.51 -36.92 25.13
C THR D 372 -20.62 -36.95 26.17
N LEU D 373 -21.64 -36.11 25.93
CA LEU D 373 -22.87 -36.15 26.73
C LEU D 373 -23.60 -37.46 26.44
N ALA E 12 -16.54 -40.19 -47.13
CA ALA E 12 -15.14 -39.80 -47.06
C ALA E 12 -14.85 -38.81 -45.91
N LYS E 13 -15.87 -38.10 -45.43
CA LYS E 13 -15.60 -37.14 -44.36
C LYS E 13 -15.27 -37.85 -43.04
N LEU E 14 -15.82 -39.05 -42.84
CA LEU E 14 -15.42 -39.90 -41.72
C LEU E 14 -13.90 -40.05 -41.62
N PHE E 15 -13.18 -39.93 -42.73
CA PHE E 15 -11.74 -40.18 -42.77
C PHE E 15 -10.95 -38.90 -42.91
N SER E 16 -11.58 -37.75 -42.76
CA SER E 16 -10.86 -36.49 -42.80
C SER E 16 -10.49 -36.03 -41.39
N PRO E 17 -9.53 -35.13 -41.24
CA PRO E 17 -9.12 -34.69 -39.90
C PRO E 17 -10.20 -33.89 -39.18
N LEU E 18 -10.02 -33.78 -37.85
CA LEU E 18 -10.94 -33.04 -36.98
C LEU E 18 -10.16 -32.42 -35.84
N LYS E 19 -10.35 -31.12 -35.60
CA LYS E 19 -9.81 -30.47 -34.42
C LYS E 19 -10.71 -30.75 -33.23
N VAL E 20 -10.18 -31.40 -32.21
CA VAL E 20 -10.94 -31.81 -31.02
C VAL E 20 -10.33 -31.06 -29.84
N GLY E 21 -10.96 -29.95 -29.46
CA GLY E 21 -10.34 -29.01 -28.57
C GLY E 21 -8.91 -28.72 -29.00
N ALA E 22 -7.94 -28.97 -28.12
CA ALA E 22 -6.55 -28.65 -28.42
C ALA E 22 -5.92 -29.56 -29.47
N VAL E 23 -6.52 -30.70 -29.80
CA VAL E 23 -5.82 -31.78 -30.49
C VAL E 23 -6.43 -31.94 -31.87
N THR E 24 -5.58 -32.12 -32.88
CA THR E 24 -6.04 -32.47 -34.22
C THR E 24 -5.75 -33.93 -34.50
N VAL E 25 -6.78 -34.65 -34.92
CA VAL E 25 -6.70 -36.09 -35.15
C VAL E 25 -6.87 -36.32 -36.64
N PRO E 26 -6.40 -37.44 -37.19
CA PRO E 26 -6.37 -37.61 -38.66
C PRO E 26 -7.66 -38.12 -39.26
N ASN E 27 -8.50 -38.74 -38.45
CA ASN E 27 -9.77 -39.25 -38.92
C ASN E 27 -10.77 -39.24 -37.77
N ARG E 28 -12.01 -39.59 -38.08
CA ARG E 28 -13.07 -39.55 -37.09
C ARG E 28 -13.58 -40.94 -36.70
N VAL E 29 -12.76 -41.96 -36.92
CA VAL E 29 -13.05 -43.35 -36.53
C VAL E 29 -12.40 -43.53 -35.16
N PHE E 30 -13.16 -43.28 -34.12
CA PHE E 30 -12.65 -43.29 -32.76
C PHE E 30 -12.80 -44.67 -32.15
N MET E 31 -11.88 -45.02 -31.24
CA MET E 31 -12.02 -46.23 -30.41
C MET E 31 -12.73 -45.91 -29.11
N ALA E 32 -13.91 -46.51 -28.91
CA ALA E 32 -14.71 -46.24 -27.74
C ALA E 32 -14.06 -46.81 -26.47
N PRO E 33 -14.33 -46.20 -25.30
CA PRO E 33 -13.83 -46.77 -24.04
C PRO E 33 -14.37 -48.18 -23.84
N LEU E 34 -13.47 -49.12 -23.53
CA LEU E 34 -13.80 -50.54 -23.44
C LEU E 34 -13.12 -51.18 -22.23
N THR E 35 -13.91 -51.53 -21.23
CA THR E 35 -13.46 -52.25 -20.05
C THR E 35 -13.05 -53.66 -20.45
N ARG E 36 -11.77 -53.99 -20.26
CA ARG E 36 -11.27 -55.32 -20.55
C ARG E 36 -10.72 -56.05 -19.33
N LEU E 37 -10.51 -55.35 -18.20
CA LEU E 37 -10.26 -55.98 -16.89
C LEU E 37 -9.04 -56.89 -16.89
N ARG E 38 -7.95 -56.43 -17.50
CA ARG E 38 -6.71 -57.18 -17.58
C ARG E 38 -5.58 -56.51 -16.80
N SER E 39 -5.92 -55.63 -15.86
CA SER E 39 -4.86 -54.95 -15.13
C SER E 39 -4.31 -55.84 -14.02
N ILE E 40 -3.14 -55.46 -13.54
CA ILE E 40 -2.48 -56.15 -12.45
C ILE E 40 -3.11 -55.76 -11.13
N GLU E 41 -3.40 -56.76 -10.29
CA GLU E 41 -3.69 -56.55 -8.90
C GLU E 41 -2.69 -57.31 -8.04
N PRO E 42 -2.31 -56.77 -6.87
CA PRO E 42 -2.71 -55.48 -6.32
C PRO E 42 -2.06 -54.31 -7.05
N GLY E 43 -2.63 -53.11 -6.96
CA GLY E 43 -2.08 -51.94 -7.57
C GLY E 43 -2.90 -51.40 -8.73
N ASP E 44 -3.70 -52.24 -9.36
CA ASP E 44 -4.52 -51.83 -10.50
C ASP E 44 -3.66 -51.20 -11.58
N ILE E 45 -2.64 -51.93 -12.00
CA ILE E 45 -1.53 -51.38 -12.79
C ILE E 45 -1.69 -51.80 -14.24
N PRO E 46 -1.70 -50.88 -15.19
CA PRO E 46 -1.69 -51.28 -16.60
C PRO E 46 -0.39 -52.02 -16.91
N THR E 47 -0.41 -52.77 -18.01
CA THR E 47 0.60 -53.72 -18.39
C THR E 47 1.18 -53.42 -19.77
N PRO E 48 2.35 -53.99 -20.09
CA PRO E 48 2.81 -53.94 -21.49
C PRO E 48 1.86 -54.63 -22.44
N LEU E 49 1.11 -55.65 -21.98
CA LEU E 49 0.11 -56.27 -22.84
C LEU E 49 -0.96 -55.26 -23.24
N MET E 50 -1.55 -54.60 -22.25
CA MET E 50 -2.50 -53.53 -22.55
C MET E 50 -1.86 -52.50 -23.48
N GLY E 51 -0.60 -52.16 -23.22
CA GLY E 51 0.10 -51.26 -24.12
C GLY E 51 0.11 -51.71 -25.57
N GLU E 52 0.36 -53.00 -25.80
CA GLU E 52 0.38 -53.52 -27.17
C GLU E 52 -1.01 -53.50 -27.80
N TYR E 53 -2.03 -53.82 -27.01
CA TYR E 53 -3.42 -53.73 -27.47
C TYR E 53 -3.75 -52.33 -27.99
N TYR E 54 -3.33 -51.29 -27.28
CA TYR E 54 -3.60 -49.92 -27.73
C TYR E 54 -2.68 -49.55 -28.89
N ARG E 55 -1.43 -50.00 -28.87
CA ARG E 55 -0.55 -49.75 -30.01
C ARG E 55 -1.13 -50.31 -31.30
N GLN E 56 -1.69 -51.52 -31.24
CA GLN E 56 -2.26 -52.12 -32.45
C GLN E 56 -3.32 -51.25 -33.09
N ARG E 57 -3.94 -50.38 -32.28
CA ARG E 57 -5.12 -49.65 -32.69
C ARG E 57 -4.82 -48.18 -32.91
N ALA E 58 -3.55 -47.81 -32.99
CA ALA E 58 -3.16 -46.40 -33.01
C ALA E 58 -3.41 -45.72 -34.34
N SER E 59 -3.91 -46.43 -35.36
CA SER E 59 -4.38 -45.75 -36.56
C SER E 59 -5.75 -45.12 -36.35
N SER E 60 -6.45 -45.47 -35.27
CA SER E 60 -7.63 -44.74 -34.87
C SER E 60 -7.37 -43.24 -34.75
N GLY E 61 -8.36 -42.46 -35.16
CA GLY E 61 -8.28 -41.02 -34.97
C GLY E 61 -8.06 -40.65 -33.52
N LEU E 62 -8.76 -41.32 -32.60
CA LEU E 62 -8.56 -41.13 -31.17
C LEU E 62 -8.92 -42.41 -30.43
N ILE E 63 -7.95 -42.93 -29.69
CA ILE E 63 -8.21 -44.02 -28.76
C ILE E 63 -8.74 -43.42 -27.47
N ILE E 64 -9.86 -43.94 -26.99
CA ILE E 64 -10.38 -43.62 -25.67
C ILE E 64 -10.20 -44.88 -24.83
N THR E 65 -9.34 -44.80 -23.82
CA THR E 65 -9.01 -45.97 -23.01
C THR E 65 -10.24 -46.51 -22.28
N GLU E 66 -10.09 -47.75 -21.83
CA GLU E 66 -10.96 -48.32 -20.81
C GLU E 66 -11.12 -47.33 -19.66
N ALA E 67 -12.26 -47.42 -18.99
CA ALA E 67 -12.49 -46.59 -17.83
C ALA E 67 -11.44 -46.88 -16.76
N THR E 68 -10.93 -45.81 -16.17
CA THR E 68 -9.76 -45.83 -15.30
C THR E 68 -10.05 -45.06 -14.01
N GLN E 69 -9.67 -45.64 -12.88
CA GLN E 69 -10.05 -45.08 -11.59
C GLN E 69 -9.35 -43.77 -11.34
N ILE E 70 -10.10 -42.80 -10.80
CA ILE E 70 -9.47 -41.55 -10.35
C ILE E 70 -8.84 -41.69 -8.97
N SER E 71 -9.17 -42.74 -8.23
CA SER E 71 -8.72 -42.94 -6.86
C SER E 71 -8.93 -44.40 -6.53
N ALA E 72 -8.39 -44.82 -5.39
CA ALA E 72 -8.65 -46.20 -4.93
C ALA E 72 -10.13 -46.39 -4.61
N GLN E 73 -10.76 -45.36 -4.04
CA GLN E 73 -12.19 -45.42 -3.74
C GLN E 73 -13.03 -45.59 -5.00
N ALA E 74 -12.56 -45.10 -6.13
CA ALA E 74 -13.31 -45.18 -7.37
C ALA E 74 -13.48 -46.60 -7.89
N LYS E 75 -12.68 -47.55 -7.42
CA LYS E 75 -12.67 -48.88 -8.01
C LYS E 75 -14.00 -49.59 -7.79
N GLY E 76 -14.51 -50.19 -8.86
CA GLY E 76 -15.70 -51.04 -8.77
C GLY E 76 -15.55 -52.37 -9.48
N TYR E 77 -14.49 -52.54 -10.28
CA TYR E 77 -14.22 -53.77 -11.02
C TYR E 77 -12.80 -54.26 -10.79
N ALA E 78 -12.66 -55.53 -10.43
CA ALA E 78 -11.34 -56.15 -10.38
C ALA E 78 -10.75 -56.23 -11.78
N GLY E 79 -9.53 -55.71 -11.94
CA GLY E 79 -8.86 -55.70 -13.22
C GLY E 79 -8.89 -54.37 -13.92
N ALA E 80 -9.71 -53.43 -13.44
CA ALA E 80 -9.74 -52.09 -14.03
C ALA E 80 -8.55 -51.27 -13.53
N PRO E 81 -7.91 -50.49 -14.39
CA PRO E 81 -6.71 -49.76 -13.96
C PRO E 81 -7.04 -48.45 -13.27
N GLY E 82 -6.04 -47.93 -12.57
CA GLY E 82 -6.12 -46.62 -11.95
C GLY E 82 -5.15 -45.62 -12.55
N LEU E 83 -5.40 -44.34 -12.30
CA LEU E 83 -4.49 -43.27 -12.67
C LEU E 83 -4.37 -42.33 -11.47
N HIS E 84 -3.92 -42.91 -10.33
CA HIS E 84 -3.77 -42.19 -9.08
C HIS E 84 -2.53 -42.56 -8.28
N SER E 85 -1.69 -43.46 -8.75
CA SER E 85 -0.49 -43.84 -8.02
C SER E 85 0.73 -43.68 -8.91
N PRO E 86 1.93 -43.57 -8.32
CA PRO E 86 3.15 -43.50 -9.14
C PRO E 86 3.34 -44.72 -10.04
N GLU E 87 3.11 -45.94 -9.52
CA GLU E 87 3.15 -47.16 -10.33
C GLU E 87 2.28 -47.04 -11.57
N GLN E 88 1.04 -46.58 -11.39
CA GLN E 88 0.07 -46.51 -12.48
C GLN E 88 0.46 -45.45 -13.50
N ILE E 89 0.86 -44.26 -13.02
CA ILE E 89 1.29 -43.20 -13.93
C ILE E 89 2.47 -43.68 -14.79
N ALA E 90 3.47 -44.28 -14.15
CA ALA E 90 4.65 -44.71 -14.90
C ALA E 90 4.27 -45.70 -15.98
N ALA E 91 3.35 -46.61 -15.67
CA ALA E 91 2.94 -47.64 -16.62
C ALA E 91 2.11 -47.04 -17.75
N TRP E 92 1.23 -46.06 -17.43
CA TRP E 92 0.50 -45.37 -18.48
C TRP E 92 1.42 -44.57 -19.39
N GLN E 93 2.50 -44.02 -18.84
CA GLN E 93 3.45 -43.31 -19.69
C GLN E 93 4.04 -44.23 -20.75
N LYS E 94 4.30 -45.51 -20.43
CA LYS E 94 4.77 -46.42 -21.48
C LYS E 94 3.70 -46.59 -22.53
N ILE E 95 2.44 -46.72 -22.09
CA ILE E 95 1.34 -46.95 -23.01
C ILE E 95 1.14 -45.77 -23.94
N THR E 96 1.03 -44.56 -23.39
CA THR E 96 0.85 -43.40 -24.27
C THR E 96 2.05 -43.18 -25.18
N ALA E 97 3.29 -43.39 -24.68
CA ALA E 97 4.44 -43.21 -25.55
C ALA E 97 4.41 -44.20 -26.72
N GLY E 98 3.84 -45.38 -26.51
CA GLY E 98 3.78 -46.34 -27.60
C GLY E 98 2.74 -45.95 -28.64
N VAL E 99 1.62 -45.40 -28.19
CA VAL E 99 0.62 -44.95 -29.15
C VAL E 99 1.15 -43.78 -29.97
N HIS E 100 1.91 -42.89 -29.33
CA HIS E 100 2.41 -41.71 -30.00
C HIS E 100 3.55 -42.04 -30.94
N ALA E 101 4.34 -43.06 -30.64
CA ALA E 101 5.37 -43.47 -31.59
C ALA E 101 4.78 -44.17 -32.81
N GLU E 102 3.47 -44.43 -32.81
CA GLU E 102 2.74 -44.85 -34.01
C GLU E 102 1.98 -43.69 -34.63
N ASN E 103 2.26 -42.46 -34.21
CA ASN E 103 1.57 -41.27 -34.67
C ASN E 103 0.09 -41.28 -34.31
N GLY E 104 -0.26 -41.99 -33.22
CA GLY E 104 -1.62 -42.02 -32.72
C GLY E 104 -1.93 -40.92 -31.71
N HIS E 105 -3.20 -40.93 -31.23
CA HIS E 105 -3.73 -39.98 -30.24
C HIS E 105 -4.58 -40.74 -29.24
N ILE E 106 -4.54 -40.33 -27.97
CA ILE E 106 -5.16 -41.16 -26.94
C ILE E 106 -5.69 -40.30 -25.80
N ALA E 107 -6.89 -40.64 -25.36
CA ALA E 107 -7.56 -40.00 -24.25
C ALA E 107 -7.90 -41.04 -23.19
N VAL E 108 -7.81 -40.64 -21.93
CA VAL E 108 -8.09 -41.53 -20.81
C VAL E 108 -9.50 -41.25 -20.30
N GLN E 109 -10.37 -42.25 -20.35
CA GLN E 109 -11.65 -42.13 -19.71
C GLN E 109 -11.47 -42.34 -18.20
N LEU E 110 -11.95 -41.38 -17.40
CA LEU E 110 -11.81 -41.40 -15.95
C LEU E 110 -13.17 -41.58 -15.30
N TRP E 111 -13.29 -42.56 -14.39
CA TRP E 111 -14.54 -42.75 -13.66
C TRP E 111 -14.33 -42.86 -12.16
N HIS E 112 -15.46 -42.68 -11.48
CA HIS E 112 -15.69 -43.17 -10.13
C HIS E 112 -16.91 -44.06 -10.27
N THR E 113 -16.79 -45.34 -9.87
CA THR E 113 -17.88 -46.29 -10.12
C THR E 113 -19.04 -46.11 -9.16
N GLY E 114 -18.83 -45.41 -8.05
CA GLY E 114 -19.93 -45.19 -7.13
C GLY E 114 -20.52 -46.50 -6.67
N ARG E 115 -21.86 -46.60 -6.65
CA ARG E 115 -22.49 -47.79 -6.09
C ARG E 115 -22.38 -49.03 -6.98
N ILE E 116 -21.87 -48.93 -8.21
CA ILE E 116 -21.58 -50.13 -9.02
C ILE E 116 -20.17 -50.57 -8.63
N SER E 117 -20.09 -51.27 -7.51
CA SER E 117 -18.83 -51.62 -6.88
C SER E 117 -19.11 -52.70 -5.84
N HIS E 118 -18.06 -53.14 -5.17
CA HIS E 118 -18.16 -54.18 -4.16
C HIS E 118 -17.22 -53.81 -3.04
N SER E 119 -17.65 -54.07 -1.80
CA SER E 119 -16.86 -53.66 -0.64
C SER E 119 -15.49 -54.34 -0.62
N SER E 120 -15.39 -55.56 -1.16
CA SER E 120 -14.10 -56.25 -1.21
C SER E 120 -13.08 -55.54 -2.10
N LEU E 121 -13.52 -54.58 -2.91
CA LEU E 121 -12.62 -53.84 -3.79
C LEU E 121 -12.31 -52.45 -3.29
N GLN E 122 -12.91 -52.04 -2.15
CA GLN E 122 -12.84 -50.72 -1.57
C GLN E 122 -11.72 -50.64 -0.52
N PRO E 123 -11.09 -49.48 -0.38
CA PRO E 123 -10.19 -49.29 0.77
C PRO E 123 -10.87 -49.66 2.07
N GLY E 124 -10.14 -50.42 2.91
CA GLY E 124 -10.67 -50.86 4.18
C GLY E 124 -11.78 -51.87 4.10
N GLY E 125 -12.11 -52.39 2.92
CA GLY E 125 -13.24 -53.28 2.81
C GLY E 125 -14.57 -52.63 3.12
N ALA E 126 -14.64 -51.31 3.03
CA ALA E 126 -15.83 -50.56 3.40
C ALA E 126 -16.86 -50.53 2.26
N ALA E 127 -18.06 -50.11 2.62
CA ALA E 127 -19.11 -49.92 1.63
C ALA E 127 -18.70 -48.87 0.59
N PRO E 128 -19.01 -49.07 -0.68
CA PRO E 128 -18.74 -48.02 -1.67
C PRO E 128 -19.67 -46.83 -1.43
N VAL E 129 -19.34 -45.71 -2.05
CA VAL E 129 -20.08 -44.46 -1.84
C VAL E 129 -20.98 -44.20 -3.03
N ALA E 130 -21.97 -43.33 -2.81
CA ALA E 130 -23.02 -43.03 -3.78
C ALA E 130 -23.75 -41.78 -3.30
N PRO E 131 -24.51 -41.13 -4.19
CA PRO E 131 -25.34 -40.01 -3.72
C PRO E 131 -26.38 -40.42 -2.68
N SER E 132 -26.91 -41.64 -2.76
CA SER E 132 -27.90 -42.11 -1.79
C SER E 132 -27.68 -43.59 -1.50
N ALA E 133 -28.11 -44.03 -0.32
CA ALA E 133 -27.90 -45.40 0.12
C ALA E 133 -28.99 -46.29 -0.51
N LEU E 134 -28.84 -46.52 -1.81
CA LEU E 134 -29.78 -47.32 -2.58
C LEU E 134 -29.00 -48.31 -3.42
N SER E 135 -29.37 -49.60 -3.34
CA SER E 135 -28.70 -50.62 -4.15
C SER E 135 -28.72 -50.26 -5.62
N ALA E 136 -27.61 -50.57 -6.32
CA ALA E 136 -27.60 -50.45 -7.77
C ALA E 136 -28.51 -51.46 -8.44
N GLY E 137 -28.88 -52.53 -7.73
CA GLY E 137 -29.65 -53.62 -8.31
C GLY E 137 -29.03 -54.24 -9.54
N THR E 138 -27.71 -54.32 -9.59
CA THR E 138 -27.01 -54.95 -10.70
C THR E 138 -25.77 -55.65 -10.13
N ARG E 139 -24.91 -56.11 -11.03
CA ARG E 139 -23.71 -56.82 -10.63
C ARG E 139 -22.48 -56.13 -11.18
N THR E 140 -21.35 -56.39 -10.55
CA THR E 140 -20.05 -55.97 -11.07
C THR E 140 -19.16 -57.21 -11.22
N SER E 141 -17.90 -57.01 -11.59
CA SER E 141 -17.00 -58.12 -11.89
C SER E 141 -15.86 -58.16 -10.87
N LEU E 142 -15.78 -59.25 -10.12
CA LEU E 142 -14.63 -59.53 -9.28
C LEU E 142 -13.71 -60.49 -10.02
N ARG E 143 -12.70 -60.99 -9.32
CA ARG E 143 -11.86 -62.09 -9.81
C ARG E 143 -11.92 -63.22 -8.80
N ASP E 144 -12.06 -64.45 -9.28
CA ASP E 144 -12.07 -65.62 -8.40
C ASP E 144 -10.63 -65.97 -8.00
N GLU E 145 -10.49 -66.98 -7.14
CA GLU E 145 -9.16 -67.31 -6.63
C GLU E 145 -8.21 -67.78 -7.71
N ASN E 146 -8.69 -68.08 -8.92
CA ASN E 146 -7.79 -68.39 -10.03
C ASN E 146 -7.61 -67.22 -10.99
N GLY E 147 -8.14 -66.05 -10.66
CA GLY E 147 -7.88 -64.85 -11.44
C GLY E 147 -8.84 -64.61 -12.59
N HIS E 148 -9.95 -65.35 -12.66
CA HIS E 148 -10.91 -65.21 -13.75
C HIS E 148 -12.05 -64.30 -13.31
N ALA E 149 -12.57 -63.54 -14.26
CA ALA E 149 -13.67 -62.63 -13.98
C ALA E 149 -14.91 -63.40 -13.55
N ILE E 150 -15.54 -62.95 -12.46
CA ILE E 150 -16.83 -63.47 -12.02
C ILE E 150 -17.76 -62.29 -11.77
N ARG E 151 -19.06 -62.51 -11.93
CA ARG E 151 -20.07 -61.48 -11.72
C ARG E 151 -20.68 -61.64 -10.32
N VAL E 152 -20.77 -60.53 -9.59
CA VAL E 152 -21.24 -60.54 -8.21
C VAL E 152 -22.14 -59.34 -7.98
N ASP E 153 -23.13 -59.50 -7.10
CA ASP E 153 -24.00 -58.40 -6.73
C ASP E 153 -23.19 -57.24 -6.16
N THR E 154 -23.54 -56.03 -6.56
CA THR E 154 -22.93 -54.84 -5.99
C THR E 154 -23.31 -54.71 -4.52
N SER E 155 -22.40 -54.14 -3.74
CA SER E 155 -22.65 -53.88 -2.33
C SER E 155 -23.57 -52.68 -2.14
N MET E 156 -24.28 -52.68 -1.02
CA MET E 156 -25.11 -51.54 -0.63
C MET E 156 -24.21 -50.34 -0.36
N PRO E 157 -24.45 -49.18 -0.96
CA PRO E 157 -23.56 -48.04 -0.78
C PRO E 157 -23.87 -47.22 0.46
N ARG E 158 -22.85 -46.45 0.87
CA ARG E 158 -23.01 -45.39 1.86
C ARG E 158 -23.26 -44.08 1.12
N ALA E 159 -24.23 -43.31 1.60
CA ALA E 159 -24.49 -42.01 0.99
C ALA E 159 -23.38 -41.03 1.37
N LEU E 160 -22.86 -40.31 0.37
CA LEU E 160 -21.83 -39.31 0.63
C LEU E 160 -22.39 -38.18 1.47
N GLU E 161 -21.65 -37.76 2.49
CA GLU E 161 -22.03 -36.56 3.20
C GLU E 161 -21.78 -35.34 2.32
N THR E 162 -22.52 -34.28 2.60
CA THR E 162 -22.33 -33.04 1.85
C THR E 162 -20.86 -32.62 1.85
N ALA E 163 -20.20 -32.71 3.00
CA ALA E 163 -18.81 -32.31 3.12
C ALA E 163 -17.86 -33.22 2.37
N GLU E 164 -18.33 -34.37 1.87
CA GLU E 164 -17.48 -35.25 1.09
C GLU E 164 -17.50 -34.91 -0.39
N ILE E 165 -18.40 -34.05 -0.84
CA ILE E 165 -18.50 -33.84 -2.28
C ILE E 165 -17.23 -33.14 -2.80
N PRO E 166 -16.67 -32.15 -2.09
CA PRO E 166 -15.41 -31.55 -2.57
C PRO E 166 -14.30 -32.57 -2.77
N GLY E 167 -14.25 -33.62 -1.96
CA GLY E 167 -13.23 -34.63 -2.13
C GLY E 167 -13.37 -35.39 -3.45
N ILE E 168 -14.61 -35.65 -3.87
CA ILE E 168 -14.83 -36.26 -5.18
C ILE E 168 -14.29 -35.35 -6.27
N VAL E 169 -14.66 -34.07 -6.24
CA VAL E 169 -14.15 -33.14 -7.24
C VAL E 169 -12.63 -33.13 -7.25
N ASN E 170 -12.04 -33.08 -6.05
CA ASN E 170 -10.59 -33.01 -5.92
C ASN E 170 -9.90 -34.24 -6.48
N ASP E 171 -10.54 -35.42 -6.38
CA ASP E 171 -9.91 -36.63 -6.92
C ASP E 171 -9.99 -36.63 -8.44
N PHE E 172 -11.10 -36.16 -9.03
CA PHE E 172 -11.13 -35.96 -10.48
C PHE E 172 -10.07 -34.97 -10.90
N ARG E 173 -9.97 -33.85 -10.15
CA ARG E 173 -8.94 -32.85 -10.44
C ARG E 173 -7.55 -33.49 -10.50
N GLN E 174 -7.17 -34.22 -9.45
CA GLN E 174 -5.83 -34.78 -9.41
C GLN E 174 -5.63 -35.84 -10.48
N ALA E 175 -6.67 -36.64 -10.76
CA ALA E 175 -6.55 -37.63 -11.83
C ALA E 175 -6.29 -36.98 -13.18
N VAL E 176 -6.92 -35.84 -13.45
CA VAL E 176 -6.70 -35.17 -14.72
C VAL E 176 -5.30 -34.60 -14.78
N GLY E 177 -4.81 -34.10 -13.66
CA GLY E 177 -3.42 -33.69 -13.61
C GLY E 177 -2.45 -34.83 -13.87
N ASN E 178 -2.73 -36.02 -13.30
CA ASN E 178 -1.92 -37.19 -13.62
C ASN E 178 -2.00 -37.58 -15.09
N ALA E 179 -3.20 -37.45 -15.69
CA ALA E 179 -3.38 -37.78 -17.09
C ALA E 179 -2.49 -36.90 -17.96
N ARG E 180 -2.46 -35.60 -17.65
CA ARG E 180 -1.57 -34.69 -18.36
C ARG E 180 -0.11 -35.11 -18.17
N ASP E 181 0.31 -35.34 -16.92
CA ASP E 181 1.68 -35.78 -16.68
C ASP E 181 2.00 -37.08 -17.40
N ALA E 182 1.02 -37.97 -17.53
CA ALA E 182 1.26 -39.27 -18.12
C ALA E 182 1.21 -39.24 -19.65
N GLY E 183 1.03 -38.08 -20.25
CA GLY E 183 1.17 -37.92 -21.69
C GLY E 183 -0.09 -38.12 -22.49
N PHE E 184 -1.25 -38.20 -21.86
CA PHE E 184 -2.49 -38.29 -22.63
C PHE E 184 -2.74 -36.97 -23.37
N ASP E 185 -3.51 -37.06 -24.45
CA ASP E 185 -3.88 -35.90 -25.24
C ASP E 185 -5.14 -35.21 -24.75
N LEU E 186 -6.03 -35.97 -24.12
CA LEU E 186 -7.32 -35.51 -23.65
C LEU E 186 -7.72 -36.40 -22.48
N VAL E 187 -8.73 -35.98 -21.75
CA VAL E 187 -9.41 -36.83 -20.80
C VAL E 187 -10.88 -36.87 -21.20
N GLU E 188 -11.54 -37.97 -20.87
CA GLU E 188 -12.97 -38.11 -20.96
C GLU E 188 -13.55 -38.41 -19.58
N LEU E 189 -14.35 -37.51 -19.07
CA LEU E 189 -15.09 -37.75 -17.84
C LEU E 189 -16.23 -38.73 -18.08
N HIS E 190 -16.32 -39.75 -17.25
CA HIS E 190 -17.32 -40.78 -17.42
C HIS E 190 -18.55 -40.36 -16.66
N SER E 191 -19.46 -39.68 -17.35
CA SER E 191 -20.70 -39.22 -16.75
C SER E 191 -21.89 -40.02 -17.25
N ALA E 192 -21.68 -41.33 -17.55
CA ALA E 192 -22.67 -42.17 -18.19
C ALA E 192 -22.78 -43.53 -17.51
N HIS E 193 -23.75 -44.33 -18.01
CA HIS E 193 -23.83 -45.77 -17.75
C HIS E 193 -23.98 -46.13 -16.27
N GLY E 194 -24.52 -45.24 -15.47
CA GLY E 194 -24.84 -45.58 -14.10
C GLY E 194 -23.72 -45.47 -13.08
N TYR E 195 -22.56 -44.89 -13.44
CA TYR E 195 -21.48 -44.69 -12.46
C TYR E 195 -21.71 -43.36 -11.72
N LEU E 196 -20.74 -42.91 -10.91
CA LEU E 196 -21.05 -41.97 -9.84
C LEU E 196 -21.65 -40.67 -10.37
N LEU E 197 -21.05 -40.09 -11.41
CA LEU E 197 -21.58 -38.84 -11.93
C LEU E 197 -23.00 -39.02 -12.45
N HIS E 198 -23.26 -40.12 -13.15
CA HIS E 198 -24.62 -40.38 -13.61
C HIS E 198 -25.56 -40.65 -12.46
N GLN E 199 -25.10 -41.35 -11.42
CA GLN E 199 -25.93 -41.56 -10.24
C GLN E 199 -26.43 -40.24 -9.67
N PHE E 200 -25.57 -39.23 -9.62
CA PHE E 200 -26.02 -37.92 -9.14
C PHE E 200 -27.01 -37.29 -10.12
N LEU E 201 -26.74 -37.41 -11.42
CA LEU E 201 -27.63 -36.80 -12.41
C LEU E 201 -29.01 -37.41 -12.40
N SER E 202 -29.14 -38.67 -11.94
CA SER E 202 -30.36 -39.43 -12.13
C SER E 202 -31.25 -39.38 -10.91
N PRO E 203 -32.53 -39.01 -11.07
CA PRO E 203 -33.45 -39.10 -9.92
C PRO E 203 -33.71 -40.53 -9.45
N SER E 204 -33.43 -41.55 -10.25
CA SER E 204 -33.67 -42.90 -9.76
C SER E 204 -32.61 -43.34 -8.75
N ALA E 205 -31.39 -42.78 -8.83
CA ALA E 205 -30.32 -43.08 -7.88
C ALA E 205 -30.10 -41.98 -6.84
N ASN E 206 -30.54 -40.76 -7.11
CA ASN E 206 -30.25 -39.60 -6.27
C ASN E 206 -31.54 -39.15 -5.61
N GLN E 207 -31.63 -39.38 -4.29
CA GLN E 207 -32.73 -38.91 -3.47
C GLN E 207 -32.20 -37.97 -2.38
N ARG E 208 -31.09 -37.30 -2.66
CA ARG E 208 -30.49 -36.39 -1.68
C ARG E 208 -31.39 -35.19 -1.40
N THR E 209 -31.26 -34.66 -0.19
CA THR E 209 -32.03 -33.51 0.25
C THR E 209 -31.16 -32.27 0.41
N ASP E 210 -29.87 -32.33 0.06
CA ASP E 210 -29.02 -31.15 0.08
C ASP E 210 -28.99 -30.53 -1.32
N GLN E 211 -28.02 -29.65 -1.57
CA GLN E 211 -27.94 -28.93 -2.83
C GLN E 211 -27.46 -29.79 -3.98
N TYR E 212 -27.20 -31.08 -3.75
CA TYR E 212 -26.77 -31.98 -4.82
C TYR E 212 -27.88 -32.94 -5.25
N GLY E 213 -29.11 -32.69 -4.83
CA GLY E 213 -30.21 -33.58 -5.17
C GLY E 213 -31.51 -32.82 -5.39
N GLY E 214 -32.44 -33.49 -6.07
CA GLY E 214 -33.76 -32.93 -6.28
C GLY E 214 -33.91 -32.28 -7.63
N SER E 215 -33.78 -30.95 -7.69
CA SER E 215 -33.87 -30.24 -8.95
C SER E 215 -32.71 -30.63 -9.89
N VAL E 216 -32.91 -30.38 -11.18
CA VAL E 216 -31.88 -30.70 -12.16
C VAL E 216 -30.64 -29.84 -11.95
N GLU E 217 -30.83 -28.57 -11.54
CA GLU E 217 -29.69 -27.73 -11.21
C GLU E 217 -28.86 -28.39 -10.10
N ASN E 218 -29.54 -28.91 -9.09
CA ASN E 218 -28.85 -29.58 -8.00
C ASN E 218 -28.21 -30.89 -8.48
N ARG E 219 -28.94 -31.67 -9.30
CA ARG E 219 -28.46 -32.98 -9.71
C ARG E 219 -27.26 -32.89 -10.64
N ALA E 220 -27.20 -31.87 -11.49
CA ALA E 220 -26.04 -31.65 -12.34
C ALA E 220 -24.90 -30.89 -11.65
N ARG E 221 -25.11 -30.41 -10.42
CA ARG E 221 -24.10 -29.57 -9.77
C ARG E 221 -22.75 -30.27 -9.69
N LEU E 222 -22.75 -31.55 -9.28
CA LEU E 222 -21.48 -32.25 -9.11
C LEU E 222 -20.72 -32.35 -10.42
N VAL E 223 -21.37 -32.80 -11.48
CA VAL E 223 -20.65 -32.98 -12.74
C VAL E 223 -20.12 -31.66 -13.27
N LEU E 224 -20.85 -30.56 -13.08
CA LEU E 224 -20.34 -29.29 -13.56
C LEU E 224 -19.22 -28.77 -12.65
N GLU E 225 -19.29 -29.02 -11.33
CA GLU E 225 -18.15 -28.70 -10.48
C GLU E 225 -16.91 -29.49 -10.92
N VAL E 226 -17.10 -30.75 -11.32
CA VAL E 226 -15.98 -31.54 -11.81
C VAL E 226 -15.43 -30.94 -13.10
N VAL E 227 -16.30 -30.61 -14.04
CA VAL E 227 -15.83 -30.01 -15.29
C VAL E 227 -15.05 -28.73 -15.02
N ASP E 228 -15.54 -27.89 -14.11
CA ASP E 228 -14.83 -26.64 -13.82
C ASP E 228 -13.47 -26.92 -13.21
N ALA E 229 -13.41 -27.84 -12.24
CA ALA E 229 -12.14 -28.11 -11.58
C ALA E 229 -11.12 -28.70 -12.55
N VAL E 230 -11.53 -29.61 -13.41
CA VAL E 230 -10.54 -30.25 -14.29
C VAL E 230 -10.13 -29.29 -15.40
N SER E 231 -11.05 -28.43 -15.84
CA SER E 231 -10.70 -27.42 -16.84
C SER E 231 -9.66 -26.44 -16.30
N GLN E 232 -9.76 -26.10 -15.01
CA GLN E 232 -8.79 -25.22 -14.37
C GLN E 232 -7.48 -25.93 -14.09
N GLU E 233 -7.54 -27.20 -13.68
CA GLU E 233 -6.31 -27.98 -13.50
C GLU E 233 -5.51 -28.06 -14.79
N TRP E 234 -6.18 -28.35 -15.91
CA TRP E 234 -5.52 -28.48 -17.20
C TRP E 234 -6.06 -27.37 -18.11
N SER E 235 -7.02 -27.68 -18.99
CA SER E 235 -7.70 -26.68 -19.79
C SER E 235 -8.99 -27.29 -20.30
N ALA E 236 -10.01 -26.45 -20.47
CA ALA E 236 -11.29 -26.93 -21.00
C ALA E 236 -11.10 -27.59 -22.35
N GLU E 237 -10.15 -27.10 -23.15
CA GLU E 237 -9.78 -27.65 -24.45
C GLU E 237 -9.29 -29.09 -24.37
N ARG E 238 -9.10 -29.64 -23.17
CA ARG E 238 -8.61 -30.99 -22.98
C ARG E 238 -9.65 -31.90 -22.39
N ILE E 239 -10.88 -31.43 -22.18
CA ILE E 239 -11.86 -32.17 -21.40
C ILE E 239 -12.99 -32.61 -22.33
N GLY E 240 -13.18 -33.92 -22.42
CA GLY E 240 -14.36 -34.50 -23.01
C GLY E 240 -15.23 -35.09 -21.91
N ILE E 241 -16.47 -35.39 -22.26
CA ILE E 241 -17.37 -35.99 -21.29
C ILE E 241 -18.29 -36.94 -22.02
N ARG E 242 -18.47 -38.13 -21.45
CA ARG E 242 -19.41 -39.10 -21.97
C ARG E 242 -20.68 -39.06 -21.14
N VAL E 243 -21.82 -39.02 -21.80
CA VAL E 243 -23.12 -38.99 -21.14
C VAL E 243 -24.01 -40.03 -21.81
N SER E 244 -25.01 -40.48 -21.07
CA SER E 244 -26.03 -41.40 -21.61
C SER E 244 -27.36 -40.91 -21.06
N PRO E 245 -27.81 -39.74 -21.50
CA PRO E 245 -28.85 -38.98 -20.77
C PRO E 245 -30.27 -39.29 -21.20
N ILE E 246 -30.43 -40.14 -22.21
CA ILE E 246 -31.71 -40.58 -22.73
C ILE E 246 -31.73 -42.10 -22.63
N GLY E 247 -32.71 -42.64 -21.92
CA GLY E 247 -32.87 -44.07 -21.76
C GLY E 247 -32.50 -44.55 -20.39
N SER E 248 -32.28 -45.86 -20.29
CA SER E 248 -31.91 -46.53 -19.06
C SER E 248 -30.65 -47.32 -19.31
N PHE E 249 -29.71 -47.28 -18.36
CA PHE E 249 -28.44 -48.00 -18.47
C PHE E 249 -28.06 -48.60 -17.12
N GLN E 250 -27.81 -49.89 -17.10
CA GLN E 250 -27.47 -50.61 -15.88
C GLN E 250 -28.35 -50.18 -14.73
N ASN E 251 -29.66 -50.14 -15.01
CA ASN E 251 -30.65 -49.92 -13.96
C ASN E 251 -30.71 -48.47 -13.49
N VAL E 252 -30.14 -47.54 -14.24
CA VAL E 252 -30.19 -46.12 -13.91
C VAL E 252 -30.86 -45.42 -15.07
N ASP E 253 -32.10 -44.95 -14.86
CA ASP E 253 -32.75 -44.17 -15.90
C ASP E 253 -32.43 -42.70 -15.69
N ASN E 254 -33.03 -41.85 -16.50
CA ASN E 254 -32.74 -40.42 -16.50
C ASN E 254 -33.91 -39.58 -15.98
N GLY E 255 -34.82 -40.20 -15.24
CA GLY E 255 -35.88 -39.47 -14.61
C GLY E 255 -37.02 -39.19 -15.56
N PRO E 256 -38.07 -38.58 -15.04
CA PRO E 256 -39.30 -38.35 -15.84
C PRO E 256 -39.26 -37.11 -16.72
N ASN E 257 -38.16 -36.37 -16.76
CA ASN E 257 -38.04 -35.19 -17.60
C ASN E 257 -36.74 -35.23 -18.38
N GLU E 258 -36.43 -36.40 -18.95
CA GLU E 258 -35.05 -36.69 -19.33
C GLU E 258 -34.57 -35.81 -20.47
N GLU E 259 -35.45 -35.46 -21.42
CA GLU E 259 -34.97 -34.68 -22.56
C GLU E 259 -34.63 -33.26 -22.14
N GLU E 260 -35.56 -32.61 -21.45
CA GLU E 260 -35.31 -31.25 -20.99
C GLU E 260 -34.11 -31.18 -20.07
N ASP E 261 -33.99 -32.15 -19.16
CA ASP E 261 -32.84 -32.20 -18.26
C ASP E 261 -31.55 -32.42 -19.04
N ALA E 262 -31.59 -33.22 -20.11
CA ALA E 262 -30.38 -33.46 -20.90
C ALA E 262 -29.95 -32.20 -21.61
N LEU E 263 -30.92 -31.44 -22.12
CA LEU E 263 -30.57 -30.23 -22.85
C LEU E 263 -30.07 -29.13 -21.91
N TYR E 264 -30.56 -29.10 -20.68
CA TYR E 264 -29.98 -28.21 -19.67
C TYR E 264 -28.51 -28.54 -19.44
N LEU E 265 -28.21 -29.82 -19.19
CA LEU E 265 -26.81 -30.22 -18.95
C LEU E 265 -25.95 -29.89 -20.15
N ILE E 266 -26.42 -30.24 -21.34
CA ILE E 266 -25.63 -29.98 -22.55
C ILE E 266 -25.34 -28.48 -22.69
N SER E 267 -26.34 -27.64 -22.41
CA SER E 267 -26.10 -26.20 -22.53
C SER E 267 -25.09 -25.72 -21.51
N GLU E 268 -25.14 -26.26 -20.28
CA GLU E 268 -24.15 -25.87 -19.29
C GLU E 268 -22.75 -26.31 -19.70
N LEU E 269 -22.64 -27.49 -20.33
CA LEU E 269 -21.34 -27.95 -20.80
C LEU E 269 -20.81 -27.03 -21.90
N ALA E 270 -21.70 -26.57 -22.78
CA ALA E 270 -21.25 -25.72 -23.88
C ALA E 270 -20.74 -24.38 -23.36
N LYS E 271 -21.31 -23.87 -22.27
CA LYS E 271 -20.82 -22.63 -21.67
C LYS E 271 -19.37 -22.76 -21.26
N ARG E 272 -18.93 -23.96 -20.87
CA ARG E 272 -17.59 -24.12 -20.35
C ARG E 272 -16.55 -24.39 -21.45
N GLY E 273 -16.96 -24.47 -22.70
CA GLY E 273 -15.99 -24.62 -23.78
C GLY E 273 -15.23 -25.93 -23.81
N ILE E 274 -15.84 -27.02 -23.33
CA ILE E 274 -15.13 -28.29 -23.26
C ILE E 274 -14.82 -28.81 -24.67
N ALA E 275 -13.87 -29.74 -24.73
CA ALA E 275 -13.41 -30.23 -26.02
C ALA E 275 -14.45 -31.08 -26.72
N TYR E 276 -15.26 -31.86 -26.00
CA TYR E 276 -16.24 -32.63 -26.76
C TYR E 276 -17.33 -33.24 -25.91
N LEU E 277 -18.42 -33.59 -26.60
CA LEU E 277 -19.58 -34.25 -26.02
C LEU E 277 -19.74 -35.62 -26.70
N HIS E 278 -19.62 -36.67 -25.91
CA HIS E 278 -19.66 -38.04 -26.37
C HIS E 278 -20.95 -38.63 -25.84
N MET E 279 -21.85 -39.01 -26.73
CA MET E 279 -23.18 -39.45 -26.34
C MET E 279 -23.29 -40.95 -26.55
N SER E 280 -23.56 -41.68 -25.47
CA SER E 280 -23.81 -43.12 -25.56
C SER E 280 -25.31 -43.30 -25.75
N GLU E 281 -25.70 -43.79 -26.94
CA GLU E 281 -27.10 -43.83 -27.34
C GLU E 281 -27.76 -45.13 -26.90
N PRO E 282 -29.09 -45.12 -26.69
CA PRO E 282 -29.75 -46.28 -26.08
C PRO E 282 -29.87 -47.46 -27.01
N ASP E 283 -29.67 -47.26 -28.31
CA ASP E 283 -29.63 -48.35 -29.28
C ASP E 283 -28.84 -49.55 -28.79
N TRP E 284 -27.56 -49.34 -28.49
CA TRP E 284 -26.74 -50.36 -27.85
C TRP E 284 -27.52 -51.06 -26.74
N ALA E 285 -27.97 -50.29 -25.74
CA ALA E 285 -28.60 -50.83 -24.53
C ALA E 285 -29.94 -51.52 -24.78
N GLY E 286 -30.40 -51.54 -26.03
CA GLY E 286 -31.69 -52.13 -26.36
C GLY E 286 -32.86 -51.18 -26.13
N GLY E 287 -32.74 -49.94 -26.63
CA GLY E 287 -33.78 -48.94 -26.46
C GLY E 287 -34.09 -48.17 -27.73
N LYS E 288 -34.86 -47.08 -27.62
CA LYS E 288 -35.27 -46.33 -28.80
C LYS E 288 -34.15 -45.42 -29.28
N PRO E 289 -33.95 -45.28 -30.59
CA PRO E 289 -32.84 -44.44 -31.08
C PRO E 289 -33.17 -42.96 -30.99
N TYR E 290 -32.10 -42.16 -30.93
CA TYR E 290 -32.25 -40.72 -30.98
C TYR E 290 -33.04 -40.31 -32.21
N SER E 291 -34.04 -39.46 -32.01
CA SER E 291 -34.69 -38.81 -33.13
C SER E 291 -33.77 -37.77 -33.73
N GLU E 292 -33.90 -37.57 -35.04
CA GLU E 292 -33.07 -36.55 -35.69
C GLU E 292 -33.39 -35.17 -35.16
N ALA E 293 -34.57 -34.99 -34.57
CA ALA E 293 -34.92 -33.71 -33.97
C ALA E 293 -34.20 -33.50 -32.65
N PHE E 294 -34.10 -34.56 -31.84
CA PHE E 294 -33.32 -34.43 -30.59
C PHE E 294 -31.86 -34.11 -30.91
N ARG E 295 -31.27 -34.79 -31.90
CA ARG E 295 -29.89 -34.50 -32.26
C ARG E 295 -29.72 -33.04 -32.65
N GLN E 296 -30.74 -32.46 -33.26
CA GLN E 296 -30.66 -31.08 -33.71
C GLN E 296 -30.78 -30.11 -32.53
N LYS E 297 -31.61 -30.44 -31.55
CA LYS E 297 -31.64 -29.63 -30.32
C LYS E 297 -30.31 -29.69 -29.59
N VAL E 298 -29.73 -30.89 -29.48
CA VAL E 298 -28.39 -31.05 -28.91
C VAL E 298 -27.42 -30.15 -29.65
N ARG E 299 -27.41 -30.25 -30.99
CA ARG E 299 -26.47 -29.49 -31.79
C ARG E 299 -26.72 -27.99 -31.67
N ASP E 300 -27.98 -27.57 -31.58
CA ASP E 300 -28.25 -26.13 -31.43
C ASP E 300 -27.62 -25.60 -30.15
N ARG E 301 -27.52 -26.45 -29.12
CA ARG E 301 -26.99 -26.05 -27.82
C ARG E 301 -25.50 -26.32 -27.67
N PHE E 302 -24.90 -27.10 -28.57
CA PHE E 302 -23.49 -27.51 -28.44
C PHE E 302 -22.84 -27.49 -29.82
N PRO E 303 -22.14 -26.41 -30.16
CA PRO E 303 -21.47 -26.35 -31.46
C PRO E 303 -20.09 -26.99 -31.51
N GLY E 304 -19.49 -27.36 -30.38
CA GLY E 304 -18.23 -28.08 -30.40
C GLY E 304 -18.42 -29.54 -30.81
N VAL E 305 -17.31 -30.29 -30.72
CA VAL E 305 -17.29 -31.63 -31.26
C VAL E 305 -18.30 -32.51 -30.55
N ILE E 306 -19.09 -33.24 -31.34
CA ILE E 306 -20.01 -34.26 -30.84
C ILE E 306 -19.57 -35.60 -31.40
N ILE E 307 -19.48 -36.59 -30.52
CA ILE E 307 -19.06 -37.93 -30.85
C ILE E 307 -20.27 -38.82 -30.65
N GLY E 308 -20.64 -39.55 -31.68
CA GLY E 308 -21.76 -40.48 -31.61
C GLY E 308 -21.28 -41.89 -31.30
N ALA E 309 -22.12 -42.64 -30.60
CA ALA E 309 -21.72 -43.97 -30.17
C ALA E 309 -22.94 -44.84 -29.97
N GLY E 310 -22.83 -46.11 -30.34
CA GLY E 310 -23.86 -47.08 -30.05
C GLY E 310 -24.50 -47.70 -31.28
N ALA E 311 -23.97 -48.84 -31.72
CA ALA E 311 -24.56 -49.58 -32.83
C ALA E 311 -24.50 -48.76 -34.12
N TYR E 312 -23.34 -48.17 -34.38
CA TYR E 312 -23.16 -47.34 -35.56
C TYR E 312 -22.73 -48.18 -36.75
N THR E 313 -23.25 -47.84 -37.93
CA THR E 313 -22.72 -48.32 -39.19
C THR E 313 -21.92 -47.22 -39.84
N VAL E 314 -21.20 -47.58 -40.91
CA VAL E 314 -20.57 -46.56 -41.73
C VAL E 314 -21.65 -45.73 -42.43
N GLU E 315 -22.79 -46.35 -42.72
CA GLU E 315 -23.96 -45.66 -43.25
C GLU E 315 -24.37 -44.47 -42.38
N LYS E 316 -24.85 -44.74 -41.16
CA LYS E 316 -25.39 -43.64 -40.35
C LYS E 316 -24.30 -42.69 -39.87
N ALA E 317 -23.04 -43.14 -39.87
CA ALA E 317 -21.92 -42.26 -39.53
C ALA E 317 -21.78 -41.15 -40.55
N ASN E 318 -21.57 -41.51 -41.81
CA ASN E 318 -21.47 -40.49 -42.85
C ASN E 318 -22.75 -39.67 -42.95
N ASP E 319 -23.90 -40.32 -42.74
CA ASP E 319 -25.18 -39.62 -42.84
C ASP E 319 -25.28 -38.52 -41.79
N LEU E 320 -25.05 -38.90 -40.52
CA LEU E 320 -25.16 -37.94 -39.44
C LEU E 320 -24.01 -36.92 -39.45
N ILE E 321 -22.80 -37.33 -39.86
CA ILE E 321 -21.70 -36.38 -39.98
C ILE E 321 -22.02 -35.33 -41.03
N ASN E 322 -22.46 -35.77 -42.21
CA ASN E 322 -22.67 -34.83 -43.31
C ASN E 322 -23.92 -34.00 -43.11
N LYS E 323 -24.88 -34.50 -42.30
CA LYS E 323 -25.92 -33.63 -41.76
C LYS E 323 -25.40 -32.70 -40.68
N GLY E 324 -24.12 -32.78 -40.31
CA GLY E 324 -23.59 -31.87 -39.30
C GLY E 324 -24.05 -32.11 -37.89
N LEU E 325 -24.83 -33.16 -37.64
CA LEU E 325 -25.35 -33.41 -36.29
C LEU E 325 -24.32 -34.03 -35.36
N ILE E 326 -23.32 -34.75 -35.91
CA ILE E 326 -22.16 -35.21 -35.16
C ILE E 326 -20.91 -34.99 -36.00
N ASP E 327 -19.75 -35.11 -35.35
CA ASP E 327 -18.46 -34.87 -35.99
C ASP E 327 -17.55 -36.09 -36.02
N ALA E 328 -17.81 -37.10 -35.21
CA ALA E 328 -17.01 -38.31 -35.20
C ALA E 328 -17.83 -39.42 -34.58
N VAL E 329 -17.33 -40.65 -34.74
CA VAL E 329 -18.02 -41.83 -34.23
C VAL E 329 -17.08 -42.69 -33.41
N ALA E 330 -17.56 -43.16 -32.26
CA ALA E 330 -16.83 -44.10 -31.42
C ALA E 330 -17.35 -45.51 -31.65
N PHE E 331 -16.46 -46.40 -32.07
CA PHE E 331 -16.77 -47.81 -32.27
C PHE E 331 -16.21 -48.62 -31.11
N GLY E 332 -17.03 -49.50 -30.55
CA GLY E 332 -16.69 -50.33 -29.41
C GLY E 332 -16.36 -51.74 -29.84
N ARG E 333 -17.37 -52.60 -29.92
CA ARG E 333 -17.13 -54.02 -30.14
C ARG E 333 -16.34 -54.27 -31.42
N ASP E 334 -16.64 -53.52 -32.49
CA ASP E 334 -15.86 -53.65 -33.71
C ASP E 334 -14.39 -53.34 -33.49
N TYR E 335 -14.05 -52.48 -32.51
CA TYR E 335 -12.64 -52.18 -32.29
C TYR E 335 -11.96 -53.26 -31.44
N ILE E 336 -12.72 -53.94 -30.59
CA ILE E 336 -12.15 -55.11 -29.92
C ILE E 336 -11.59 -56.08 -30.95
N ALA E 337 -12.38 -56.36 -31.98
CA ALA E 337 -12.06 -57.45 -32.90
C ALA E 337 -11.26 -57.02 -34.12
N ASN E 338 -11.09 -55.72 -34.35
CA ASN E 338 -10.42 -55.23 -35.56
C ASN E 338 -9.42 -54.13 -35.23
N PRO E 339 -8.15 -54.50 -35.00
CA PRO E 339 -7.16 -53.46 -34.69
C PRO E 339 -7.03 -52.44 -35.79
N ASP E 340 -7.19 -52.85 -37.05
CA ASP E 340 -7.06 -51.96 -38.21
C ASP E 340 -8.42 -51.56 -38.78
N LEU E 341 -9.35 -51.23 -37.89
CA LEU E 341 -10.71 -50.90 -38.30
C LEU E 341 -10.75 -49.74 -39.29
N VAL E 342 -9.83 -48.79 -39.17
CA VAL E 342 -9.83 -47.64 -40.10
C VAL E 342 -9.70 -48.14 -41.54
N ALA E 343 -8.65 -48.92 -41.81
CA ALA E 343 -8.41 -49.46 -43.15
C ALA E 343 -9.59 -50.33 -43.61
N ARG E 344 -10.11 -51.15 -42.72
CA ARG E 344 -11.24 -52.00 -43.09
C ARG E 344 -12.46 -51.18 -43.48
N LEU E 345 -12.81 -50.16 -42.68
CA LEU E 345 -13.97 -49.36 -43.07
C LEU E 345 -13.66 -48.57 -44.34
N GLN E 346 -12.39 -48.19 -44.52
CA GLN E 346 -12.03 -47.40 -45.71
C GLN E 346 -12.09 -48.25 -46.97
N LYS E 347 -11.81 -49.54 -46.87
CA LYS E 347 -11.81 -50.45 -48.00
C LYS E 347 -13.12 -51.20 -48.15
N LYS E 348 -14.15 -50.85 -47.37
CA LYS E 348 -15.39 -51.61 -47.34
C LYS E 348 -15.11 -53.10 -47.18
N ALA E 349 -14.00 -53.42 -46.50
CA ALA E 349 -13.57 -54.79 -46.30
C ALA E 349 -14.32 -55.47 -45.15
N PRO E 350 -14.27 -56.79 -45.08
CA PRO E 350 -14.94 -57.49 -43.97
C PRO E 350 -14.17 -57.36 -42.67
N LEU E 351 -14.88 -57.68 -41.58
CA LEU E 351 -14.41 -57.52 -40.21
C LEU E 351 -14.20 -58.90 -39.58
N ASN E 352 -13.16 -59.02 -38.76
CA ASN E 352 -12.99 -60.25 -37.99
C ASN E 352 -14.22 -60.46 -37.10
N PRO E 353 -14.61 -61.71 -36.87
CA PRO E 353 -15.70 -61.96 -35.92
C PRO E 353 -15.25 -61.69 -34.50
N GLN E 354 -16.18 -61.26 -33.67
CA GLN E 354 -15.88 -60.98 -32.28
C GLN E 354 -15.90 -62.26 -31.48
N ARG E 355 -15.02 -62.32 -30.46
CA ARG E 355 -15.01 -63.42 -29.51
C ARG E 355 -15.46 -62.94 -28.14
N PRO E 356 -16.76 -62.85 -27.89
CA PRO E 356 -17.23 -62.21 -26.66
C PRO E 356 -16.76 -62.90 -25.40
N GLU E 357 -16.47 -64.19 -25.45
CA GLU E 357 -16.09 -64.91 -24.23
C GLU E 357 -14.74 -64.47 -23.69
N SER E 358 -13.93 -63.74 -24.46
CA SER E 358 -12.66 -63.19 -23.97
C SER E 358 -12.68 -61.65 -23.91
N PHE E 359 -13.86 -61.03 -23.82
CA PHE E 359 -13.91 -59.58 -23.63
C PHE E 359 -13.35 -59.17 -22.27
N TYR E 360 -13.63 -59.96 -21.24
CA TYR E 360 -13.40 -59.57 -19.86
C TYR E 360 -12.42 -60.52 -19.20
N GLY E 361 -11.31 -59.99 -18.73
CA GLY E 361 -10.33 -60.80 -18.03
C GLY E 361 -9.47 -61.56 -19.02
N GLY E 362 -8.60 -62.40 -18.45
CA GLY E 362 -7.77 -63.28 -19.26
C GLY E 362 -6.46 -62.62 -19.60
N GLY E 363 -5.94 -62.93 -20.78
CA GLY E 363 -4.62 -62.49 -21.20
C GLY E 363 -4.63 -62.13 -22.67
N ALA E 364 -3.57 -62.52 -23.39
CA ALA E 364 -3.44 -62.09 -24.78
C ALA E 364 -4.57 -62.62 -25.66
N GLU E 365 -5.13 -63.79 -25.33
CA GLU E 365 -6.07 -64.41 -26.24
C GLU E 365 -7.38 -63.63 -26.23
N GLY E 366 -7.86 -63.29 -27.42
CA GLY E 366 -9.05 -62.47 -27.49
C GLY E 366 -8.79 -61.02 -27.17
N TYR E 367 -7.52 -60.60 -27.19
CA TYR E 367 -7.15 -59.26 -26.79
C TYR E 367 -6.21 -58.67 -27.85
N THR E 368 -5.02 -59.26 -28.00
CA THR E 368 -4.02 -58.80 -28.96
C THR E 368 -3.89 -59.72 -30.16
N ASP E 369 -4.74 -60.74 -30.28
CA ASP E 369 -4.58 -61.77 -31.29
C ASP E 369 -5.63 -61.69 -32.39
N TYR E 370 -6.36 -60.57 -32.51
CA TYR E 370 -7.19 -60.37 -33.69
C TYR E 370 -6.33 -59.84 -34.82
N PRO E 371 -6.37 -60.45 -36.01
CA PRO E 371 -5.41 -60.11 -37.07
C PRO E 371 -5.80 -58.86 -37.83
N THR E 372 -4.78 -58.24 -38.42
CA THR E 372 -4.97 -57.18 -39.40
C THR E 372 -5.35 -57.78 -40.76
N LEU E 373 -5.64 -56.90 -41.72
CA LEU E 373 -5.77 -57.31 -43.12
C LEU E 373 -4.40 -57.71 -43.65
N ALA F 12 16.29 -2.38 31.60
CA ALA F 12 16.55 -2.34 30.16
C ALA F 12 15.39 -1.71 29.38
N LYS F 13 14.16 -1.87 29.87
CA LYS F 13 13.03 -1.30 29.16
C LYS F 13 13.10 0.22 29.16
N LEU F 14 13.70 0.79 30.21
CA LEU F 14 13.97 2.23 30.23
C LEU F 14 14.73 2.66 29.00
N PHE F 15 15.56 1.80 28.43
CA PHE F 15 16.39 2.15 27.29
C PHE F 15 15.81 1.71 25.96
N SER F 16 14.56 1.29 25.94
CA SER F 16 13.89 0.83 24.74
C SER F 16 13.00 1.92 24.14
N PRO F 17 12.71 1.85 22.86
CA PRO F 17 11.92 2.89 22.20
C PRO F 17 10.49 2.94 22.69
N LEU F 18 9.84 4.07 22.38
CA LEU F 18 8.50 4.37 22.85
C LEU F 18 7.84 5.30 21.85
N LYS F 19 6.58 5.04 21.55
CA LYS F 19 5.80 5.93 20.69
C LYS F 19 5.01 6.89 21.56
N VAL F 20 5.26 8.17 21.35
CA VAL F 20 4.67 9.25 22.14
C VAL F 20 3.84 10.06 21.15
N GLY F 21 2.56 9.77 21.06
CA GLY F 21 1.73 10.41 20.06
C GLY F 21 2.30 10.12 18.68
N ALA F 22 2.55 11.18 17.92
CA ALA F 22 3.07 11.06 16.56
C ALA F 22 4.55 10.70 16.50
N VAL F 23 5.27 10.79 17.62
CA VAL F 23 6.72 10.75 17.62
C VAL F 23 7.18 9.45 18.24
N THR F 24 8.18 8.83 17.65
CA THR F 24 8.78 7.61 18.22
C THR F 24 10.19 7.94 18.67
N VAL F 25 10.46 7.74 19.96
CA VAL F 25 11.72 8.17 20.57
C VAL F 25 12.55 6.93 20.92
N PRO F 26 13.88 7.03 20.95
CA PRO F 26 14.70 5.83 21.08
C PRO F 26 14.83 5.28 22.50
N ASN F 27 14.45 6.03 23.53
CA ASN F 27 14.55 5.54 24.90
C ASN F 27 13.59 6.36 25.74
N ARG F 28 13.48 6.00 27.03
CA ARG F 28 12.53 6.64 27.93
C ARG F 28 13.21 7.50 29.01
N VAL F 29 14.45 7.91 28.77
CA VAL F 29 15.19 8.78 29.70
C VAL F 29 14.99 10.19 29.18
N PHE F 30 13.95 10.86 29.67
CA PHE F 30 13.57 12.16 29.16
C PHE F 30 14.25 13.25 30.00
N MET F 31 14.46 14.42 29.39
CA MET F 31 15.00 15.60 30.07
C MET F 31 13.84 16.47 30.49
N ALA F 32 13.64 16.60 31.81
CA ALA F 32 12.54 17.38 32.33
C ALA F 32 12.71 18.85 31.96
N PRO F 33 11.61 19.61 31.91
CA PRO F 33 11.73 21.06 31.68
C PRO F 33 12.38 21.76 32.86
N LEU F 34 13.45 22.52 32.58
CA LEU F 34 14.27 23.15 33.61
C LEU F 34 14.50 24.61 33.26
N THR F 35 13.98 25.50 34.11
CA THR F 35 14.16 26.94 33.99
C THR F 35 15.61 27.29 34.31
N ARG F 36 16.28 27.96 33.36
CA ARG F 36 17.67 28.31 33.50
C ARG F 36 17.94 29.81 33.33
N LEU F 37 16.93 30.59 32.92
CA LEU F 37 16.95 32.06 32.88
C LEU F 37 18.24 32.63 32.29
N ARG F 38 18.62 32.09 31.12
CA ARG F 38 19.76 32.58 30.38
C ARG F 38 19.37 33.19 29.05
N SER F 39 18.13 33.65 28.88
CA SER F 39 17.74 34.19 27.59
C SER F 39 18.13 35.67 27.49
N ILE F 40 18.03 36.20 26.28
CA ILE F 40 18.37 37.60 26.02
C ILE F 40 17.18 38.49 26.34
N GLU F 41 17.44 39.56 27.09
CA GLU F 41 16.51 40.66 27.23
C GLU F 41 17.15 41.93 26.70
N PRO F 42 16.37 42.83 26.11
CA PRO F 42 14.93 42.73 25.81
C PRO F 42 14.64 41.73 24.70
N GLY F 43 13.42 41.19 24.65
CA GLY F 43 12.98 40.31 23.58
C GLY F 43 12.84 38.85 23.99
N ASP F 44 13.41 38.46 25.12
CA ASP F 44 13.23 37.12 25.66
C ASP F 44 13.64 36.06 24.64
N ILE F 45 14.84 36.22 24.08
CA ILE F 45 15.25 35.51 22.87
C ILE F 45 16.15 34.34 23.25
N PRO F 46 15.87 33.13 22.82
CA PRO F 46 16.82 32.03 23.03
C PRO F 46 18.14 32.33 22.35
N THR F 47 19.20 31.68 22.85
CA THR F 47 20.55 31.95 22.40
C THR F 47 21.26 30.73 21.84
N PRO F 48 22.34 30.94 21.08
CA PRO F 48 23.16 29.79 20.69
C PRO F 48 23.74 29.05 21.87
N LEU F 49 24.02 29.73 22.97
CA LEU F 49 24.47 29.00 24.16
C LEU F 49 23.42 27.99 24.59
N MET F 50 22.16 28.40 24.62
CA MET F 50 21.09 27.49 24.97
C MET F 50 21.01 26.37 23.96
N GLY F 51 21.18 26.68 22.68
CA GLY F 51 21.19 25.64 21.67
C GLY F 51 22.25 24.59 21.95
N GLU F 52 23.42 25.01 22.40
CA GLU F 52 24.49 24.06 22.70
C GLU F 52 24.14 23.20 23.91
N TYR F 53 23.61 23.82 24.96
CA TYR F 53 23.13 23.08 26.12
C TYR F 53 22.14 21.98 25.72
N TYR F 54 21.17 22.31 24.86
CA TYR F 54 20.22 21.29 24.42
C TYR F 54 20.90 20.27 23.50
N ARG F 55 21.78 20.73 22.62
CA ARG F 55 22.47 19.81 21.72
C ARG F 55 23.27 18.77 22.49
N GLN F 56 23.94 19.19 23.58
CA GLN F 56 24.77 18.29 24.38
C GLN F 56 23.96 17.15 24.96
N ARG F 57 22.64 17.33 25.08
CA ARG F 57 21.74 16.41 25.76
C ARG F 57 20.80 15.69 24.80
N ALA F 58 21.09 15.69 23.50
CA ALA F 58 20.19 15.16 22.49
C ALA F 58 20.19 13.63 22.43
N SER F 59 21.03 12.96 23.22
CA SER F 59 20.88 11.51 23.35
C SER F 59 19.67 11.16 24.20
N SER F 60 19.13 12.13 24.94
CA SER F 60 17.87 11.91 25.63
C SER F 60 16.79 11.50 24.64
N GLY F 61 15.93 10.58 25.07
CA GLY F 61 14.83 10.17 24.22
C GLY F 61 13.93 11.32 23.84
N LEU F 62 13.66 12.22 24.79
CA LEU F 62 12.90 13.45 24.55
C LEU F 62 13.43 14.56 25.45
N ILE F 63 13.92 15.62 24.84
CA ILE F 63 14.18 16.87 25.54
C ILE F 63 12.88 17.63 25.65
N ILE F 64 12.50 18.03 26.86
CA ILE F 64 11.43 18.96 27.10
C ILE F 64 12.09 20.26 27.52
N THR F 65 11.86 21.34 26.76
CA THR F 65 12.57 22.59 27.03
C THR F 65 12.11 23.22 28.34
N GLU F 66 12.94 24.15 28.80
CA GLU F 66 12.52 25.10 29.82
C GLU F 66 11.18 25.71 29.46
N ALA F 67 10.42 26.10 30.47
CA ALA F 67 9.14 26.73 30.25
C ALA F 67 9.31 27.99 29.41
N THR F 68 8.40 28.18 28.46
CA THR F 68 8.52 29.18 27.42
C THR F 68 7.20 29.95 27.30
N GLN F 69 7.29 31.29 27.28
CA GLN F 69 6.10 32.14 27.22
C GLN F 69 5.30 31.94 25.93
N ILE F 70 3.98 31.81 26.08
CA ILE F 70 3.11 31.83 24.92
C ILE F 70 2.89 33.23 24.38
N SER F 71 3.26 34.25 25.15
CA SER F 71 2.92 35.63 24.84
C SER F 71 3.76 36.53 25.76
N ALA F 72 3.80 37.82 25.43
CA ALA F 72 4.49 38.77 26.30
C ALA F 72 3.80 38.88 27.66
N GLN F 73 2.46 38.87 27.68
CA GLN F 73 1.73 38.86 28.94
C GLN F 73 2.10 37.67 29.82
N ALA F 74 2.43 36.52 29.20
CA ALA F 74 2.72 35.31 29.95
C ALA F 74 3.99 35.41 30.80
N LYS F 75 4.83 36.41 30.57
CA LYS F 75 6.14 36.41 31.20
C LYS F 75 6.04 36.62 32.71
N GLY F 76 6.80 35.82 33.47
CA GLY F 76 6.84 35.93 34.91
C GLY F 76 8.25 35.90 35.48
N TYR F 77 9.23 35.55 34.65
CA TYR F 77 10.62 35.42 35.05
C TYR F 77 11.53 36.11 34.05
N ALA F 78 12.49 36.89 34.55
CA ALA F 78 13.46 37.54 33.68
C ALA F 78 14.48 36.52 33.21
N GLY F 79 14.64 36.41 31.91
CA GLY F 79 15.52 35.43 31.33
C GLY F 79 14.82 34.18 30.83
N ALA F 80 13.52 34.07 31.03
CA ALA F 80 12.82 32.94 30.44
C ALA F 80 12.46 33.29 28.99
N PRO F 81 12.57 32.34 28.07
CA PRO F 81 12.35 32.66 26.66
C PRO F 81 10.87 32.65 26.29
N GLY F 82 10.57 33.26 25.15
CA GLY F 82 9.25 33.26 24.58
C GLY F 82 9.19 32.51 23.25
N LEU F 83 7.97 32.25 22.81
CA LEU F 83 7.73 31.63 21.50
C LEU F 83 6.55 32.33 20.85
N HIS F 84 6.63 33.65 20.76
CA HIS F 84 5.55 34.46 20.24
C HIS F 84 6.00 35.58 19.31
N SER F 85 7.28 35.74 19.04
CA SER F 85 7.78 36.81 18.18
C SER F 85 8.63 36.21 17.08
N PRO F 86 8.77 36.91 15.94
CA PRO F 86 9.58 36.35 14.85
C PRO F 86 11.03 36.06 15.24
N GLU F 87 11.67 36.90 16.07
CA GLU F 87 13.06 36.64 16.45
C GLU F 87 13.17 35.43 17.39
N GLN F 88 12.18 35.27 18.26
CA GLN F 88 12.15 34.08 19.11
C GLN F 88 12.02 32.80 18.27
N ILE F 89 11.11 32.82 17.30
CA ILE F 89 10.88 31.66 16.43
C ILE F 89 12.14 31.32 15.66
N ALA F 90 12.76 32.33 15.04
CA ALA F 90 14.00 32.09 14.31
C ALA F 90 15.07 31.49 15.22
N ALA F 91 15.23 32.04 16.44
CA ALA F 91 16.24 31.50 17.35
C ALA F 91 15.89 30.09 17.81
N TRP F 92 14.62 29.80 18.03
CA TRP F 92 14.26 28.44 18.40
C TRP F 92 14.48 27.48 17.23
N GLN F 93 14.31 27.94 16.00
CA GLN F 93 14.51 27.07 14.84
C GLN F 93 15.95 26.59 14.76
N LYS F 94 16.92 27.43 15.17
CA LYS F 94 18.30 26.95 15.21
C LYS F 94 18.51 25.97 16.34
N ILE F 95 17.77 26.12 17.43
CA ILE F 95 17.93 25.19 18.54
C ILE F 95 17.34 23.82 18.19
N THR F 96 16.16 23.79 17.57
CA THR F 96 15.60 22.49 17.18
C THR F 96 16.43 21.83 16.08
N ALA F 97 16.93 22.62 15.13
CA ALA F 97 17.77 22.04 14.08
C ALA F 97 19.01 21.36 14.67
N GLY F 98 19.63 21.98 15.67
CA GLY F 98 20.83 21.38 16.26
C GLY F 98 20.53 20.08 16.98
N VAL F 99 19.39 20.02 17.67
CA VAL F 99 19.01 18.78 18.36
C VAL F 99 18.73 17.67 17.35
N HIS F 100 17.98 18.00 16.29
CA HIS F 100 17.66 16.99 15.30
C HIS F 100 18.88 16.56 14.49
N ALA F 101 19.87 17.44 14.33
CA ALA F 101 21.11 17.05 13.69
C ALA F 101 21.94 16.10 14.54
N GLU F 102 21.61 15.96 15.82
CA GLU F 102 22.16 14.90 16.67
C GLU F 102 21.21 13.71 16.77
N ASN F 103 20.15 13.69 15.96
CA ASN F 103 19.16 12.62 15.94
C ASN F 103 18.40 12.54 17.25
N GLY F 104 18.21 13.68 17.92
CA GLY F 104 17.37 13.76 19.08
C GLY F 104 15.97 14.27 18.78
N HIS F 105 15.18 14.42 19.86
CA HIS F 105 13.79 14.82 19.79
C HIS F 105 13.51 15.84 20.88
N ILE F 106 12.63 16.79 20.60
CA ILE F 106 12.48 17.95 21.48
C ILE F 106 11.03 18.44 21.48
N ALA F 107 10.51 18.67 22.68
CA ALA F 107 9.20 19.26 22.93
C ALA F 107 9.39 20.60 23.63
N VAL F 108 8.55 21.59 23.32
CA VAL F 108 8.63 22.89 23.98
C VAL F 108 7.57 22.95 25.07
N GLN F 109 7.99 23.25 26.31
CA GLN F 109 7.02 23.49 27.39
C GLN F 109 6.54 24.92 27.32
N LEU F 110 5.23 25.10 27.21
CA LEU F 110 4.61 26.41 27.02
C LEU F 110 3.83 26.79 28.27
N TRP F 111 4.14 27.96 28.86
CA TRP F 111 3.38 28.43 30.02
C TRP F 111 2.84 29.83 29.85
N HIS F 112 1.89 30.10 30.72
CA HIS F 112 1.49 31.43 31.15
C HIS F 112 1.68 31.43 32.67
N THR F 113 2.53 32.34 33.17
CA THR F 113 2.91 32.31 34.57
C THR F 113 1.80 32.83 35.47
N GLY F 114 0.86 33.57 34.92
CA GLY F 114 -0.23 34.09 35.73
C GLY F 114 0.33 34.97 36.84
N ARG F 115 -0.23 34.77 38.03
CA ARG F 115 0.12 35.59 39.19
C ARG F 115 1.51 35.31 39.74
N ILE F 116 2.23 34.32 39.22
CA ILE F 116 3.64 34.16 39.60
C ILE F 116 4.44 34.96 38.59
N SER F 117 4.46 36.28 38.81
CA SER F 117 5.02 37.25 37.88
C SER F 117 5.28 38.55 38.63
N HIS F 118 5.75 39.56 37.89
CA HIS F 118 6.06 40.85 38.47
C HIS F 118 5.71 41.90 37.43
N SER F 119 5.04 42.96 37.90
CA SER F 119 4.57 43.99 36.99
C SER F 119 5.70 44.60 36.18
N SER F 120 6.93 44.57 36.72
CA SER F 120 8.07 45.10 35.96
C SER F 120 8.34 44.31 34.69
N LEU F 121 7.85 43.07 34.59
CA LEU F 121 8.04 42.22 33.42
C LEU F 121 6.83 42.18 32.52
N GLN F 122 5.72 42.87 32.89
CA GLN F 122 4.52 42.81 32.09
C GLN F 122 4.52 43.89 31.03
N PRO F 123 3.78 43.70 29.95
CA PRO F 123 3.58 44.80 29.01
C PRO F 123 3.02 46.01 29.73
N GLY F 124 3.62 47.17 29.47
CA GLY F 124 3.14 48.40 30.09
C GLY F 124 3.31 48.49 31.59
N GLY F 125 4.06 47.59 32.21
CA GLY F 125 4.24 47.65 33.65
C GLY F 125 3.00 47.33 34.45
N ALA F 126 1.94 46.83 33.81
CA ALA F 126 0.69 46.52 34.48
C ALA F 126 0.81 45.29 35.39
N ALA F 127 -0.21 45.10 36.23
CA ALA F 127 -0.27 43.92 37.08
C ALA F 127 -0.46 42.66 36.23
N PRO F 128 0.15 41.54 36.61
CA PRO F 128 -0.11 40.29 35.90
C PRO F 128 -1.55 39.85 36.10
N VAL F 129 -1.98 38.87 35.29
CA VAL F 129 -3.35 38.41 35.28
C VAL F 129 -3.41 37.07 36.00
N ALA F 130 -4.61 36.69 36.42
CA ALA F 130 -4.86 35.46 37.15
C ALA F 130 -6.37 35.20 37.18
N PRO F 131 -6.81 34.02 37.62
CA PRO F 131 -8.26 33.81 37.71
C PRO F 131 -8.92 34.69 38.77
N SER F 132 -8.22 34.99 39.86
CA SER F 132 -8.75 35.81 40.94
C SER F 132 -7.66 36.73 41.47
N ALA F 133 -8.07 37.86 42.03
CA ALA F 133 -7.12 38.87 42.51
C ALA F 133 -6.66 38.46 43.91
N LEU F 134 -5.67 37.58 43.94
CA LEU F 134 -5.12 37.00 45.16
C LEU F 134 -3.63 36.84 44.97
N SER F 135 -2.85 37.33 45.93
CA SER F 135 -1.39 37.24 45.82
C SER F 135 -0.93 35.80 45.83
N ALA F 136 0.11 35.53 45.04
CA ALA F 136 0.71 34.20 45.00
C ALA F 136 1.41 33.83 46.30
N GLY F 137 1.69 34.80 47.16
CA GLY F 137 2.41 34.53 48.38
C GLY F 137 3.76 33.88 48.20
N THR F 138 4.45 34.13 47.08
CA THR F 138 5.75 33.54 46.81
C THR F 138 6.57 34.56 46.04
N ARG F 139 7.78 34.17 45.65
CA ARG F 139 8.68 35.01 44.86
C ARG F 139 8.88 34.46 43.46
N THR F 140 9.26 35.37 42.55
CA THR F 140 9.75 35.02 41.21
C THR F 140 11.17 35.56 41.07
N SER F 141 11.72 35.50 39.85
CA SER F 141 13.12 35.84 39.59
C SER F 141 13.20 36.99 38.60
N LEU F 142 13.85 38.09 39.00
CA LEU F 142 14.18 39.17 38.12
C LEU F 142 15.69 39.14 37.89
N ARG F 143 16.20 40.17 37.23
CA ARG F 143 17.64 40.37 37.07
C ARG F 143 18.02 41.71 37.71
N ASP F 144 19.15 41.71 38.44
CA ASP F 144 19.70 42.93 39.02
C ASP F 144 20.39 43.75 37.93
N GLU F 145 20.89 44.93 38.32
CA GLU F 145 21.41 45.87 37.34
C GLU F 145 22.60 45.29 36.60
N ASN F 146 23.31 44.35 37.20
CA ASN F 146 24.37 43.63 36.52
C ASN F 146 23.89 42.35 35.82
N GLY F 147 22.57 42.10 35.79
CA GLY F 147 22.02 41.00 35.00
C GLY F 147 21.99 39.64 35.68
N HIS F 148 22.20 39.57 36.97
CA HIS F 148 22.18 38.32 37.68
C HIS F 148 20.81 38.10 38.29
N ALA F 149 20.43 36.83 38.41
CA ALA F 149 19.13 36.48 38.96
C ALA F 149 18.99 36.95 40.40
N ILE F 150 17.80 37.43 40.73
CA ILE F 150 17.43 37.83 42.09
C ILE F 150 15.99 37.43 42.33
N ARG F 151 15.68 37.08 43.58
CA ARG F 151 14.35 36.65 43.97
C ARG F 151 13.55 37.82 44.54
N VAL F 152 12.34 38.02 44.01
CA VAL F 152 11.52 39.16 44.37
C VAL F 152 10.07 38.72 44.55
N ASP F 153 9.40 39.34 45.53
CA ASP F 153 7.98 39.08 45.78
C ASP F 153 7.14 39.32 44.53
N THR F 154 6.20 38.42 44.27
CA THR F 154 5.31 38.57 43.12
C THR F 154 4.34 39.72 43.35
N SER F 155 3.89 40.32 42.24
CA SER F 155 2.92 41.41 42.27
C SER F 155 1.50 40.88 42.43
N MET F 156 0.65 41.73 43.01
CA MET F 156 -0.78 41.44 43.11
C MET F 156 -1.37 41.36 41.71
N PRO F 157 -2.09 40.30 41.37
CA PRO F 157 -2.64 40.18 40.02
C PRO F 157 -4.00 40.83 39.89
N ARG F 158 -4.34 41.12 38.63
CA ARG F 158 -5.69 41.45 38.22
C ARG F 158 -6.43 40.17 37.82
N ALA F 159 -7.69 40.08 38.24
CA ALA F 159 -8.52 38.96 37.82
C ALA F 159 -8.93 39.12 36.35
N LEU F 160 -8.80 38.04 35.59
CA LEU F 160 -9.24 38.06 34.20
C LEU F 160 -10.75 38.20 34.13
N GLU F 161 -11.21 39.09 33.24
CA GLU F 161 -12.63 39.13 32.93
C GLU F 161 -13.03 37.89 32.15
N THR F 162 -14.34 37.59 32.18
CA THR F 162 -14.82 36.40 31.47
C THR F 162 -14.50 36.52 29.98
N ALA F 163 -14.66 37.71 29.42
CA ALA F 163 -14.40 37.95 28.00
C ALA F 163 -12.93 37.90 27.65
N GLU F 164 -12.03 37.76 28.62
CA GLU F 164 -10.60 37.63 28.37
C GLU F 164 -10.13 36.18 28.31
N ILE F 165 -10.96 35.22 28.71
CA ILE F 165 -10.52 33.83 28.76
C ILE F 165 -10.26 33.34 27.34
N PRO F 166 -11.09 33.71 26.35
CA PRO F 166 -10.80 33.23 24.98
C PRO F 166 -9.45 33.68 24.46
N GLY F 167 -9.01 34.89 24.84
CA GLY F 167 -7.69 35.36 24.43
C GLY F 167 -6.56 34.52 24.99
N ILE F 168 -6.72 34.03 26.22
CA ILE F 168 -5.75 33.11 26.78
C ILE F 168 -5.69 31.83 25.95
N VAL F 169 -6.85 31.30 25.58
CA VAL F 169 -6.88 30.11 24.74
C VAL F 169 -6.22 30.42 23.40
N ASN F 170 -6.56 31.57 22.80
CA ASN F 170 -6.02 31.93 21.50
C ASN F 170 -4.51 32.09 21.53
N ASP F 171 -3.96 32.54 22.66
CA ASP F 171 -2.50 32.70 22.76
C ASP F 171 -1.81 31.35 22.88
N PHE F 172 -2.41 30.41 23.61
CA PHE F 172 -1.86 29.07 23.59
C PHE F 172 -1.92 28.50 22.18
N ARG F 173 -3.02 28.75 21.48
CA ARG F 173 -3.21 28.22 20.14
C ARG F 173 -2.11 28.72 19.20
N GLN F 174 -1.85 30.03 19.22
CA GLN F 174 -0.83 30.57 18.34
C GLN F 174 0.56 30.15 18.76
N ALA F 175 0.80 30.04 20.07
CA ALA F 175 2.10 29.55 20.54
C ALA F 175 2.36 28.13 20.05
N VAL F 176 1.32 27.30 20.00
CA VAL F 176 1.48 25.93 19.51
C VAL F 176 1.71 25.94 18.01
N GLY F 177 1.00 26.79 17.27
CA GLY F 177 1.30 26.97 15.87
C GLY F 177 2.74 27.37 15.63
N ASN F 178 3.27 28.27 16.47
CA ASN F 178 4.65 28.69 16.32
C ASN F 178 5.60 27.55 16.67
N ALA F 179 5.23 26.75 17.68
CA ALA F 179 6.03 25.59 18.03
C ALA F 179 6.18 24.68 16.83
N ARG F 180 5.08 24.45 16.12
CA ARG F 180 5.12 23.60 14.94
C ARG F 180 5.97 24.24 13.85
N ASP F 181 5.80 25.55 13.61
CA ASP F 181 6.62 26.20 12.60
C ASP F 181 8.09 26.20 13.00
N ALA F 182 8.39 26.19 14.30
CA ALA F 182 9.78 26.25 14.72
C ALA F 182 10.47 24.89 14.71
N GLY F 183 9.76 23.83 14.36
CA GLY F 183 10.35 22.51 14.20
C GLY F 183 10.34 21.64 15.43
N PHE F 184 9.62 22.01 16.49
CA PHE F 184 9.47 21.12 17.64
C PHE F 184 8.72 19.83 17.24
N ASP F 185 9.01 18.74 17.95
CA ASP F 185 8.30 17.49 17.69
C ASP F 185 6.97 17.41 18.44
N LEU F 186 6.90 18.05 19.60
CA LEU F 186 5.73 18.03 20.48
C LEU F 186 5.72 19.33 21.26
N VAL F 187 4.59 19.61 21.91
CA VAL F 187 4.50 20.68 22.90
C VAL F 187 4.07 20.05 24.22
N GLU F 188 4.42 20.71 25.32
CA GLU F 188 3.93 20.37 26.66
C GLU F 188 3.24 21.58 27.26
N LEU F 189 1.93 21.48 27.46
CA LEU F 189 1.19 22.52 28.13
C LEU F 189 1.53 22.52 29.63
N HIS F 190 1.89 23.68 30.18
CA HIS F 190 2.32 23.74 31.58
C HIS F 190 1.10 24.00 32.45
N SER F 191 0.53 22.91 32.97
CA SER F 191 -0.64 22.97 33.83
C SER F 191 -0.31 22.56 35.26
N ALA F 192 0.93 22.80 35.69
CA ALA F 192 1.45 22.39 36.97
C ALA F 192 2.04 23.58 37.74
N HIS F 193 2.53 23.27 38.94
CA HIS F 193 3.45 24.11 39.72
C HIS F 193 2.93 25.53 39.96
N GLY F 194 1.62 25.72 39.94
CA GLY F 194 1.07 27.00 40.36
C GLY F 194 1.04 28.08 39.31
N TYR F 195 1.22 27.75 38.03
CA TYR F 195 1.15 28.77 36.99
C TYR F 195 -0.31 28.93 36.56
N LEU F 196 -0.57 29.67 35.46
CA LEU F 196 -1.93 30.14 35.21
C LEU F 196 -2.93 28.99 35.13
N LEU F 197 -2.61 27.96 34.35
CA LEU F 197 -3.57 26.87 34.19
C LEU F 197 -3.83 26.20 35.54
N HIS F 198 -2.79 25.96 36.33
CA HIS F 198 -2.96 25.36 37.65
C HIS F 198 -3.71 26.28 38.59
N GLN F 199 -3.52 27.60 38.46
CA GLN F 199 -4.26 28.55 39.28
C GLN F 199 -5.75 28.42 39.04
N PHE F 200 -6.17 28.26 37.78
CA PHE F 200 -7.59 28.06 37.50
C PHE F 200 -8.08 26.73 38.07
N LEU F 201 -7.26 25.67 37.96
CA LEU F 201 -7.66 24.36 38.45
C LEU F 201 -7.78 24.34 39.98
N SER F 202 -6.97 25.18 40.71
CA SER F 202 -6.87 25.07 42.16
C SER F 202 -7.99 25.85 42.85
N PRO F 203 -8.76 25.20 43.75
CA PRO F 203 -9.85 25.94 44.42
C PRO F 203 -9.36 26.97 45.41
N SER F 204 -8.07 26.99 45.73
CA SER F 204 -7.51 27.99 46.62
C SER F 204 -7.09 29.26 45.89
N ALA F 205 -6.65 29.15 44.63
CA ALA F 205 -6.31 30.34 43.85
C ALA F 205 -7.46 30.82 42.98
N ASN F 206 -8.46 29.98 42.76
CA ASN F 206 -9.58 30.31 41.89
C ASN F 206 -10.82 30.50 42.75
N GLN F 207 -11.26 31.75 42.88
CA GLN F 207 -12.50 32.07 43.59
C GLN F 207 -13.54 32.66 42.63
N ARG F 208 -13.39 32.41 41.33
CA ARG F 208 -14.29 33.00 40.36
C ARG F 208 -15.72 32.48 40.57
N THR F 209 -16.68 33.28 40.11
CA THR F 209 -18.09 32.92 40.20
C THR F 209 -18.73 32.80 38.82
N ASP F 210 -17.95 32.87 37.74
CA ASP F 210 -18.46 32.60 36.40
C ASP F 210 -18.23 31.12 36.07
N GLN F 211 -18.37 30.75 34.79
CA GLN F 211 -18.27 29.33 34.46
C GLN F 211 -16.85 28.77 34.55
N TYR F 212 -15.86 29.59 34.93
CA TYR F 212 -14.48 29.14 35.07
C TYR F 212 -14.05 28.95 36.52
N GLY F 213 -15.00 29.01 37.47
CA GLY F 213 -14.69 28.76 38.86
C GLY F 213 -15.83 28.08 39.61
N GLY F 214 -15.48 27.48 40.75
CA GLY F 214 -16.45 26.76 41.57
C GLY F 214 -16.25 25.26 41.49
N SER F 215 -17.11 24.60 40.74
CA SER F 215 -17.00 23.15 40.60
C SER F 215 -15.68 22.75 39.94
N VAL F 216 -15.35 21.47 40.09
CA VAL F 216 -14.19 20.93 39.37
C VAL F 216 -14.39 21.06 37.87
N GLU F 217 -15.64 20.88 37.39
CA GLU F 217 -15.92 21.05 35.97
C GLU F 217 -15.56 22.45 35.49
N ASN F 218 -15.90 23.45 36.29
CA ASN F 218 -15.65 24.83 35.92
C ASN F 218 -14.18 25.18 36.06
N ARG F 219 -13.50 24.63 37.07
CA ARG F 219 -12.10 24.97 37.26
C ARG F 219 -11.23 24.30 36.22
N ALA F 220 -11.65 23.14 35.72
CA ALA F 220 -10.90 22.49 34.64
C ALA F 220 -11.29 23.02 33.27
N ARG F 221 -12.31 23.86 33.18
CA ARG F 221 -12.83 24.25 31.88
C ARG F 221 -11.77 24.93 31.01
N LEU F 222 -11.01 25.88 31.56
CA LEU F 222 -10.02 26.59 30.76
C LEU F 222 -8.97 25.63 30.21
N VAL F 223 -8.39 24.78 31.06
CA VAL F 223 -7.33 23.92 30.58
C VAL F 223 -7.85 22.97 29.50
N LEU F 224 -9.10 22.52 29.61
CA LEU F 224 -9.64 21.66 28.57
C LEU F 224 -9.96 22.43 27.30
N GLU F 225 -10.38 23.70 27.41
CA GLU F 225 -10.52 24.55 26.23
C GLU F 225 -9.18 24.74 25.54
N VAL F 226 -8.10 24.84 26.32
CA VAL F 226 -6.76 24.98 25.74
C VAL F 226 -6.37 23.71 25.01
N VAL F 227 -6.56 22.55 25.64
CA VAL F 227 -6.26 21.28 24.98
C VAL F 227 -7.02 21.15 23.67
N ASP F 228 -8.33 21.45 23.68
CA ASP F 228 -9.13 21.39 22.46
C ASP F 228 -8.56 22.30 21.38
N ALA F 229 -8.27 23.56 21.74
CA ALA F 229 -7.80 24.52 20.74
C ALA F 229 -6.44 24.13 20.16
N VAL F 230 -5.51 23.70 21.00
CA VAL F 230 -4.19 23.43 20.44
C VAL F 230 -4.19 22.12 19.67
N SER F 231 -5.12 21.21 20.00
CA SER F 231 -5.24 19.96 19.26
C SER F 231 -5.78 20.22 17.86
N GLN F 232 -6.71 21.15 17.73
CA GLN F 232 -7.23 21.52 16.43
C GLN F 232 -6.23 22.37 15.65
N GLU F 233 -5.44 23.19 16.34
CA GLU F 233 -4.39 23.94 15.66
C GLU F 233 -3.35 23.02 15.01
N TRP F 234 -2.91 21.98 15.74
CA TRP F 234 -1.91 21.05 15.22
C TRP F 234 -2.55 19.67 15.20
N SER F 235 -2.33 18.85 16.22
CA SER F 235 -2.96 17.54 16.32
C SER F 235 -2.94 17.13 17.78
N ALA F 236 -4.01 16.49 18.24
CA ALA F 236 -3.98 15.96 19.61
C ALA F 236 -2.75 15.09 19.85
N GLU F 237 -2.26 14.43 18.79
CA GLU F 237 -1.10 13.55 18.86
C GLU F 237 0.20 14.29 19.08
N ARG F 238 0.16 15.61 19.10
CA ARG F 238 1.34 16.41 19.37
C ARG F 238 1.29 17.10 20.73
N ILE F 239 0.27 16.86 21.54
CA ILE F 239 -0.01 17.65 22.74
C ILE F 239 0.24 16.80 23.97
N GLY F 240 1.22 17.19 24.76
CA GLY F 240 1.40 16.70 26.11
C GLY F 240 0.99 17.76 27.11
N ILE F 241 0.88 17.34 28.36
CA ILE F 241 0.49 18.25 29.43
C ILE F 241 1.21 17.83 30.70
N ARG F 242 1.69 18.82 31.45
CA ARG F 242 2.26 18.57 32.75
C ARG F 242 1.27 19.01 33.82
N VAL F 243 1.08 18.16 34.82
CA VAL F 243 0.18 18.40 35.92
C VAL F 243 0.93 18.12 37.22
N SER F 244 0.52 18.78 38.29
CA SER F 244 1.00 18.48 39.64
C SER F 244 -0.24 18.52 40.53
N PRO F 245 -1.11 17.53 40.37
CA PRO F 245 -2.48 17.63 40.89
C PRO F 245 -2.70 17.04 42.27
N ILE F 246 -1.66 16.45 42.87
CA ILE F 246 -1.68 16.04 44.27
C ILE F 246 -0.62 16.84 45.01
N GLY F 247 -1.03 17.50 46.07
CA GLY F 247 -0.07 18.18 46.92
C GLY F 247 -0.16 19.68 46.82
N SER F 248 0.96 20.34 47.13
CA SER F 248 1.03 21.80 47.16
C SER F 248 2.33 22.24 46.50
N PHE F 249 2.24 23.21 45.60
CA PHE F 249 3.38 23.65 44.79
C PHE F 249 3.39 25.16 44.71
N GLN F 250 4.47 25.77 45.16
CA GLN F 250 4.60 27.23 45.13
C GLN F 250 3.35 27.89 45.69
N ASN F 251 2.94 27.39 46.85
CA ASN F 251 1.85 27.96 47.64
C ASN F 251 0.49 27.79 46.99
N VAL F 252 0.40 27.00 45.93
CA VAL F 252 -0.88 26.61 45.35
C VAL F 252 -1.11 25.15 45.69
N ASP F 253 -2.24 24.87 46.33
CA ASP F 253 -2.59 23.51 46.65
C ASP F 253 -3.78 23.11 45.81
N ASN F 254 -4.02 21.80 45.78
CA ASN F 254 -5.04 21.24 44.91
C ASN F 254 -6.34 21.00 45.65
N GLY F 255 -6.42 21.38 46.91
CA GLY F 255 -7.68 21.44 47.60
C GLY F 255 -8.04 20.16 48.32
N PRO F 256 -9.22 20.15 48.95
CA PRO F 256 -9.52 19.06 49.90
C PRO F 256 -9.82 17.72 49.24
N ASN F 257 -10.42 17.71 48.04
CA ASN F 257 -10.56 16.46 47.31
C ASN F 257 -9.69 16.45 46.07
N GLU F 258 -8.39 16.63 46.26
CA GLU F 258 -7.46 16.65 45.13
C GLU F 258 -7.53 15.36 44.33
N GLU F 259 -7.73 14.21 44.99
CA GLU F 259 -7.62 12.95 44.26
C GLU F 259 -8.76 12.79 43.24
N GLU F 260 -10.02 12.85 43.71
CA GLU F 260 -11.14 12.78 42.77
C GLU F 260 -11.01 13.84 41.68
N ASP F 261 -10.57 15.04 42.05
CA ASP F 261 -10.48 16.12 41.09
C ASP F 261 -9.39 15.83 40.06
N ALA F 262 -8.28 15.24 40.51
CA ALA F 262 -7.23 14.87 39.58
C ALA F 262 -7.71 13.82 38.61
N LEU F 263 -8.46 12.83 39.11
CA LEU F 263 -8.91 11.75 38.24
C LEU F 263 -9.97 12.24 37.27
N TYR F 264 -10.84 13.15 37.70
CA TYR F 264 -11.73 13.82 36.75
C TYR F 264 -10.93 14.40 35.58
N LEU F 265 -9.97 15.28 35.89
CA LEU F 265 -9.18 15.93 34.84
C LEU F 265 -8.49 14.90 33.96
N ILE F 266 -7.88 13.90 34.58
CA ILE F 266 -7.13 12.92 33.82
C ILE F 266 -8.04 12.19 32.83
N SER F 267 -9.26 11.87 33.22
CA SER F 267 -10.12 11.15 32.29
C SER F 267 -10.62 12.07 31.19
N GLU F 268 -10.77 13.37 31.47
CA GLU F 268 -11.14 14.32 30.41
C GLU F 268 -10.01 14.46 29.41
N LEU F 269 -8.76 14.46 29.89
CA LEU F 269 -7.61 14.49 28.99
C LEU F 269 -7.55 13.23 28.15
N ALA F 270 -7.88 12.06 28.73
CA ALA F 270 -7.84 10.83 27.95
C ALA F 270 -8.86 10.89 26.81
N LYS F 271 -10.03 11.50 27.07
CA LYS F 271 -11.05 11.56 26.04
C LYS F 271 -10.58 12.37 24.86
N ARG F 272 -9.64 13.28 25.06
CA ARG F 272 -9.20 14.17 24.01
C ARG F 272 -8.02 13.62 23.25
N GLY F 273 -7.53 12.45 23.64
CA GLY F 273 -6.60 11.72 22.80
C GLY F 273 -5.21 12.28 22.74
N ILE F 274 -4.74 12.88 23.82
CA ILE F 274 -3.48 13.63 23.78
C ILE F 274 -2.31 12.67 23.82
N ALA F 275 -1.13 13.20 23.50
CA ALA F 275 0.06 12.38 23.35
C ALA F 275 0.61 11.90 24.69
N TYR F 276 0.54 12.71 25.74
CA TYR F 276 1.08 12.20 26.98
C TYR F 276 0.61 12.99 28.18
N LEU F 277 0.79 12.35 29.34
CA LEU F 277 0.47 12.90 30.65
C LEU F 277 1.73 12.84 31.48
N HIS F 278 2.23 14.00 31.85
CA HIS F 278 3.48 14.17 32.58
C HIS F 278 3.10 14.61 33.99
N MET F 279 3.33 13.77 34.98
CA MET F 279 2.92 14.03 36.37
C MET F 279 4.14 14.41 37.19
N SER F 280 4.13 15.63 37.74
CA SER F 280 5.17 16.10 38.63
C SER F 280 4.76 15.79 40.08
N GLU F 281 5.51 14.92 40.72
CA GLU F 281 5.17 14.41 42.03
C GLU F 281 5.74 15.30 43.13
N PRO F 282 5.12 15.30 44.32
CA PRO F 282 5.60 16.22 45.38
C PRO F 282 6.84 15.75 46.10
N ASP F 283 7.21 14.47 45.98
CA ASP F 283 8.37 13.89 46.65
C ASP F 283 9.62 14.79 46.63
N GLY F 287 6.70 16.33 50.06
CA GLY F 287 5.36 15.79 50.10
C GLY F 287 5.33 14.27 50.05
N LYS F 288 4.17 13.69 50.26
CA LYS F 288 4.04 12.23 50.29
C LYS F 288 4.04 11.67 48.87
N PRO F 289 4.88 10.68 48.57
CA PRO F 289 4.92 10.14 47.21
C PRO F 289 3.60 9.47 46.81
N TYR F 290 3.44 9.28 45.50
CA TYR F 290 2.25 8.65 44.96
C TYR F 290 2.16 7.20 45.42
N SER F 291 0.96 6.79 45.82
CA SER F 291 0.69 5.40 46.11
C SER F 291 0.49 4.62 44.82
N GLU F 292 0.89 3.34 44.82
CA GLU F 292 0.62 2.52 43.65
C GLU F 292 -0.86 2.41 43.38
N ALA F 293 -1.69 2.53 44.42
CA ALA F 293 -3.14 2.52 44.22
C ALA F 293 -3.56 3.71 43.37
N PHE F 294 -3.00 4.89 43.67
CA PHE F 294 -3.31 6.08 42.87
C PHE F 294 -2.80 5.92 41.45
N ARG F 295 -1.53 5.51 41.29
CA ARG F 295 -0.99 5.31 39.96
C ARG F 295 -1.90 4.43 39.12
N GLN F 296 -2.45 3.38 39.73
CA GLN F 296 -3.31 2.47 38.98
C GLN F 296 -4.62 3.14 38.60
N LYS F 297 -5.19 3.95 39.49
CA LYS F 297 -6.41 4.67 39.13
C LYS F 297 -6.15 5.63 37.97
N VAL F 298 -4.97 6.24 37.96
CA VAL F 298 -4.59 7.11 36.85
C VAL F 298 -4.43 6.28 35.59
N ARG F 299 -3.70 5.17 35.68
CA ARG F 299 -3.51 4.32 34.51
C ARG F 299 -4.84 3.76 34.01
N ASP F 300 -5.73 3.35 34.94
CA ASP F 300 -7.04 2.87 34.50
C ASP F 300 -7.76 3.92 33.66
N ARG F 301 -7.53 5.21 33.97
CA ARG F 301 -8.21 6.28 33.26
C ARG F 301 -7.45 6.79 32.05
N PHE F 302 -6.12 6.64 32.02
CA PHE F 302 -5.28 7.22 30.98
C PHE F 302 -4.43 6.11 30.37
N PRO F 303 -4.89 5.52 29.26
CA PRO F 303 -4.09 4.45 28.64
C PRO F 303 -2.90 4.94 27.84
N GLY F 304 -2.83 6.22 27.51
CA GLY F 304 -1.72 6.76 26.78
C GLY F 304 -0.45 6.88 27.61
N VAL F 305 0.57 7.50 26.99
CA VAL F 305 1.88 7.60 27.63
C VAL F 305 1.78 8.42 28.90
N ILE F 306 2.36 7.89 29.99
CA ILE F 306 2.46 8.59 31.26
C ILE F 306 3.95 8.78 31.55
N ILE F 307 4.34 10.01 31.83
CA ILE F 307 5.71 10.35 32.18
C ILE F 307 5.75 10.63 33.69
N GLY F 308 6.66 9.96 34.39
CA GLY F 308 6.84 10.18 35.80
C GLY F 308 8.02 11.10 36.05
N ALA F 309 7.92 11.92 37.09
CA ALA F 309 8.97 12.89 37.38
C ALA F 309 9.01 13.20 38.87
N GLY F 310 10.22 13.26 39.42
CA GLY F 310 10.42 13.73 40.77
C GLY F 310 11.14 12.77 41.69
N ALA F 311 12.43 12.99 41.92
CA ALA F 311 13.21 12.18 42.84
C ALA F 311 13.19 10.72 42.40
N TYR F 312 13.43 10.51 41.11
CA TYR F 312 13.43 9.17 40.54
C TYR F 312 14.84 8.60 40.56
N THR F 313 14.92 7.32 40.90
CA THR F 313 16.10 6.52 40.69
C THR F 313 15.86 5.61 39.49
N VAL F 314 16.94 5.00 38.98
CA VAL F 314 16.78 4.03 37.92
C VAL F 314 15.96 2.84 38.42
N GLU F 315 16.07 2.53 39.71
CA GLU F 315 15.29 1.41 40.25
C GLU F 315 13.81 1.75 40.26
N LYS F 316 13.44 2.93 40.74
CA LYS F 316 12.04 3.33 40.78
C LYS F 316 11.47 3.36 39.37
N ALA F 317 12.22 3.95 38.43
CA ALA F 317 11.81 4.00 37.03
C ALA F 317 11.53 2.61 36.48
N ASN F 318 12.54 1.74 36.52
CA ASN F 318 12.37 0.39 36.01
C ASN F 318 11.19 -0.31 36.65
N ASP F 319 10.98 -0.09 37.95
CA ASP F 319 9.91 -0.78 38.66
C ASP F 319 8.54 -0.28 38.20
N LEU F 320 8.40 1.03 38.04
CA LEU F 320 7.10 1.55 37.65
C LEU F 320 6.82 1.30 36.18
N ILE F 321 7.86 1.22 35.35
CA ILE F 321 7.65 0.93 33.94
C ILE F 321 7.24 -0.53 33.77
N ASN F 322 8.00 -1.44 34.39
CA ASN F 322 7.66 -2.86 34.32
C ASN F 322 6.27 -3.14 34.87
N LYS F 323 5.80 -2.35 35.83
CA LYS F 323 4.44 -2.48 36.31
C LYS F 323 3.40 -1.90 35.35
N GLY F 324 3.83 -1.22 34.29
CA GLY F 324 2.87 -0.59 33.40
C GLY F 324 2.23 0.66 33.93
N LEU F 325 2.70 1.15 35.08
CA LEU F 325 2.08 2.32 35.69
C LEU F 325 2.55 3.63 35.06
N ILE F 326 3.80 3.69 34.59
CA ILE F 326 4.28 4.79 33.78
C ILE F 326 5.04 4.20 32.59
N ASP F 327 5.26 5.06 31.58
CA ASP F 327 5.96 4.66 30.39
C ASP F 327 7.33 5.29 30.24
N ALA F 328 7.59 6.42 30.88
CA ALA F 328 8.88 7.06 30.77
C ALA F 328 9.12 7.91 32.00
N VAL F 329 10.37 8.34 32.17
CA VAL F 329 10.77 9.16 33.30
C VAL F 329 11.51 10.39 32.80
N ALA F 330 11.16 11.54 33.36
CA ALA F 330 11.84 12.80 33.09
C ALA F 330 12.75 13.13 34.28
N PHE F 331 14.05 13.29 34.01
CA PHE F 331 15.03 13.65 35.03
C PHE F 331 15.36 15.13 34.90
N GLY F 332 15.33 15.82 36.05
CA GLY F 332 15.61 17.25 36.08
C GLY F 332 17.05 17.56 36.44
N ARG F 333 17.35 17.59 37.74
CA ARG F 333 18.64 18.10 38.17
C ARG F 333 19.77 17.19 37.74
N ASP F 334 19.51 15.88 37.60
CA ASP F 334 20.54 15.01 37.06
C ASP F 334 20.86 15.34 35.61
N TYR F 335 19.91 15.92 34.86
CA TYR F 335 20.23 16.30 33.49
C TYR F 335 20.99 17.60 33.41
N ILE F 336 20.75 18.52 34.35
CA ILE F 336 21.59 19.71 34.44
C ILE F 336 23.05 19.31 34.52
N ALA F 337 23.36 18.30 35.33
CA ALA F 337 24.75 17.94 35.59
C ALA F 337 25.35 16.93 34.63
N ASN F 338 24.55 16.16 33.88
CA ASN F 338 25.05 15.08 33.03
C ASN F 338 24.46 15.15 31.63
N PRO F 339 25.15 15.77 30.68
CA PRO F 339 24.58 15.83 29.33
C PRO F 339 24.37 14.45 28.76
N ASP F 340 25.21 13.49 29.13
CA ASP F 340 25.15 12.11 28.67
C ASP F 340 24.56 11.21 29.75
N LEU F 341 23.50 11.70 30.39
CA LEU F 341 22.81 10.92 31.41
C LEU F 341 22.44 9.53 30.90
N VAL F 342 22.04 9.42 29.63
CA VAL F 342 21.56 8.13 29.12
C VAL F 342 22.68 7.10 29.18
N ALA F 343 23.84 7.42 28.60
CA ALA F 343 24.98 6.53 28.68
C ALA F 343 25.36 6.22 30.13
N ARG F 344 25.37 7.23 31.00
CA ARG F 344 25.80 7.01 32.37
C ARG F 344 24.87 6.05 33.10
N LEU F 345 23.55 6.27 32.97
CA LEU F 345 22.59 5.35 33.58
C LEU F 345 22.73 3.95 33.00
N GLN F 346 22.83 3.86 31.68
CA GLN F 346 22.90 2.55 31.03
C GLN F 346 24.14 1.77 31.48
N LYS F 347 25.21 2.48 31.81
CA LYS F 347 26.46 1.87 32.25
C LYS F 347 26.57 1.76 33.76
N LYS F 348 25.54 2.15 34.49
CA LYS F 348 25.60 2.17 35.96
C LYS F 348 26.82 2.97 36.43
N ALA F 349 27.19 3.98 35.67
CA ALA F 349 28.39 4.75 35.95
C ALA F 349 28.07 5.93 36.85
N PRO F 350 29.09 6.54 37.46
CA PRO F 350 28.83 7.63 38.40
C PRO F 350 28.44 8.91 37.67
N LEU F 351 27.72 9.76 38.40
CA LEU F 351 27.22 11.02 37.86
C LEU F 351 28.16 12.17 38.19
N ASN F 352 27.93 13.26 37.51
CA ASN F 352 28.63 14.47 37.86
C ASN F 352 27.96 15.12 39.07
N PRO F 353 28.72 15.85 39.89
CA PRO F 353 28.12 16.61 40.98
C PRO F 353 27.43 17.86 40.45
N GLN F 354 26.30 18.19 41.07
CA GLN F 354 25.51 19.35 40.67
C GLN F 354 26.04 20.63 41.33
N ARG F 355 26.07 21.72 40.57
CA ARG F 355 26.47 23.03 41.09
C ARG F 355 25.27 23.96 41.23
N PRO F 356 24.48 23.83 42.30
CA PRO F 356 23.21 24.58 42.36
C PRO F 356 23.35 26.07 42.21
N GLU F 357 24.52 26.65 42.48
CA GLU F 357 24.64 28.10 42.49
C GLU F 357 24.65 28.71 41.09
N SER F 358 24.72 27.88 40.04
CA SER F 358 24.62 28.36 38.66
C SER F 358 23.43 27.73 37.94
N PHE F 359 22.41 27.28 38.66
CA PHE F 359 21.19 26.81 38.00
C PHE F 359 20.46 27.94 37.29
N TYR F 360 20.52 29.14 37.84
CA TYR F 360 19.69 30.26 37.40
C TYR F 360 20.56 31.42 36.96
N GLY F 361 20.31 31.92 35.77
CA GLY F 361 21.04 33.05 35.24
C GLY F 361 22.48 32.68 34.95
N GLY F 362 23.22 33.68 34.49
CA GLY F 362 24.64 33.49 34.25
C GLY F 362 24.91 33.14 32.80
N GLY F 363 25.98 32.37 32.58
CA GLY F 363 26.37 31.97 31.24
C GLY F 363 26.80 30.52 31.19
N ALA F 364 27.85 30.27 30.42
CA ALA F 364 28.22 28.89 30.11
C ALA F 364 28.54 28.09 31.35
N GLU F 365 29.15 28.72 32.36
CA GLU F 365 29.59 28.00 33.54
C GLU F 365 28.38 27.47 34.31
N GLY F 366 28.43 26.20 34.67
CA GLY F 366 27.25 25.59 35.26
C GLY F 366 26.14 25.33 34.28
N TYR F 367 26.45 25.36 32.98
CA TYR F 367 25.46 25.21 31.92
C TYR F 367 25.97 24.26 30.84
N THR F 368 27.00 24.68 30.10
CA THR F 368 27.57 23.87 29.03
C THR F 368 28.91 23.25 29.40
N ASP F 369 29.36 23.37 30.66
CA ASP F 369 30.68 22.92 31.06
C ASP F 369 30.68 21.65 31.91
N TYR F 370 29.54 20.94 32.03
CA TYR F 370 29.59 19.63 32.67
C TYR F 370 30.11 18.59 31.69
N PRO F 371 31.06 17.75 32.10
CA PRO F 371 31.70 16.85 31.12
C PRO F 371 30.90 15.59 30.85
N THR F 372 31.16 15.03 29.67
CA THR F 372 30.72 13.69 29.35
C THR F 372 31.70 12.68 29.96
N LEU F 373 31.25 11.44 30.10
CA LEU F 373 32.17 10.32 30.32
C LEU F 373 33.30 10.34 29.29
#